data_1SRN
# 
_entry.id   1SRN 
# 
_audit_conform.dict_name       mmcif_pdbx.dic 
_audit_conform.dict_version    5.397 
_audit_conform.dict_location   http://mmcif.pdb.org/dictionaries/ascii/mmcif_pdbx.dic 
# 
loop_
_database_2.database_id 
_database_2.database_code 
_database_2.pdbx_database_accession 
_database_2.pdbx_DOI 
PDB   1SRN         pdb_00001srn 10.2210/pdb1srn/pdb 
WWPDB D_1000176484 ?            ?                   
# 
loop_
_pdbx_audit_revision_history.ordinal 
_pdbx_audit_revision_history.data_content_type 
_pdbx_audit_revision_history.major_revision 
_pdbx_audit_revision_history.minor_revision 
_pdbx_audit_revision_history.revision_date 
1 'Structure model' 1 0 1990-10-15 
2 'Structure model' 1 1 2008-03-24 
3 'Structure model' 1 2 2011-07-13 
4 'Structure model' 1 3 2024-06-05 
5 'Structure model' 1 4 2024-10-09 
# 
_pdbx_audit_revision_details.ordinal             1 
_pdbx_audit_revision_details.revision_ordinal    1 
_pdbx_audit_revision_details.data_content_type   'Structure model' 
_pdbx_audit_revision_details.provider            repository 
_pdbx_audit_revision_details.type                'Initial release' 
_pdbx_audit_revision_details.description         ? 
_pdbx_audit_revision_details.details             ? 
# 
loop_
_pdbx_audit_revision_group.ordinal 
_pdbx_audit_revision_group.revision_ordinal 
_pdbx_audit_revision_group.data_content_type 
_pdbx_audit_revision_group.group 
1 2 'Structure model' 'Version format compliance' 
2 3 'Structure model' 'Version format compliance' 
3 4 'Structure model' 'Data collection'           
4 4 'Structure model' 'Database references'       
5 4 'Structure model' 'Derived calculations'      
6 4 'Structure model' Other                       
7 5 'Structure model' 'Structure summary'         
# 
loop_
_pdbx_audit_revision_category.ordinal 
_pdbx_audit_revision_category.revision_ordinal 
_pdbx_audit_revision_category.data_content_type 
_pdbx_audit_revision_category.category 
1 4 'Structure model' chem_comp_atom            
2 4 'Structure model' chem_comp_bond            
3 4 'Structure model' database_2                
4 4 'Structure model' pdbx_database_status      
5 4 'Structure model' struct_site               
6 5 'Structure model' pdbx_entry_details        
7 5 'Structure model' pdbx_modification_feature 
# 
loop_
_pdbx_audit_revision_item.ordinal 
_pdbx_audit_revision_item.revision_ordinal 
_pdbx_audit_revision_item.data_content_type 
_pdbx_audit_revision_item.item 
1 4 'Structure model' '_database_2.pdbx_DOI'                         
2 4 'Structure model' '_database_2.pdbx_database_accession'          
3 4 'Structure model' '_pdbx_database_status.process_site'           
4 4 'Structure model' '_struct_site.pdbx_auth_asym_id'               
5 4 'Structure model' '_struct_site.pdbx_auth_comp_id'               
6 4 'Structure model' '_struct_site.pdbx_auth_seq_id'                
7 5 'Structure model' '_pdbx_entry_details.has_protein_modification' 
# 
_pdbx_database_status.status_code                     REL 
_pdbx_database_status.entry_id                        1SRN 
_pdbx_database_status.recvd_initial_deposition_date   1990-10-05 
_pdbx_database_status.deposit_site                    ? 
_pdbx_database_status.process_site                    BNL 
_pdbx_database_status.SG_entry                        . 
_pdbx_database_status.pdb_format_compatible           Y 
_pdbx_database_status.status_code_mr                  ? 
_pdbx_database_status.status_code_sf                  ? 
_pdbx_database_status.status_code_cs                  ? 
_pdbx_database_status.status_code_nmr_data            ? 
_pdbx_database_status.methods_development_category    ? 
# 
loop_
_audit_author.name 
_audit_author.pdbx_ordinal 
'Martin, P.D.'    1 
'Doscher, M.S.'   2 
'Edwards, B.F.P.' 3 
# 
_citation.id                        primary 
_citation.title                     
'The refined crystal structure of a fully active semisynthetic ribonuclease at 1.8-A resolution.' 
_citation.journal_abbrev            J.Biol.Chem. 
_citation.journal_volume            262 
_citation.page_first                15930 
_citation.page_last                 15938 
_citation.year                      1987 
_citation.journal_id_ASTM           JBCHA3 
_citation.country                   US 
_citation.journal_id_ISSN           0021-9258 
_citation.journal_id_CSD            0071 
_citation.book_publisher            ? 
_citation.pdbx_database_id_PubMed   3680234 
_citation.pdbx_database_id_DOI      ? 
# 
loop_
_citation_author.citation_id 
_citation_author.name 
_citation_author.ordinal 
_citation_author.identifier_ORCID 
primary 'Martin, P.D.'  1 ? 
primary 'Doscher, M.S.' 2 ? 
primary 'Edwards, B.F.' 3 ? 
# 
loop_
_entity.id 
_entity.type 
_entity.src_method 
_entity.pdbx_description 
_entity.formula_weight 
_entity.pdbx_number_of_molecules 
_entity.pdbx_ec 
_entity.pdbx_mutation 
_entity.pdbx_fragment 
_entity.details 
1 polymer     man 'RIBONUCLEASE A' 13050.631 1   3.1.27.5 ? ? ? 
2 polymer     man 'RIBONUCLEASE A' 1531.643  1   ?        ? ? ? 
3 non-polymer syn 'SULFATE ION'    96.063    1   ?        ? ? ? 
4 water       nat water            18.015    115 ?        ? ? ? 
# 
loop_
_entity_poly.entity_id 
_entity_poly.type 
_entity_poly.nstd_linkage 
_entity_poly.nstd_monomer 
_entity_poly.pdbx_seq_one_letter_code 
_entity_poly.pdbx_seq_one_letter_code_can 
_entity_poly.pdbx_strand_id 
_entity_poly.pdbx_target_identifier 
1 'polypeptide(L)' no no 
;KETAAAKFERQHMDSSTSAASSSNYCNQMMKSRNLTKDRCKPVNTFVHESLADVQAVCSQKNVACKNGQTNCYQSYSTMS
ITDCRETGSSKYPNCAYKTTQANKHIIVACEGNPYVPV
;
;KETAAAKFERQHMDSSTSAASSSNYCNQMMKSRNLTKDRCKPVNTFVHESLADVQAVCSQKNVACKNGQTNCYQSYSTMS
ITDCRETGSSKYPNCAYKTTQANKHIIVACEGNPYVPV
;
A ? 
2 'polypeptide(L)' no no EGNPYVPVHFDASV EGNPYVPVHFDASV B ? 
# 
loop_
_pdbx_entity_nonpoly.entity_id 
_pdbx_entity_nonpoly.name 
_pdbx_entity_nonpoly.comp_id 
3 'SULFATE ION' SO4 
4 water         HOH 
# 
loop_
_entity_poly_seq.entity_id 
_entity_poly_seq.num 
_entity_poly_seq.mon_id 
_entity_poly_seq.hetero 
1 1   LYS n 
1 2   GLU n 
1 3   THR n 
1 4   ALA n 
1 5   ALA n 
1 6   ALA n 
1 7   LYS n 
1 8   PHE n 
1 9   GLU n 
1 10  ARG n 
1 11  GLN n 
1 12  HIS n 
1 13  MET n 
1 14  ASP n 
1 15  SER n 
1 16  SER n 
1 17  THR n 
1 18  SER n 
1 19  ALA n 
1 20  ALA n 
1 21  SER n 
1 22  SER n 
1 23  SER n 
1 24  ASN n 
1 25  TYR n 
1 26  CYS n 
1 27  ASN n 
1 28  GLN n 
1 29  MET n 
1 30  MET n 
1 31  LYS n 
1 32  SER n 
1 33  ARG n 
1 34  ASN n 
1 35  LEU n 
1 36  THR n 
1 37  LYS n 
1 38  ASP n 
1 39  ARG n 
1 40  CYS n 
1 41  LYS n 
1 42  PRO n 
1 43  VAL n 
1 44  ASN n 
1 45  THR n 
1 46  PHE n 
1 47  VAL n 
1 48  HIS n 
1 49  GLU n 
1 50  SER n 
1 51  LEU n 
1 52  ALA n 
1 53  ASP n 
1 54  VAL n 
1 55  GLN n 
1 56  ALA n 
1 57  VAL n 
1 58  CYS n 
1 59  SER n 
1 60  GLN n 
1 61  LYS n 
1 62  ASN n 
1 63  VAL n 
1 64  ALA n 
1 65  CYS n 
1 66  LYS n 
1 67  ASN n 
1 68  GLY n 
1 69  GLN n 
1 70  THR n 
1 71  ASN n 
1 72  CYS n 
1 73  TYR n 
1 74  GLN n 
1 75  SER n 
1 76  TYR n 
1 77  SER n 
1 78  THR n 
1 79  MET n 
1 80  SER n 
1 81  ILE n 
1 82  THR n 
1 83  ASP n 
1 84  CYS n 
1 85  ARG n 
1 86  GLU n 
1 87  THR n 
1 88  GLY n 
1 89  SER n 
1 90  SER n 
1 91  LYS n 
1 92  TYR n 
1 93  PRO n 
1 94  ASN n 
1 95  CYS n 
1 96  ALA n 
1 97  TYR n 
1 98  LYS n 
1 99  THR n 
1 100 THR n 
1 101 GLN n 
1 102 ALA n 
1 103 ASN n 
1 104 LYS n 
1 105 HIS n 
1 106 ILE n 
1 107 ILE n 
1 108 VAL n 
1 109 ALA n 
1 110 CYS n 
1 111 GLU n 
1 112 GLY n 
1 113 ASN n 
1 114 PRO n 
1 115 TYR n 
1 116 VAL n 
1 117 PRO n 
1 118 VAL n 
2 1   GLU n 
2 2   GLY n 
2 3   ASN n 
2 4   PRO n 
2 5   TYR n 
2 6   VAL n 
2 7   PRO n 
2 8   VAL n 
2 9   HIS n 
2 10  PHE n 
2 11  ASP n 
2 12  ALA n 
2 13  SER n 
2 14  VAL n 
# 
loop_
_entity_src_gen.entity_id 
_entity_src_gen.pdbx_src_id 
_entity_src_gen.pdbx_alt_source_flag 
_entity_src_gen.pdbx_seq_type 
_entity_src_gen.pdbx_beg_seq_num 
_entity_src_gen.pdbx_end_seq_num 
_entity_src_gen.gene_src_common_name 
_entity_src_gen.gene_src_genus 
_entity_src_gen.pdbx_gene_src_gene 
_entity_src_gen.gene_src_species 
_entity_src_gen.gene_src_strain 
_entity_src_gen.gene_src_tissue 
_entity_src_gen.gene_src_tissue_fraction 
_entity_src_gen.gene_src_details 
_entity_src_gen.pdbx_gene_src_fragment 
_entity_src_gen.pdbx_gene_src_scientific_name 
_entity_src_gen.pdbx_gene_src_ncbi_taxonomy_id 
_entity_src_gen.pdbx_gene_src_variant 
_entity_src_gen.pdbx_gene_src_cell_line 
_entity_src_gen.pdbx_gene_src_atcc 
_entity_src_gen.pdbx_gene_src_organ 
_entity_src_gen.pdbx_gene_src_organelle 
_entity_src_gen.pdbx_gene_src_cell 
_entity_src_gen.pdbx_gene_src_cellular_location 
_entity_src_gen.host_org_common_name 
_entity_src_gen.pdbx_host_org_scientific_name 
_entity_src_gen.pdbx_host_org_ncbi_taxonomy_id 
_entity_src_gen.host_org_genus 
_entity_src_gen.pdbx_host_org_gene 
_entity_src_gen.pdbx_host_org_organ 
_entity_src_gen.host_org_species 
_entity_src_gen.pdbx_host_org_tissue 
_entity_src_gen.pdbx_host_org_tissue_fraction 
_entity_src_gen.pdbx_host_org_strain 
_entity_src_gen.pdbx_host_org_variant 
_entity_src_gen.pdbx_host_org_cell_line 
_entity_src_gen.pdbx_host_org_atcc 
_entity_src_gen.pdbx_host_org_culture_collection 
_entity_src_gen.pdbx_host_org_cell 
_entity_src_gen.pdbx_host_org_organelle 
_entity_src_gen.pdbx_host_org_cellular_location 
_entity_src_gen.pdbx_host_org_vector_type 
_entity_src_gen.pdbx_host_org_vector 
_entity_src_gen.host_org_details 
_entity_src_gen.expression_system_id 
_entity_src_gen.plasmid_name 
_entity_src_gen.plasmid_details 
_entity_src_gen.pdbx_description 
1 1 sample ? ? ? cattle Bos ? ? ? ? ? ? ? 'Bos taurus' 9913 ? ? ? ? ? ? ? ? ? ? ? ? ? ? ? ? ? ? ? ? ? ? ? ? ? ? ? ? ? ? ? 
2 1 sample ? ? ? cattle Bos ? ? ? ? ? ? ? 'Bos taurus' 9913 ? ? ? ? ? ? ? ? ? ? ? ? ? ? ? ? ? ? ? ? ? ? ? ? ? ? ? ? ? ? ? 
# 
loop_
_chem_comp.id 
_chem_comp.type 
_chem_comp.mon_nstd_flag 
_chem_comp.name 
_chem_comp.pdbx_synonyms 
_chem_comp.formula 
_chem_comp.formula_weight 
ALA 'L-peptide linking' y ALANINE         ? 'C3 H7 N O2'     89.093  
ARG 'L-peptide linking' y ARGININE        ? 'C6 H15 N4 O2 1' 175.209 
ASN 'L-peptide linking' y ASPARAGINE      ? 'C4 H8 N2 O3'    132.118 
ASP 'L-peptide linking' y 'ASPARTIC ACID' ? 'C4 H7 N O4'     133.103 
CYS 'L-peptide linking' y CYSTEINE        ? 'C3 H7 N O2 S'   121.158 
GLN 'L-peptide linking' y GLUTAMINE       ? 'C5 H10 N2 O3'   146.144 
GLU 'L-peptide linking' y 'GLUTAMIC ACID' ? 'C5 H9 N O4'     147.129 
GLY 'peptide linking'   y GLYCINE         ? 'C2 H5 N O2'     75.067  
HIS 'L-peptide linking' y HISTIDINE       ? 'C6 H10 N3 O2 1' 156.162 
HOH non-polymer         . WATER           ? 'H2 O'           18.015  
ILE 'L-peptide linking' y ISOLEUCINE      ? 'C6 H13 N O2'    131.173 
LEU 'L-peptide linking' y LEUCINE         ? 'C6 H13 N O2'    131.173 
LYS 'L-peptide linking' y LYSINE          ? 'C6 H15 N2 O2 1' 147.195 
MET 'L-peptide linking' y METHIONINE      ? 'C5 H11 N O2 S'  149.211 
PHE 'L-peptide linking' y PHENYLALANINE   ? 'C9 H11 N O2'    165.189 
PRO 'L-peptide linking' y PROLINE         ? 'C5 H9 N O2'     115.130 
SER 'L-peptide linking' y SERINE          ? 'C3 H7 N O3'     105.093 
SO4 non-polymer         . 'SULFATE ION'   ? 'O4 S -2'        96.063  
THR 'L-peptide linking' y THREONINE       ? 'C4 H9 N O3'     119.119 
TYR 'L-peptide linking' y TYROSINE        ? 'C9 H11 N O3'    181.189 
VAL 'L-peptide linking' y VALINE          ? 'C5 H11 N O2'    117.146 
# 
loop_
_pdbx_poly_seq_scheme.asym_id 
_pdbx_poly_seq_scheme.entity_id 
_pdbx_poly_seq_scheme.seq_id 
_pdbx_poly_seq_scheme.mon_id 
_pdbx_poly_seq_scheme.ndb_seq_num 
_pdbx_poly_seq_scheme.pdb_seq_num 
_pdbx_poly_seq_scheme.auth_seq_num 
_pdbx_poly_seq_scheme.pdb_mon_id 
_pdbx_poly_seq_scheme.auth_mon_id 
_pdbx_poly_seq_scheme.pdb_strand_id 
_pdbx_poly_seq_scheme.pdb_ins_code 
_pdbx_poly_seq_scheme.hetero 
A 1 1   LYS 1   1   1   LYS LYS A . n 
A 1 2   GLU 2   2   2   GLU GLU A . n 
A 1 3   THR 3   3   3   THR THR A . n 
A 1 4   ALA 4   4   4   ALA ALA A . n 
A 1 5   ALA 5   5   5   ALA ALA A . n 
A 1 6   ALA 6   6   6   ALA ALA A . n 
A 1 7   LYS 7   7   7   LYS LYS A . n 
A 1 8   PHE 8   8   8   PHE PHE A . n 
A 1 9   GLU 9   9   9   GLU GLU A . n 
A 1 10  ARG 10  10  10  ARG ARG A . n 
A 1 11  GLN 11  11  11  GLN GLN A . n 
A 1 12  HIS 12  12  12  HIS HIS A . n 
A 1 13  MET 13  13  13  MET MET A . n 
A 1 14  ASP 14  14  14  ASP ASP A . n 
A 1 15  SER 15  15  15  SER SER A . n 
A 1 16  SER 16  16  16  SER SER A . n 
A 1 17  THR 17  17  17  THR THR A . n 
A 1 18  SER 18  18  18  SER SER A . n 
A 1 19  ALA 19  19  19  ALA ALA A . n 
A 1 20  ALA 20  20  20  ALA ALA A . n 
A 1 21  SER 21  21  21  SER SER A . n 
A 1 22  SER 22  22  22  SER SER A . n 
A 1 23  SER 23  23  23  SER SER A . n 
A 1 24  ASN 24  24  24  ASN ASN A . n 
A 1 25  TYR 25  25  25  TYR TYR A . n 
A 1 26  CYS 26  26  26  CYS CYS A . n 
A 1 27  ASN 27  27  27  ASN ASN A . n 
A 1 28  GLN 28  28  28  GLN GLN A . n 
A 1 29  MET 29  29  29  MET MET A . n 
A 1 30  MET 30  30  30  MET MET A . n 
A 1 31  LYS 31  31  31  LYS LYS A . n 
A 1 32  SER 32  32  32  SER SER A . n 
A 1 33  ARG 33  33  33  ARG ARG A . n 
A 1 34  ASN 34  34  34  ASN ASN A . n 
A 1 35  LEU 35  35  35  LEU LEU A . n 
A 1 36  THR 36  36  36  THR THR A . n 
A 1 37  LYS 37  37  37  LYS LYS A . n 
A 1 38  ASP 38  38  38  ASP ASP A . n 
A 1 39  ARG 39  39  39  ARG ARG A . n 
A 1 40  CYS 40  40  40  CYS CYS A . n 
A 1 41  LYS 41  41  41  LYS LYS A . n 
A 1 42  PRO 42  42  42  PRO PRO A . n 
A 1 43  VAL 43  43  43  VAL VAL A . n 
A 1 44  ASN 44  44  44  ASN ASN A . n 
A 1 45  THR 45  45  45  THR THR A . n 
A 1 46  PHE 46  46  46  PHE PHE A . n 
A 1 47  VAL 47  47  47  VAL VAL A . n 
A 1 48  HIS 48  48  48  HIS HIS A . n 
A 1 49  GLU 49  49  49  GLU GLU A . n 
A 1 50  SER 50  50  50  SER SER A . n 
A 1 51  LEU 51  51  51  LEU LEU A . n 
A 1 52  ALA 52  52  52  ALA ALA A . n 
A 1 53  ASP 53  53  53  ASP ASP A . n 
A 1 54  VAL 54  54  54  VAL VAL A . n 
A 1 55  GLN 55  55  55  GLN GLN A . n 
A 1 56  ALA 56  56  56  ALA ALA A . n 
A 1 57  VAL 57  57  57  VAL VAL A . n 
A 1 58  CYS 58  58  58  CYS CYS A . n 
A 1 59  SER 59  59  59  SER SER A . n 
A 1 60  GLN 60  60  60  GLN GLN A . n 
A 1 61  LYS 61  61  61  LYS LYS A . n 
A 1 62  ASN 62  62  62  ASN ASN A . n 
A 1 63  VAL 63  63  63  VAL VAL A . n 
A 1 64  ALA 64  64  64  ALA ALA A . n 
A 1 65  CYS 65  65  65  CYS CYS A . n 
A 1 66  LYS 66  66  66  LYS LYS A . n 
A 1 67  ASN 67  67  67  ASN ASN A . n 
A 1 68  GLY 68  68  68  GLY GLY A . n 
A 1 69  GLN 69  69  69  GLN GLN A . n 
A 1 70  THR 70  70  70  THR THR A . n 
A 1 71  ASN 71  71  71  ASN ASN A . n 
A 1 72  CYS 72  72  72  CYS CYS A . n 
A 1 73  TYR 73  73  73  TYR TYR A . n 
A 1 74  GLN 74  74  74  GLN GLN A . n 
A 1 75  SER 75  75  75  SER SER A . n 
A 1 76  TYR 76  76  76  TYR TYR A . n 
A 1 77  SER 77  77  77  SER SER A . n 
A 1 78  THR 78  78  78  THR THR A . n 
A 1 79  MET 79  79  79  MET MET A . n 
A 1 80  SER 80  80  80  SER SER A . n 
A 1 81  ILE 81  81  81  ILE ILE A . n 
A 1 82  THR 82  82  82  THR THR A . n 
A 1 83  ASP 83  83  83  ASP ASP A . n 
A 1 84  CYS 84  84  84  CYS CYS A . n 
A 1 85  ARG 85  85  85  ARG ARG A . n 
A 1 86  GLU 86  86  86  GLU GLU A . n 
A 1 87  THR 87  87  87  THR THR A . n 
A 1 88  GLY 88  88  88  GLY GLY A . n 
A 1 89  SER 89  89  89  SER SER A . n 
A 1 90  SER 90  90  90  SER SER A . n 
A 1 91  LYS 91  91  91  LYS LYS A . n 
A 1 92  TYR 92  92  92  TYR TYR A . n 
A 1 93  PRO 93  93  93  PRO PRO A . n 
A 1 94  ASN 94  94  94  ASN ASN A . n 
A 1 95  CYS 95  95  95  CYS CYS A . n 
A 1 96  ALA 96  96  96  ALA ALA A . n 
A 1 97  TYR 97  97  97  TYR TYR A . n 
A 1 98  LYS 98  98  98  LYS LYS A . n 
A 1 99  THR 99  99  99  THR THR A . n 
A 1 100 THR 100 100 100 THR THR A . n 
A 1 101 GLN 101 101 101 GLN GLN A . n 
A 1 102 ALA 102 102 102 ALA ALA A . n 
A 1 103 ASN 103 103 103 ASN ASN A . n 
A 1 104 LYS 104 104 104 LYS LYS A . n 
A 1 105 HIS 105 105 105 HIS HIS A . n 
A 1 106 ILE 106 106 106 ILE ILE A . n 
A 1 107 ILE 107 107 107 ILE ILE A . n 
A 1 108 VAL 108 108 108 VAL VAL A . n 
A 1 109 ALA 109 109 109 ALA ALA A . n 
A 1 110 CYS 110 110 110 CYS CYS A . n 
A 1 111 GLU 111 111 111 GLU GLU A . n 
A 1 112 GLY 112 112 112 GLY GLY A . n 
A 1 113 ASN 113 113 113 ASN ASN A . n 
A 1 114 PRO 114 114 ?   ?   ?   A . n 
A 1 115 TYR 115 115 ?   ?   ?   A . n 
A 1 116 VAL 116 116 ?   ?   ?   A . n 
A 1 117 PRO 117 117 ?   ?   ?   A . n 
A 1 118 VAL 118 118 ?   ?   ?   A . n 
B 2 1   GLU 1   111 ?   ?   ?   B . n 
B 2 2   GLY 2   112 ?   ?   ?   B . n 
B 2 3   ASN 3   113 ?   ?   ?   B . n 
B 2 4   PRO 4   114 114 PRO PRO B . n 
B 2 5   TYR 5   115 115 TYR TYR B . n 
B 2 6   VAL 6   116 116 VAL VAL B . n 
B 2 7   PRO 7   117 117 PRO PRO B . n 
B 2 8   VAL 8   118 118 VAL VAL B . n 
B 2 9   HIS 9   119 119 HIS HIS B . n 
B 2 10  PHE 10  120 120 PHE PHE B . n 
B 2 11  ASP 11  121 121 ASP ASP B . n 
B 2 12  ALA 12  122 122 ALA ALA B . n 
B 2 13  SER 13  123 123 SER SER B . n 
B 2 14  VAL 14  124 124 VAL VAL B . n 
# 
loop_
_pdbx_nonpoly_scheme.asym_id 
_pdbx_nonpoly_scheme.entity_id 
_pdbx_nonpoly_scheme.mon_id 
_pdbx_nonpoly_scheme.ndb_seq_num 
_pdbx_nonpoly_scheme.pdb_seq_num 
_pdbx_nonpoly_scheme.auth_seq_num 
_pdbx_nonpoly_scheme.pdb_mon_id 
_pdbx_nonpoly_scheme.auth_mon_id 
_pdbx_nonpoly_scheme.pdb_strand_id 
_pdbx_nonpoly_scheme.pdb_ins_code 
C 3 SO4 1   125 125 SO4 SO4 A . 
D 4 HOH 1   126 126 HOH HOH A . 
D 4 HOH 2   127 127 HOH HOH A . 
D 4 HOH 3   128 128 HOH HOH A . 
D 4 HOH 4   129 129 HOH HOH A . 
D 4 HOH 5   130 130 HOH HOH A . 
D 4 HOH 6   131 131 HOH HOH A . 
D 4 HOH 7   132 132 HOH HOH A . 
D 4 HOH 8   133 133 HOH HOH A . 
D 4 HOH 9   134 134 HOH HOH A . 
D 4 HOH 10  135 135 HOH HOH A . 
D 4 HOH 11  136 136 HOH HOH A . 
D 4 HOH 12  137 137 HOH HOH A . 
D 4 HOH 13  138 138 HOH HOH A . 
D 4 HOH 14  140 140 HOH HOH A . 
D 4 HOH 15  141 141 HOH HOH A . 
D 4 HOH 16  142 142 HOH HOH A . 
D 4 HOH 17  143 143 HOH HOH A . 
D 4 HOH 18  144 144 HOH HOH A . 
D 4 HOH 19  145 145 HOH HOH A . 
D 4 HOH 20  146 146 HOH HOH A . 
D 4 HOH 21  147 147 HOH HOH A . 
D 4 HOH 22  148 148 HOH HOH A . 
D 4 HOH 23  149 149 HOH HOH A . 
D 4 HOH 24  150 150 HOH HOH A . 
D 4 HOH 25  151 151 HOH HOH A . 
D 4 HOH 26  152 152 HOH HOH A . 
D 4 HOH 27  153 153 HOH HOH A . 
D 4 HOH 28  154 154 HOH HOH A . 
D 4 HOH 29  155 155 HOH HOH A . 
D 4 HOH 30  156 156 HOH HOH A . 
D 4 HOH 31  157 157 HOH HOH A . 
D 4 HOH 32  158 158 HOH HOH A . 
D 4 HOH 33  159 159 HOH HOH A . 
D 4 HOH 34  160 160 HOH HOH A . 
D 4 HOH 35  161 161 HOH HOH A . 
D 4 HOH 36  162 162 HOH HOH A . 
D 4 HOH 37  163 163 HOH HOH A . 
D 4 HOH 38  164 164 HOH HOH A . 
D 4 HOH 39  165 165 HOH HOH A . 
D 4 HOH 40  166 166 HOH HOH A . 
D 4 HOH 41  167 167 HOH HOH A . 
D 4 HOH 42  168 168 HOH HOH A . 
D 4 HOH 43  169 169 HOH HOH A . 
D 4 HOH 44  170 170 HOH HOH A . 
D 4 HOH 45  171 171 HOH HOH A . 
D 4 HOH 46  172 172 HOH HOH A . 
D 4 HOH 47  173 173 HOH HOH A . 
D 4 HOH 48  174 174 HOH HOH A . 
D 4 HOH 49  175 175 HOH HOH A . 
D 4 HOH 50  177 177 HOH HOH A . 
D 4 HOH 51  178 178 HOH HOH A . 
D 4 HOH 52  179 179 HOH HOH A . 
D 4 HOH 53  180 180 HOH HOH A . 
D 4 HOH 54  181 181 HOH HOH A . 
D 4 HOH 55  182 182 HOH HOH A . 
D 4 HOH 56  183 183 HOH HOH A . 
D 4 HOH 57  184 184 HOH HOH A . 
D 4 HOH 58  185 185 HOH HOH A . 
D 4 HOH 59  186 186 HOH HOH A . 
D 4 HOH 60  187 187 HOH HOH A . 
D 4 HOH 61  188 188 HOH HOH A . 
D 4 HOH 62  189 189 HOH HOH A . 
D 4 HOH 63  190 190 HOH HOH A . 
D 4 HOH 64  191 191 HOH HOH A . 
D 4 HOH 65  192 192 HOH HOH A . 
D 4 HOH 66  193 193 HOH HOH A . 
D 4 HOH 67  194 194 HOH HOH A . 
D 4 HOH 68  195 195 HOH HOH A . 
D 4 HOH 69  196 196 HOH HOH A . 
D 4 HOH 70  197 197 HOH HOH A . 
D 4 HOH 71  198 198 HOH HOH A . 
D 4 HOH 72  199 199 HOH HOH A . 
D 4 HOH 73  200 200 HOH HOH A . 
D 4 HOH 74  201 201 HOH HOH A . 
D 4 HOH 75  202 202 HOH HOH A . 
D 4 HOH 76  203 203 HOH HOH A . 
D 4 HOH 77  204 204 HOH HOH A . 
D 4 HOH 78  205 205 HOH HOH A . 
D 4 HOH 79  206 206 HOH HOH A . 
D 4 HOH 80  207 207 HOH HOH A . 
D 4 HOH 81  208 208 HOH HOH A . 
D 4 HOH 82  209 209 HOH HOH A . 
D 4 HOH 83  210 210 HOH HOH A . 
D 4 HOH 84  211 211 HOH HOH A . 
D 4 HOH 85  214 214 HOH HOH A . 
D 4 HOH 86  215 215 HOH HOH A . 
D 4 HOH 87  216 216 HOH HOH A . 
D 4 HOH 88  217 217 HOH HOH A . 
D 4 HOH 89  218 218 HOH HOH A . 
D 4 HOH 90  219 219 HOH HOH A . 
D 4 HOH 91  220 220 HOH HOH A . 
D 4 HOH 92  221 221 HOH HOH A . 
D 4 HOH 93  222 222 HOH HOH A . 
D 4 HOH 94  223 223 HOH HOH A . 
D 4 HOH 95  224 224 HOH HOH A . 
D 4 HOH 96  225 225 HOH HOH A . 
D 4 HOH 97  226 226 HOH HOH A . 
D 4 HOH 98  227 227 HOH HOH A . 
D 4 HOH 99  228 228 HOH HOH A . 
D 4 HOH 100 229 229 HOH HOH A . 
D 4 HOH 101 230 230 HOH HOH A . 
D 4 HOH 102 231 231 HOH HOH A . 
D 4 HOH 103 232 232 HOH HOH A . 
D 4 HOH 104 233 233 HOH HOH A . 
D 4 HOH 105 234 234 HOH HOH A . 
D 4 HOH 106 236 236 HOH HOH A . 
D 4 HOH 107 239 239 HOH HOH A . 
D 4 HOH 108 240 240 HOH HOH A . 
E 4 HOH 1   139 139 HOH HOH B . 
E 4 HOH 2   176 176 HOH HOH B . 
E 4 HOH 3   212 212 HOH HOH B . 
E 4 HOH 4   213 213 HOH HOH B . 
E 4 HOH 5   235 235 HOH HOH B . 
E 4 HOH 6   237 237 HOH HOH B . 
E 4 HOH 7   238 238 HOH HOH B . 
# 
_software.name             PROLSQ 
_software.classification   refinement 
_software.version          . 
_software.citation_id      ? 
_software.pdbx_ordinal     1 
# 
_cell.entry_id           1SRN 
_cell.length_a           67.680 
_cell.length_b           67.680 
_cell.length_c           65.030 
_cell.angle_alpha        90.00 
_cell.angle_beta         90.00 
_cell.angle_gamma        120.00 
_cell.Z_PDB              6 
_cell.pdbx_unique_axis   ? 
# 
_symmetry.entry_id                         1SRN 
_symmetry.space_group_name_H-M             'P 32 2 1' 
_symmetry.pdbx_full_space_group_name_H-M   ? 
_symmetry.cell_setting                     ? 
_symmetry.Int_Tables_number                154 
# 
_exptl.entry_id          1SRN 
_exptl.method            'X-RAY DIFFRACTION' 
_exptl.crystals_number   ? 
# 
_exptl_crystal.id                    1 
_exptl_crystal.density_meas          ? 
_exptl_crystal.density_Matthews      2.95 
_exptl_crystal.density_percent_sol   58.27 
_exptl_crystal.description           ? 
# 
_exptl_crystal_grow.crystal_id      1 
_exptl_crystal_grow.method          ? 
_exptl_crystal_grow.temp            ? 
_exptl_crystal_grow.temp_details    ? 
_exptl_crystal_grow.pH              ? 
_exptl_crystal_grow.pdbx_pH_range   ? 
_exptl_crystal_grow.pdbx_details    
;THE MOTHER LIQUOR WAS 80 PER CENT SATURATED AMMONIUM
SULFATE, PH 5.2.
;
# 
_refine.entry_id                                 1SRN 
_refine.ls_number_reflns_obs                     ? 
_refine.ls_number_reflns_all                     ? 
_refine.pdbx_ls_sigma_I                          ? 
_refine.pdbx_ls_sigma_F                          2.0 
_refine.pdbx_data_cutoff_high_absF               ? 
_refine.pdbx_data_cutoff_low_absF                ? 
_refine.pdbx_data_cutoff_high_rms_absF           ? 
_refine.ls_d_res_low                             10.0 
_refine.ls_d_res_high                            1.8 
_refine.ls_percent_reflns_obs                    ? 
_refine.ls_R_factor_obs                          0.204 
_refine.ls_R_factor_all                          ? 
_refine.ls_R_factor_R_work                       ? 
_refine.ls_R_factor_R_free                       ? 
_refine.ls_R_factor_R_free_error                 ? 
_refine.ls_R_factor_R_free_error_details         ? 
_refine.ls_percent_reflns_R_free                 ? 
_refine.ls_number_reflns_R_free                  ? 
_refine.ls_number_parameters                     ? 
_refine.ls_number_restraints                     ? 
_refine.occupancy_min                            ? 
_refine.occupancy_max                            ? 
_refine.B_iso_mean                               ? 
_refine.aniso_B[1][1]                            ? 
_refine.aniso_B[2][2]                            ? 
_refine.aniso_B[3][3]                            ? 
_refine.aniso_B[1][2]                            ? 
_refine.aniso_B[1][3]                            ? 
_refine.aniso_B[2][3]                            ? 
_refine.solvent_model_details                    ? 
_refine.solvent_model_param_ksol                 ? 
_refine.solvent_model_param_bsol                 ? 
_refine.pdbx_ls_cross_valid_method               ? 
_refine.details                                  ? 
_refine.pdbx_starting_model                      ? 
_refine.pdbx_method_to_determine_struct          ? 
_refine.pdbx_isotropic_thermal_model             ? 
_refine.pdbx_stereochemistry_target_values       ? 
_refine.pdbx_stereochem_target_val_spec_case     ? 
_refine.pdbx_R_Free_selection_details            ? 
_refine.pdbx_overall_ESU_R                       ? 
_refine.pdbx_overall_ESU_R_Free                  ? 
_refine.overall_SU_ML                            ? 
_refine.overall_SU_B                             ? 
_refine.pdbx_refine_id                           'X-RAY DIFFRACTION' 
_refine.pdbx_diffrn_id                           1 
_refine.pdbx_TLS_residual_ADP_flag               ? 
_refine.correlation_coeff_Fo_to_Fc               ? 
_refine.correlation_coeff_Fo_to_Fc_free          ? 
_refine.pdbx_solvent_vdw_probe_radii             ? 
_refine.pdbx_solvent_ion_probe_radii             ? 
_refine.pdbx_solvent_shrinkage_radii             ? 
_refine.pdbx_overall_phase_error                 ? 
_refine.overall_SU_R_Cruickshank_DPI             ? 
_refine.pdbx_overall_SU_R_free_Cruickshank_DPI   ? 
_refine.pdbx_overall_SU_R_Blow_DPI               ? 
_refine.pdbx_overall_SU_R_free_Blow_DPI          ? 
# 
_refine_hist.pdbx_refine_id                   'X-RAY DIFFRACTION' 
_refine_hist.cycle_id                         LAST 
_refine_hist.pdbx_number_atoms_protein        951 
_refine_hist.pdbx_number_atoms_nucleic_acid   0 
_refine_hist.pdbx_number_atoms_ligand         5 
_refine_hist.number_atoms_solvent             115 
_refine_hist.number_atoms_total               1071 
_refine_hist.d_res_high                       1.8 
_refine_hist.d_res_low                        10.0 
# 
loop_
_refine_ls_restr.type 
_refine_ls_restr.dev_ideal 
_refine_ls_restr.dev_ideal_target 
_refine_ls_restr.weight 
_refine_ls_restr.number 
_refine_ls_restr.pdbx_refine_id 
_refine_ls_restr.pdbx_restraint_function 
p_bond_d  0.024 ? ? ? 'X-RAY DIFFRACTION' ? 
p_angle_d ?     ? ? ? 'X-RAY DIFFRACTION' ? 
# 
_struct.entry_id                  1SRN 
_struct.title                     
'THE REFINED CRYSTAL STRUCTURE OF A FULLY ACTIVE SEMISYNTHETIC RIBONUCLEASE AT 1.8 ANGSTROMS RESOLUTION' 
_struct.pdbx_model_details        ? 
_struct.pdbx_CASP_flag            ? 
_struct.pdbx_model_type_details   ? 
# 
_struct_keywords.entry_id        1SRN 
_struct_keywords.pdbx_keywords   'HYDROLASE (NUCLEIC ACID,RNA)' 
_struct_keywords.text            'HYDROLASE (NUCLEIC ACID, RNA)' 
# 
loop_
_struct_asym.id 
_struct_asym.pdbx_blank_PDB_chainid_flag 
_struct_asym.pdbx_modified 
_struct_asym.entity_id 
_struct_asym.details 
A N N 1 ? 
B N N 2 ? 
C N N 3 ? 
D N N 4 ? 
E N N 4 ? 
# 
loop_
_struct_ref.id 
_struct_ref.db_name 
_struct_ref.db_code 
_struct_ref.pdbx_db_accession 
_struct_ref.entity_id 
_struct_ref.pdbx_align_begin 
_struct_ref.pdbx_db_isoform 
_struct_ref.pdbx_seq_one_letter_code 
1 UNP RNAS1_BOVIN P61823 1 27  ? ? 
2 UNP RNAS1_BOVIN P61823 2 137 ? ? 
# 
loop_
_struct_ref_seq.align_id 
_struct_ref_seq.ref_id 
_struct_ref_seq.pdbx_PDB_id_code 
_struct_ref_seq.pdbx_strand_id 
_struct_ref_seq.seq_align_beg 
_struct_ref_seq.pdbx_seq_align_beg_ins_code 
_struct_ref_seq.seq_align_end 
_struct_ref_seq.pdbx_seq_align_end_ins_code 
_struct_ref_seq.pdbx_db_accession 
_struct_ref_seq.db_align_beg 
_struct_ref_seq.pdbx_db_align_beg_ins_code 
_struct_ref_seq.db_align_end 
_struct_ref_seq.pdbx_db_align_end_ins_code 
_struct_ref_seq.pdbx_auth_seq_align_beg 
_struct_ref_seq.pdbx_auth_seq_align_end 
1 1 1SRN A 1 ? 118 ? P61823 27  ? 144 ? 1   118 
2 2 1SRN B 1 ? 14  ? P61823 137 ? 150 ? 111 124 
# 
_pdbx_struct_assembly.id                   1 
_pdbx_struct_assembly.details              author_and_software_defined_assembly 
_pdbx_struct_assembly.method_details       PISA 
_pdbx_struct_assembly.oligomeric_details   dimeric 
_pdbx_struct_assembly.oligomeric_count     2 
# 
loop_
_pdbx_struct_assembly_prop.biol_id 
_pdbx_struct_assembly_prop.type 
_pdbx_struct_assembly_prop.value 
_pdbx_struct_assembly_prop.details 
1 'ABSA (A^2)' 2070 ? 
1 MORE         -29  ? 
1 'SSA (A^2)'  6670 ? 
# 
_pdbx_struct_assembly_gen.assembly_id       1 
_pdbx_struct_assembly_gen.oper_expression   1 
_pdbx_struct_assembly_gen.asym_id_list      A,B,C,D,E 
# 
_pdbx_struct_oper_list.id                   1 
_pdbx_struct_oper_list.type                 'identity operation' 
_pdbx_struct_oper_list.name                 1_555 
_pdbx_struct_oper_list.symmetry_operation   x,y,z 
_pdbx_struct_oper_list.matrix[1][1]         1.0000000000 
_pdbx_struct_oper_list.matrix[1][2]         0.0000000000 
_pdbx_struct_oper_list.matrix[1][3]         0.0000000000 
_pdbx_struct_oper_list.vector[1]            0.0000000000 
_pdbx_struct_oper_list.matrix[2][1]         0.0000000000 
_pdbx_struct_oper_list.matrix[2][2]         1.0000000000 
_pdbx_struct_oper_list.matrix[2][3]         0.0000000000 
_pdbx_struct_oper_list.vector[2]            0.0000000000 
_pdbx_struct_oper_list.matrix[3][1]         0.0000000000 
_pdbx_struct_oper_list.matrix[3][2]         0.0000000000 
_pdbx_struct_oper_list.matrix[3][3]         1.0000000000 
_pdbx_struct_oper_list.vector[3]            0.0000000000 
# 
_struct_biol.id   1 
# 
loop_
_struct_conf.conf_type_id 
_struct_conf.id 
_struct_conf.pdbx_PDB_helix_id 
_struct_conf.beg_label_comp_id 
_struct_conf.beg_label_asym_id 
_struct_conf.beg_label_seq_id 
_struct_conf.pdbx_beg_PDB_ins_code 
_struct_conf.end_label_comp_id 
_struct_conf.end_label_asym_id 
_struct_conf.end_label_seq_id 
_struct_conf.pdbx_end_PDB_ins_code 
_struct_conf.beg_auth_comp_id 
_struct_conf.beg_auth_asym_id 
_struct_conf.beg_auth_seq_id 
_struct_conf.end_auth_comp_id 
_struct_conf.end_auth_asym_id 
_struct_conf.end_auth_seq_id 
_struct_conf.pdbx_PDB_helix_class 
_struct_conf.details 
_struct_conf.pdbx_PDB_helix_length 
HELX_P HELX_P1 H1 THR A 3  ? MET A 13 ? THR A 3  MET A 13 1 ? 11 
HELX_P HELX_P2 H2 ASN A 24 ? ASN A 34 ? ASN A 24 ASN A 34 1 ? 11 
HELX_P HELX_P3 H3 SER A 50 ? GLN A 60 ? SER A 50 GLN A 60 1 ? 11 
# 
_struct_conf_type.id          HELX_P 
_struct_conf_type.criteria    ? 
_struct_conf_type.reference   ? 
# 
loop_
_struct_conn.id 
_struct_conn.conn_type_id 
_struct_conn.pdbx_leaving_atom_flag 
_struct_conn.pdbx_PDB_id 
_struct_conn.ptnr1_label_asym_id 
_struct_conn.ptnr1_label_comp_id 
_struct_conn.ptnr1_label_seq_id 
_struct_conn.ptnr1_label_atom_id 
_struct_conn.pdbx_ptnr1_label_alt_id 
_struct_conn.pdbx_ptnr1_PDB_ins_code 
_struct_conn.pdbx_ptnr1_standard_comp_id 
_struct_conn.ptnr1_symmetry 
_struct_conn.ptnr2_label_asym_id 
_struct_conn.ptnr2_label_comp_id 
_struct_conn.ptnr2_label_seq_id 
_struct_conn.ptnr2_label_atom_id 
_struct_conn.pdbx_ptnr2_label_alt_id 
_struct_conn.pdbx_ptnr2_PDB_ins_code 
_struct_conn.ptnr1_auth_asym_id 
_struct_conn.ptnr1_auth_comp_id 
_struct_conn.ptnr1_auth_seq_id 
_struct_conn.ptnr2_auth_asym_id 
_struct_conn.ptnr2_auth_comp_id 
_struct_conn.ptnr2_auth_seq_id 
_struct_conn.ptnr2_symmetry 
_struct_conn.pdbx_ptnr3_label_atom_id 
_struct_conn.pdbx_ptnr3_label_seq_id 
_struct_conn.pdbx_ptnr3_label_comp_id 
_struct_conn.pdbx_ptnr3_label_asym_id 
_struct_conn.pdbx_ptnr3_label_alt_id 
_struct_conn.pdbx_ptnr3_PDB_ins_code 
_struct_conn.details 
_struct_conn.pdbx_dist_value 
_struct_conn.pdbx_value_order 
_struct_conn.pdbx_role 
disulf1 disulf ? ? A CYS 26 SG ? ? ? 1_555 A CYS 84  SG ? ? A CYS 26 A CYS 84  1_555 ? ? ? ? ? ? ? 1.968 ? ? 
disulf2 disulf ? ? A CYS 40 SG ? ? ? 1_555 A CYS 95  SG ? ? A CYS 40 A CYS 95  1_555 ? ? ? ? ? ? ? 1.986 ? ? 
disulf3 disulf ? ? A CYS 58 SG ? ? ? 1_555 A CYS 110 SG ? ? A CYS 58 A CYS 110 1_555 ? ? ? ? ? ? ? 2.000 ? ? 
disulf4 disulf ? ? A CYS 65 SG ? ? ? 1_555 A CYS 72  SG ? ? A CYS 65 A CYS 72  1_555 ? ? ? ? ? ? ? 1.991 ? ? 
# 
_struct_conn_type.id          disulf 
_struct_conn_type.criteria    ? 
_struct_conn_type.reference   ? 
# 
loop_
_pdbx_modification_feature.ordinal 
_pdbx_modification_feature.label_comp_id 
_pdbx_modification_feature.label_asym_id 
_pdbx_modification_feature.label_seq_id 
_pdbx_modification_feature.label_alt_id 
_pdbx_modification_feature.modified_residue_label_comp_id 
_pdbx_modification_feature.modified_residue_label_asym_id 
_pdbx_modification_feature.modified_residue_label_seq_id 
_pdbx_modification_feature.modified_residue_label_alt_id 
_pdbx_modification_feature.auth_comp_id 
_pdbx_modification_feature.auth_asym_id 
_pdbx_modification_feature.auth_seq_id 
_pdbx_modification_feature.PDB_ins_code 
_pdbx_modification_feature.symmetry 
_pdbx_modification_feature.modified_residue_auth_comp_id 
_pdbx_modification_feature.modified_residue_auth_asym_id 
_pdbx_modification_feature.modified_residue_auth_seq_id 
_pdbx_modification_feature.modified_residue_PDB_ins_code 
_pdbx_modification_feature.modified_residue_symmetry 
_pdbx_modification_feature.comp_id_linking_atom 
_pdbx_modification_feature.modified_residue_id_linking_atom 
_pdbx_modification_feature.modified_residue_id 
_pdbx_modification_feature.ref_pcm_id 
_pdbx_modification_feature.ref_comp_id 
_pdbx_modification_feature.type 
_pdbx_modification_feature.category 
1 CYS A 26 ? CYS A 84  ? CYS A 26 ? 1_555 CYS A 84  ? 1_555 SG SG . . . None 'Disulfide bridge' 
2 CYS A 40 ? CYS A 95  ? CYS A 40 ? 1_555 CYS A 95  ? 1_555 SG SG . . . None 'Disulfide bridge' 
3 CYS A 58 ? CYS A 110 ? CYS A 58 ? 1_555 CYS A 110 ? 1_555 SG SG . . . None 'Disulfide bridge' 
4 CYS A 65 ? CYS A 72  ? CYS A 65 ? 1_555 CYS A 72  ? 1_555 SG SG . . . None 'Disulfide bridge' 
# 
_struct_mon_prot_cis.pdbx_id                1 
_struct_mon_prot_cis.label_comp_id          TYR 
_struct_mon_prot_cis.label_seq_id           92 
_struct_mon_prot_cis.label_asym_id          A 
_struct_mon_prot_cis.label_alt_id           . 
_struct_mon_prot_cis.pdbx_PDB_ins_code      ? 
_struct_mon_prot_cis.auth_comp_id           TYR 
_struct_mon_prot_cis.auth_seq_id            92 
_struct_mon_prot_cis.auth_asym_id           A 
_struct_mon_prot_cis.pdbx_label_comp_id_2   PRO 
_struct_mon_prot_cis.pdbx_label_seq_id_2    93 
_struct_mon_prot_cis.pdbx_label_asym_id_2   A 
_struct_mon_prot_cis.pdbx_PDB_ins_code_2    ? 
_struct_mon_prot_cis.pdbx_auth_comp_id_2    PRO 
_struct_mon_prot_cis.pdbx_auth_seq_id_2     93 
_struct_mon_prot_cis.pdbx_auth_asym_id_2    A 
_struct_mon_prot_cis.pdbx_PDB_model_num     1 
_struct_mon_prot_cis.pdbx_omega_angle       -0.50 
# 
_struct_sheet.id               S1 
_struct_sheet.type             ? 
_struct_sheet.number_strands   3 
_struct_sheet.details          ? 
# 
loop_
_struct_sheet_order.sheet_id 
_struct_sheet_order.range_id_1 
_struct_sheet_order.range_id_2 
_struct_sheet_order.offset 
_struct_sheet_order.sense 
S1 1 2 ? anti-parallel 
S1 2 3 ? anti-parallel 
# 
loop_
_struct_sheet_range.sheet_id 
_struct_sheet_range.id 
_struct_sheet_range.beg_label_comp_id 
_struct_sheet_range.beg_label_asym_id 
_struct_sheet_range.beg_label_seq_id 
_struct_sheet_range.pdbx_beg_PDB_ins_code 
_struct_sheet_range.end_label_comp_id 
_struct_sheet_range.end_label_asym_id 
_struct_sheet_range.end_label_seq_id 
_struct_sheet_range.pdbx_end_PDB_ins_code 
_struct_sheet_range.beg_auth_comp_id 
_struct_sheet_range.beg_auth_asym_id 
_struct_sheet_range.beg_auth_seq_id 
_struct_sheet_range.end_auth_comp_id 
_struct_sheet_range.end_auth_asym_id 
_struct_sheet_range.end_auth_seq_id 
S1 1 PRO A 42 ? HIS A 48  ? PRO A 42 HIS A 48  
S1 2 ASN A 71 ? TYR A 92  ? ASN A 71 TYR A 92  
S1 3 ASN A 94 ? CYS A 110 ? ASN A 94 CYS A 110 
# 
loop_
_pdbx_struct_sheet_hbond.sheet_id 
_pdbx_struct_sheet_hbond.range_id_1 
_pdbx_struct_sheet_hbond.range_id_2 
_pdbx_struct_sheet_hbond.range_1_label_atom_id 
_pdbx_struct_sheet_hbond.range_1_label_comp_id 
_pdbx_struct_sheet_hbond.range_1_label_asym_id 
_pdbx_struct_sheet_hbond.range_1_label_seq_id 
_pdbx_struct_sheet_hbond.range_1_PDB_ins_code 
_pdbx_struct_sheet_hbond.range_1_auth_atom_id 
_pdbx_struct_sheet_hbond.range_1_auth_comp_id 
_pdbx_struct_sheet_hbond.range_1_auth_asym_id 
_pdbx_struct_sheet_hbond.range_1_auth_seq_id 
_pdbx_struct_sheet_hbond.range_2_label_atom_id 
_pdbx_struct_sheet_hbond.range_2_label_comp_id 
_pdbx_struct_sheet_hbond.range_2_label_asym_id 
_pdbx_struct_sheet_hbond.range_2_label_seq_id 
_pdbx_struct_sheet_hbond.range_2_PDB_ins_code 
_pdbx_struct_sheet_hbond.range_2_auth_atom_id 
_pdbx_struct_sheet_hbond.range_2_auth_comp_id 
_pdbx_struct_sheet_hbond.range_2_auth_asym_id 
_pdbx_struct_sheet_hbond.range_2_auth_seq_id 
S1 1 2 O PHE A 46 ? O PHE A 46 N THR A 82  ? N THR A 82  
S1 2 3 O ILE A 81 ? O ILE A 81 N ALA A 102 ? N ALA A 102 
# 
_struct_site.id                   AC1 
_struct_site.pdbx_evidence_code   Software 
_struct_site.pdbx_auth_asym_id    A 
_struct_site.pdbx_auth_comp_id    SO4 
_struct_site.pdbx_auth_seq_id     125 
_struct_site.pdbx_auth_ins_code   ? 
_struct_site.pdbx_num_residues    8 
_struct_site.details              'BINDING SITE FOR RESIDUE SO4 A 125' 
# 
loop_
_struct_site_gen.id 
_struct_site_gen.site_id 
_struct_site_gen.pdbx_num_res 
_struct_site_gen.label_comp_id 
_struct_site_gen.label_asym_id 
_struct_site_gen.label_seq_id 
_struct_site_gen.pdbx_auth_ins_code 
_struct_site_gen.auth_comp_id 
_struct_site_gen.auth_asym_id 
_struct_site_gen.auth_seq_id 
_struct_site_gen.label_atom_id 
_struct_site_gen.label_alt_id 
_struct_site_gen.symmetry 
_struct_site_gen.details 
1 AC1 8 GLN A 11 ? GLN A 11  . ? 1_555 ? 
2 AC1 8 HIS A 12 ? HIS A 12  . ? 1_555 ? 
3 AC1 8 LYS A 41 ? LYS A 41  . ? 1_555 ? 
4 AC1 8 HOH D .  ? HOH A 138 . ? 1_555 ? 
5 AC1 8 HOH D .  ? HOH A 153 . ? 1_555 ? 
6 AC1 8 HOH D .  ? HOH A 228 . ? 1_555 ? 
7 AC1 8 HIS B 9  ? HIS B 119 . ? 1_555 ? 
8 AC1 8 PHE B 10 ? PHE B 120 . ? 1_555 ? 
# 
_pdbx_entry_details.entry_id                   1SRN 
_pdbx_entry_details.compound_details           
;FEATURES OF THE STRUCTURE

  1. IN SPITE OF AN EIGHT-RESIDUE REDUNANCY BETWEEN RNASE
     1 - 118 AND RNASE 111 - 124, NO REDUNDANT STRUCTURE IS
     SEEN IN THE CRYSTAL.  RESIDUES 114 - 118 OF RNASE 1 -
     118 AND RESIDUES 111 - 113 OF RNASE 111 - 124 DO NOT
     APPEAR IN THE MAP.
  2. HIS 119 IS PREDOMINANTLY IN THE CONFORMATION REPORTED
     AS A MINOR OCCUPANCY BY BORKAKOTI ET AL. (ACTA
     CRYSTALLOGR.,SECT. B, V. 38, P. 2210, 1982, PDB ENTRY
     1RN3).
;
_pdbx_entry_details.source_details             ? 
_pdbx_entry_details.nonpolymer_details         
;A TOTAL OF 115 WATER MOLECULES WERE INCLUDED IN THE LAST
FOUR CYCLES OF REFINEMENT.  A SULFATE ANION OCCURS IN THE
ACTIVE SITE AND WAS ALSO REFINED AS PART OF THE STRUCTURE.
;
_pdbx_entry_details.sequence_details           ? 
_pdbx_entry_details.has_ligand_of_interest     ? 
_pdbx_entry_details.has_protein_modification   Y 
# 
loop_
_pdbx_validate_close_contact.id 
_pdbx_validate_close_contact.PDB_model_num 
_pdbx_validate_close_contact.auth_atom_id_1 
_pdbx_validate_close_contact.auth_asym_id_1 
_pdbx_validate_close_contact.auth_comp_id_1 
_pdbx_validate_close_contact.auth_seq_id_1 
_pdbx_validate_close_contact.PDB_ins_code_1 
_pdbx_validate_close_contact.label_alt_id_1 
_pdbx_validate_close_contact.auth_atom_id_2 
_pdbx_validate_close_contact.auth_asym_id_2 
_pdbx_validate_close_contact.auth_comp_id_2 
_pdbx_validate_close_contact.auth_seq_id_2 
_pdbx_validate_close_contact.PDB_ins_code_2 
_pdbx_validate_close_contact.label_alt_id_2 
_pdbx_validate_close_contact.dist 
1 1 C   A ASN 113 ? ? O A HOH 190 ? ? 2.12 
2 1 OD1 A ASN 34  ? ? O A HOH 163 ? ? 2.13 
# 
loop_
_pdbx_validate_symm_contact.id 
_pdbx_validate_symm_contact.PDB_model_num 
_pdbx_validate_symm_contact.auth_atom_id_1 
_pdbx_validate_symm_contact.auth_asym_id_1 
_pdbx_validate_symm_contact.auth_comp_id_1 
_pdbx_validate_symm_contact.auth_seq_id_1 
_pdbx_validate_symm_contact.PDB_ins_code_1 
_pdbx_validate_symm_contact.label_alt_id_1 
_pdbx_validate_symm_contact.site_symmetry_1 
_pdbx_validate_symm_contact.auth_atom_id_2 
_pdbx_validate_symm_contact.auth_asym_id_2 
_pdbx_validate_symm_contact.auth_comp_id_2 
_pdbx_validate_symm_contact.auth_seq_id_2 
_pdbx_validate_symm_contact.PDB_ins_code_2 
_pdbx_validate_symm_contact.label_alt_id_2 
_pdbx_validate_symm_contact.site_symmetry_2 
_pdbx_validate_symm_contact.dist 
1 1 NZ A LYS 104 ? ? 1_555 NZ A LYS 104 ? ? 4_556 1.93 
2 1 NZ A LYS 98  ? ? 1_555 O  A HOH 204 ? ? 6_665 2.13 
# 
_pdbx_validate_rmsd_bond.id                        1 
_pdbx_validate_rmsd_bond.PDB_model_num             1 
_pdbx_validate_rmsd_bond.auth_atom_id_1            CD 
_pdbx_validate_rmsd_bond.auth_asym_id_1            A 
_pdbx_validate_rmsd_bond.auth_comp_id_1            GLU 
_pdbx_validate_rmsd_bond.auth_seq_id_1             9 
_pdbx_validate_rmsd_bond.PDB_ins_code_1            ? 
_pdbx_validate_rmsd_bond.label_alt_id_1            ? 
_pdbx_validate_rmsd_bond.auth_atom_id_2            OE1 
_pdbx_validate_rmsd_bond.auth_asym_id_2            A 
_pdbx_validate_rmsd_bond.auth_comp_id_2            GLU 
_pdbx_validate_rmsd_bond.auth_seq_id_2             9 
_pdbx_validate_rmsd_bond.PDB_ins_code_2            ? 
_pdbx_validate_rmsd_bond.label_alt_id_2            ? 
_pdbx_validate_rmsd_bond.bond_value                1.162 
_pdbx_validate_rmsd_bond.bond_target_value         1.252 
_pdbx_validate_rmsd_bond.bond_deviation            -0.090 
_pdbx_validate_rmsd_bond.bond_standard_deviation   0.011 
_pdbx_validate_rmsd_bond.linker_flag               N 
# 
loop_
_pdbx_validate_rmsd_angle.id 
_pdbx_validate_rmsd_angle.PDB_model_num 
_pdbx_validate_rmsd_angle.auth_atom_id_1 
_pdbx_validate_rmsd_angle.auth_asym_id_1 
_pdbx_validate_rmsd_angle.auth_comp_id_1 
_pdbx_validate_rmsd_angle.auth_seq_id_1 
_pdbx_validate_rmsd_angle.PDB_ins_code_1 
_pdbx_validate_rmsd_angle.label_alt_id_1 
_pdbx_validate_rmsd_angle.auth_atom_id_2 
_pdbx_validate_rmsd_angle.auth_asym_id_2 
_pdbx_validate_rmsd_angle.auth_comp_id_2 
_pdbx_validate_rmsd_angle.auth_seq_id_2 
_pdbx_validate_rmsd_angle.PDB_ins_code_2 
_pdbx_validate_rmsd_angle.label_alt_id_2 
_pdbx_validate_rmsd_angle.auth_atom_id_3 
_pdbx_validate_rmsd_angle.auth_asym_id_3 
_pdbx_validate_rmsd_angle.auth_comp_id_3 
_pdbx_validate_rmsd_angle.auth_seq_id_3 
_pdbx_validate_rmsd_angle.PDB_ins_code_3 
_pdbx_validate_rmsd_angle.label_alt_id_3 
_pdbx_validate_rmsd_angle.angle_value 
_pdbx_validate_rmsd_angle.angle_target_value 
_pdbx_validate_rmsd_angle.angle_deviation 
_pdbx_validate_rmsd_angle.angle_standard_deviation 
_pdbx_validate_rmsd_angle.linker_flag 
1  1 CB  A PHE 8   ? ? CG A PHE 8   ? ? CD2 A PHE 8   ? ? 116.48 120.80 -4.32  0.70 N 
2  1 NE  A ARG 10  ? ? CZ A ARG 10  ? ? NH2 A ARG 10  ? ? 117.16 120.30 -3.14  0.50 N 
3  1 NE  A ARG 33  ? ? CZ A ARG 33  ? ? NH1 A ARG 33  ? ? 125.77 120.30 5.47   0.50 N 
4  1 NE  A ARG 33  ? ? CZ A ARG 33  ? ? NH2 A ARG 33  ? ? 115.77 120.30 -4.53  0.50 N 
5  1 CG  A ARG 39  ? ? CD A ARG 39  ? ? NE  A ARG 39  ? ? 124.90 111.80 13.10  2.10 N 
6  1 CD  A ARG 39  ? ? NE A ARG 39  ? ? CZ  A ARG 39  ? ? 141.81 123.60 18.21  1.40 N 
7  1 NE  A ARG 39  ? ? CZ A ARG 39  ? ? NH1 A ARG 39  ? ? 129.36 120.30 9.06   0.50 N 
8  1 NE  A ARG 39  ? ? CZ A ARG 39  ? ? NH2 A ARG 39  ? ? 116.42 120.30 -3.88  0.50 N 
9  1 CB  A ASP 53  ? ? CG A ASP 53  ? ? OD1 A ASP 53  ? ? 124.09 118.30 5.79   0.90 N 
10 1 CA  A LYS 66  ? ? CB A LYS 66  ? ? CG  A LYS 66  ? ? 139.47 113.40 26.07  2.20 N 
11 1 CA  A GLN 69  ? ? CB A GLN 69  ? ? CG  A GLN 69  ? ? 128.54 113.40 15.14  2.20 N 
12 1 N   A THR 70  ? ? CA A THR 70  ? ? CB  A THR 70  ? ? 96.57  110.30 -13.73 1.90 N 
13 1 O   A TYR 73  ? ? C  A TYR 73  ? ? N   A GLN 74  ? ? 133.11 122.70 10.41  1.60 Y 
14 1 CA  A ASP 83  ? ? CB A ASP 83  ? ? CG  A ASP 83  ? ? 96.61  113.40 -16.79 2.20 N 
15 1 OD1 A ASP 83  ? ? CG A ASP 83  ? ? OD2 A ASP 83  ? ? 135.95 123.30 12.65  1.90 N 
16 1 CB  A ASP 83  ? ? CG A ASP 83  ? ? OD2 A ASP 83  ? ? 108.60 118.30 -9.70  0.90 N 
17 1 CB  A TYR 97  ? ? CG A TYR 97  ? ? CD2 A TYR 97  ? ? 117.09 121.00 -3.91  0.60 N 
18 1 CB  A TYR 97  ? ? CG A TYR 97  ? ? CD1 A TYR 97  ? ? 126.95 121.00 5.95   0.60 N 
19 1 O   A ILE 106 ? ? C  A ILE 106 ? ? N   A ILE 107 ? ? 133.42 122.70 10.72  1.60 Y 
20 1 O   A VAL 108 ? ? C  A VAL 108 ? ? N   A ALA 109 ? ? 135.09 122.70 12.39  1.60 Y 
21 1 CA  A ASN 113 ? ? CB A ASN 113 ? ? CG  A ASN 113 ? ? 99.50  113.40 -13.90 2.20 N 
22 1 CA  A ASN 113 ? ? C  A ASN 113 ? ? O   A ASN 113 ? ? 105.25 120.10 -14.85 2.10 N 
23 1 CG1 B VAL 118 ? ? CB B VAL 118 ? ? CG2 B VAL 118 ? ? 120.79 110.90 9.89   1.60 N 
24 1 CB  B ASP 121 ? ? CG B ASP 121 ? ? OD2 B ASP 121 ? ? 123.82 118.30 5.52   0.90 N 
25 1 C   B SER 123 ? ? N  B VAL 124 ? ? CA  B VAL 124 ? ? 139.11 121.70 17.41  2.50 Y 
# 
loop_
_pdbx_validate_torsion.id 
_pdbx_validate_torsion.PDB_model_num 
_pdbx_validate_torsion.auth_comp_id 
_pdbx_validate_torsion.auth_asym_id 
_pdbx_validate_torsion.auth_seq_id 
_pdbx_validate_torsion.PDB_ins_code 
_pdbx_validate_torsion.label_alt_id 
_pdbx_validate_torsion.phi 
_pdbx_validate_torsion.psi 
1 1 HIS A 48  ? ? -106.93 68.31   
2 1 GLN A 60  ? ? -109.19 -139.94 
3 1 GLN A 69  ? ? -57.18  173.61  
4 1 ALA B 122 ? ? 173.35  172.50  
# 
loop_
_pdbx_unobs_or_zero_occ_residues.id 
_pdbx_unobs_or_zero_occ_residues.PDB_model_num 
_pdbx_unobs_or_zero_occ_residues.polymer_flag 
_pdbx_unobs_or_zero_occ_residues.occupancy_flag 
_pdbx_unobs_or_zero_occ_residues.auth_asym_id 
_pdbx_unobs_or_zero_occ_residues.auth_comp_id 
_pdbx_unobs_or_zero_occ_residues.auth_seq_id 
_pdbx_unobs_or_zero_occ_residues.PDB_ins_code 
_pdbx_unobs_or_zero_occ_residues.label_asym_id 
_pdbx_unobs_or_zero_occ_residues.label_comp_id 
_pdbx_unobs_or_zero_occ_residues.label_seq_id 
1 1 Y 1 A PRO 114 ? A PRO 114 
2 1 Y 1 A TYR 115 ? A TYR 115 
3 1 Y 1 A VAL 116 ? A VAL 116 
4 1 Y 1 A PRO 117 ? A PRO 117 
5 1 Y 1 A VAL 118 ? A VAL 118 
6 1 Y 1 B GLU 111 ? B GLU 1   
7 1 Y 1 B GLY 112 ? B GLY 2   
8 1 Y 1 B ASN 113 ? B ASN 3   
# 
loop_
_chem_comp_atom.comp_id 
_chem_comp_atom.atom_id 
_chem_comp_atom.type_symbol 
_chem_comp_atom.pdbx_aromatic_flag 
_chem_comp_atom.pdbx_stereo_config 
_chem_comp_atom.pdbx_ordinal 
ALA N    N N N 1   
ALA CA   C N S 2   
ALA C    C N N 3   
ALA O    O N N 4   
ALA CB   C N N 5   
ALA OXT  O N N 6   
ALA H    H N N 7   
ALA H2   H N N 8   
ALA HA   H N N 9   
ALA HB1  H N N 10  
ALA HB2  H N N 11  
ALA HB3  H N N 12  
ALA HXT  H N N 13  
ARG N    N N N 14  
ARG CA   C N S 15  
ARG C    C N N 16  
ARG O    O N N 17  
ARG CB   C N N 18  
ARG CG   C N N 19  
ARG CD   C N N 20  
ARG NE   N N N 21  
ARG CZ   C N N 22  
ARG NH1  N N N 23  
ARG NH2  N N N 24  
ARG OXT  O N N 25  
ARG H    H N N 26  
ARG H2   H N N 27  
ARG HA   H N N 28  
ARG HB2  H N N 29  
ARG HB3  H N N 30  
ARG HG2  H N N 31  
ARG HG3  H N N 32  
ARG HD2  H N N 33  
ARG HD3  H N N 34  
ARG HE   H N N 35  
ARG HH11 H N N 36  
ARG HH12 H N N 37  
ARG HH21 H N N 38  
ARG HH22 H N N 39  
ARG HXT  H N N 40  
ASN N    N N N 41  
ASN CA   C N S 42  
ASN C    C N N 43  
ASN O    O N N 44  
ASN CB   C N N 45  
ASN CG   C N N 46  
ASN OD1  O N N 47  
ASN ND2  N N N 48  
ASN OXT  O N N 49  
ASN H    H N N 50  
ASN H2   H N N 51  
ASN HA   H N N 52  
ASN HB2  H N N 53  
ASN HB3  H N N 54  
ASN HD21 H N N 55  
ASN HD22 H N N 56  
ASN HXT  H N N 57  
ASP N    N N N 58  
ASP CA   C N S 59  
ASP C    C N N 60  
ASP O    O N N 61  
ASP CB   C N N 62  
ASP CG   C N N 63  
ASP OD1  O N N 64  
ASP OD2  O N N 65  
ASP OXT  O N N 66  
ASP H    H N N 67  
ASP H2   H N N 68  
ASP HA   H N N 69  
ASP HB2  H N N 70  
ASP HB3  H N N 71  
ASP HD2  H N N 72  
ASP HXT  H N N 73  
CYS N    N N N 74  
CYS CA   C N R 75  
CYS C    C N N 76  
CYS O    O N N 77  
CYS CB   C N N 78  
CYS SG   S N N 79  
CYS OXT  O N N 80  
CYS H    H N N 81  
CYS H2   H N N 82  
CYS HA   H N N 83  
CYS HB2  H N N 84  
CYS HB3  H N N 85  
CYS HG   H N N 86  
CYS HXT  H N N 87  
GLN N    N N N 88  
GLN CA   C N S 89  
GLN C    C N N 90  
GLN O    O N N 91  
GLN CB   C N N 92  
GLN CG   C N N 93  
GLN CD   C N N 94  
GLN OE1  O N N 95  
GLN NE2  N N N 96  
GLN OXT  O N N 97  
GLN H    H N N 98  
GLN H2   H N N 99  
GLN HA   H N N 100 
GLN HB2  H N N 101 
GLN HB3  H N N 102 
GLN HG2  H N N 103 
GLN HG3  H N N 104 
GLN HE21 H N N 105 
GLN HE22 H N N 106 
GLN HXT  H N N 107 
GLU N    N N N 108 
GLU CA   C N S 109 
GLU C    C N N 110 
GLU O    O N N 111 
GLU CB   C N N 112 
GLU CG   C N N 113 
GLU CD   C N N 114 
GLU OE1  O N N 115 
GLU OE2  O N N 116 
GLU OXT  O N N 117 
GLU H    H N N 118 
GLU H2   H N N 119 
GLU HA   H N N 120 
GLU HB2  H N N 121 
GLU HB3  H N N 122 
GLU HG2  H N N 123 
GLU HG3  H N N 124 
GLU HE2  H N N 125 
GLU HXT  H N N 126 
GLY N    N N N 127 
GLY CA   C N N 128 
GLY C    C N N 129 
GLY O    O N N 130 
GLY OXT  O N N 131 
GLY H    H N N 132 
GLY H2   H N N 133 
GLY HA2  H N N 134 
GLY HA3  H N N 135 
GLY HXT  H N N 136 
HIS N    N N N 137 
HIS CA   C N S 138 
HIS C    C N N 139 
HIS O    O N N 140 
HIS CB   C N N 141 
HIS CG   C Y N 142 
HIS ND1  N Y N 143 
HIS CD2  C Y N 144 
HIS CE1  C Y N 145 
HIS NE2  N Y N 146 
HIS OXT  O N N 147 
HIS H    H N N 148 
HIS H2   H N N 149 
HIS HA   H N N 150 
HIS HB2  H N N 151 
HIS HB3  H N N 152 
HIS HD1  H N N 153 
HIS HD2  H N N 154 
HIS HE1  H N N 155 
HIS HE2  H N N 156 
HIS HXT  H N N 157 
HOH O    O N N 158 
HOH H1   H N N 159 
HOH H2   H N N 160 
ILE N    N N N 161 
ILE CA   C N S 162 
ILE C    C N N 163 
ILE O    O N N 164 
ILE CB   C N S 165 
ILE CG1  C N N 166 
ILE CG2  C N N 167 
ILE CD1  C N N 168 
ILE OXT  O N N 169 
ILE H    H N N 170 
ILE H2   H N N 171 
ILE HA   H N N 172 
ILE HB   H N N 173 
ILE HG12 H N N 174 
ILE HG13 H N N 175 
ILE HG21 H N N 176 
ILE HG22 H N N 177 
ILE HG23 H N N 178 
ILE HD11 H N N 179 
ILE HD12 H N N 180 
ILE HD13 H N N 181 
ILE HXT  H N N 182 
LEU N    N N N 183 
LEU CA   C N S 184 
LEU C    C N N 185 
LEU O    O N N 186 
LEU CB   C N N 187 
LEU CG   C N N 188 
LEU CD1  C N N 189 
LEU CD2  C N N 190 
LEU OXT  O N N 191 
LEU H    H N N 192 
LEU H2   H N N 193 
LEU HA   H N N 194 
LEU HB2  H N N 195 
LEU HB3  H N N 196 
LEU HG   H N N 197 
LEU HD11 H N N 198 
LEU HD12 H N N 199 
LEU HD13 H N N 200 
LEU HD21 H N N 201 
LEU HD22 H N N 202 
LEU HD23 H N N 203 
LEU HXT  H N N 204 
LYS N    N N N 205 
LYS CA   C N S 206 
LYS C    C N N 207 
LYS O    O N N 208 
LYS CB   C N N 209 
LYS CG   C N N 210 
LYS CD   C N N 211 
LYS CE   C N N 212 
LYS NZ   N N N 213 
LYS OXT  O N N 214 
LYS H    H N N 215 
LYS H2   H N N 216 
LYS HA   H N N 217 
LYS HB2  H N N 218 
LYS HB3  H N N 219 
LYS HG2  H N N 220 
LYS HG3  H N N 221 
LYS HD2  H N N 222 
LYS HD3  H N N 223 
LYS HE2  H N N 224 
LYS HE3  H N N 225 
LYS HZ1  H N N 226 
LYS HZ2  H N N 227 
LYS HZ3  H N N 228 
LYS HXT  H N N 229 
MET N    N N N 230 
MET CA   C N S 231 
MET C    C N N 232 
MET O    O N N 233 
MET CB   C N N 234 
MET CG   C N N 235 
MET SD   S N N 236 
MET CE   C N N 237 
MET OXT  O N N 238 
MET H    H N N 239 
MET H2   H N N 240 
MET HA   H N N 241 
MET HB2  H N N 242 
MET HB3  H N N 243 
MET HG2  H N N 244 
MET HG3  H N N 245 
MET HE1  H N N 246 
MET HE2  H N N 247 
MET HE3  H N N 248 
MET HXT  H N N 249 
PHE N    N N N 250 
PHE CA   C N S 251 
PHE C    C N N 252 
PHE O    O N N 253 
PHE CB   C N N 254 
PHE CG   C Y N 255 
PHE CD1  C Y N 256 
PHE CD2  C Y N 257 
PHE CE1  C Y N 258 
PHE CE2  C Y N 259 
PHE CZ   C Y N 260 
PHE OXT  O N N 261 
PHE H    H N N 262 
PHE H2   H N N 263 
PHE HA   H N N 264 
PHE HB2  H N N 265 
PHE HB3  H N N 266 
PHE HD1  H N N 267 
PHE HD2  H N N 268 
PHE HE1  H N N 269 
PHE HE2  H N N 270 
PHE HZ   H N N 271 
PHE HXT  H N N 272 
PRO N    N N N 273 
PRO CA   C N S 274 
PRO C    C N N 275 
PRO O    O N N 276 
PRO CB   C N N 277 
PRO CG   C N N 278 
PRO CD   C N N 279 
PRO OXT  O N N 280 
PRO H    H N N 281 
PRO HA   H N N 282 
PRO HB2  H N N 283 
PRO HB3  H N N 284 
PRO HG2  H N N 285 
PRO HG3  H N N 286 
PRO HD2  H N N 287 
PRO HD3  H N N 288 
PRO HXT  H N N 289 
SER N    N N N 290 
SER CA   C N S 291 
SER C    C N N 292 
SER O    O N N 293 
SER CB   C N N 294 
SER OG   O N N 295 
SER OXT  O N N 296 
SER H    H N N 297 
SER H2   H N N 298 
SER HA   H N N 299 
SER HB2  H N N 300 
SER HB3  H N N 301 
SER HG   H N N 302 
SER HXT  H N N 303 
SO4 S    S N N 304 
SO4 O1   O N N 305 
SO4 O2   O N N 306 
SO4 O3   O N N 307 
SO4 O4   O N N 308 
THR N    N N N 309 
THR CA   C N S 310 
THR C    C N N 311 
THR O    O N N 312 
THR CB   C N R 313 
THR OG1  O N N 314 
THR CG2  C N N 315 
THR OXT  O N N 316 
THR H    H N N 317 
THR H2   H N N 318 
THR HA   H N N 319 
THR HB   H N N 320 
THR HG1  H N N 321 
THR HG21 H N N 322 
THR HG22 H N N 323 
THR HG23 H N N 324 
THR HXT  H N N 325 
TYR N    N N N 326 
TYR CA   C N S 327 
TYR C    C N N 328 
TYR O    O N N 329 
TYR CB   C N N 330 
TYR CG   C Y N 331 
TYR CD1  C Y N 332 
TYR CD2  C Y N 333 
TYR CE1  C Y N 334 
TYR CE2  C Y N 335 
TYR CZ   C Y N 336 
TYR OH   O N N 337 
TYR OXT  O N N 338 
TYR H    H N N 339 
TYR H2   H N N 340 
TYR HA   H N N 341 
TYR HB2  H N N 342 
TYR HB3  H N N 343 
TYR HD1  H N N 344 
TYR HD2  H N N 345 
TYR HE1  H N N 346 
TYR HE2  H N N 347 
TYR HH   H N N 348 
TYR HXT  H N N 349 
VAL N    N N N 350 
VAL CA   C N S 351 
VAL C    C N N 352 
VAL O    O N N 353 
VAL CB   C N N 354 
VAL CG1  C N N 355 
VAL CG2  C N N 356 
VAL OXT  O N N 357 
VAL H    H N N 358 
VAL H2   H N N 359 
VAL HA   H N N 360 
VAL HB   H N N 361 
VAL HG11 H N N 362 
VAL HG12 H N N 363 
VAL HG13 H N N 364 
VAL HG21 H N N 365 
VAL HG22 H N N 366 
VAL HG23 H N N 367 
VAL HXT  H N N 368 
# 
loop_
_chem_comp_bond.comp_id 
_chem_comp_bond.atom_id_1 
_chem_comp_bond.atom_id_2 
_chem_comp_bond.value_order 
_chem_comp_bond.pdbx_aromatic_flag 
_chem_comp_bond.pdbx_stereo_config 
_chem_comp_bond.pdbx_ordinal 
ALA N   CA   sing N N 1   
ALA N   H    sing N N 2   
ALA N   H2   sing N N 3   
ALA CA  C    sing N N 4   
ALA CA  CB   sing N N 5   
ALA CA  HA   sing N N 6   
ALA C   O    doub N N 7   
ALA C   OXT  sing N N 8   
ALA CB  HB1  sing N N 9   
ALA CB  HB2  sing N N 10  
ALA CB  HB3  sing N N 11  
ALA OXT HXT  sing N N 12  
ARG N   CA   sing N N 13  
ARG N   H    sing N N 14  
ARG N   H2   sing N N 15  
ARG CA  C    sing N N 16  
ARG CA  CB   sing N N 17  
ARG CA  HA   sing N N 18  
ARG C   O    doub N N 19  
ARG C   OXT  sing N N 20  
ARG CB  CG   sing N N 21  
ARG CB  HB2  sing N N 22  
ARG CB  HB3  sing N N 23  
ARG CG  CD   sing N N 24  
ARG CG  HG2  sing N N 25  
ARG CG  HG3  sing N N 26  
ARG CD  NE   sing N N 27  
ARG CD  HD2  sing N N 28  
ARG CD  HD3  sing N N 29  
ARG NE  CZ   sing N N 30  
ARG NE  HE   sing N N 31  
ARG CZ  NH1  sing N N 32  
ARG CZ  NH2  doub N N 33  
ARG NH1 HH11 sing N N 34  
ARG NH1 HH12 sing N N 35  
ARG NH2 HH21 sing N N 36  
ARG NH2 HH22 sing N N 37  
ARG OXT HXT  sing N N 38  
ASN N   CA   sing N N 39  
ASN N   H    sing N N 40  
ASN N   H2   sing N N 41  
ASN CA  C    sing N N 42  
ASN CA  CB   sing N N 43  
ASN CA  HA   sing N N 44  
ASN C   O    doub N N 45  
ASN C   OXT  sing N N 46  
ASN CB  CG   sing N N 47  
ASN CB  HB2  sing N N 48  
ASN CB  HB3  sing N N 49  
ASN CG  OD1  doub N N 50  
ASN CG  ND2  sing N N 51  
ASN ND2 HD21 sing N N 52  
ASN ND2 HD22 sing N N 53  
ASN OXT HXT  sing N N 54  
ASP N   CA   sing N N 55  
ASP N   H    sing N N 56  
ASP N   H2   sing N N 57  
ASP CA  C    sing N N 58  
ASP CA  CB   sing N N 59  
ASP CA  HA   sing N N 60  
ASP C   O    doub N N 61  
ASP C   OXT  sing N N 62  
ASP CB  CG   sing N N 63  
ASP CB  HB2  sing N N 64  
ASP CB  HB3  sing N N 65  
ASP CG  OD1  doub N N 66  
ASP CG  OD2  sing N N 67  
ASP OD2 HD2  sing N N 68  
ASP OXT HXT  sing N N 69  
CYS N   CA   sing N N 70  
CYS N   H    sing N N 71  
CYS N   H2   sing N N 72  
CYS CA  C    sing N N 73  
CYS CA  CB   sing N N 74  
CYS CA  HA   sing N N 75  
CYS C   O    doub N N 76  
CYS C   OXT  sing N N 77  
CYS CB  SG   sing N N 78  
CYS CB  HB2  sing N N 79  
CYS CB  HB3  sing N N 80  
CYS SG  HG   sing N N 81  
CYS OXT HXT  sing N N 82  
GLN N   CA   sing N N 83  
GLN N   H    sing N N 84  
GLN N   H2   sing N N 85  
GLN CA  C    sing N N 86  
GLN CA  CB   sing N N 87  
GLN CA  HA   sing N N 88  
GLN C   O    doub N N 89  
GLN C   OXT  sing N N 90  
GLN CB  CG   sing N N 91  
GLN CB  HB2  sing N N 92  
GLN CB  HB3  sing N N 93  
GLN CG  CD   sing N N 94  
GLN CG  HG2  sing N N 95  
GLN CG  HG3  sing N N 96  
GLN CD  OE1  doub N N 97  
GLN CD  NE2  sing N N 98  
GLN NE2 HE21 sing N N 99  
GLN NE2 HE22 sing N N 100 
GLN OXT HXT  sing N N 101 
GLU N   CA   sing N N 102 
GLU N   H    sing N N 103 
GLU N   H2   sing N N 104 
GLU CA  C    sing N N 105 
GLU CA  CB   sing N N 106 
GLU CA  HA   sing N N 107 
GLU C   O    doub N N 108 
GLU C   OXT  sing N N 109 
GLU CB  CG   sing N N 110 
GLU CB  HB2  sing N N 111 
GLU CB  HB3  sing N N 112 
GLU CG  CD   sing N N 113 
GLU CG  HG2  sing N N 114 
GLU CG  HG3  sing N N 115 
GLU CD  OE1  doub N N 116 
GLU CD  OE2  sing N N 117 
GLU OE2 HE2  sing N N 118 
GLU OXT HXT  sing N N 119 
GLY N   CA   sing N N 120 
GLY N   H    sing N N 121 
GLY N   H2   sing N N 122 
GLY CA  C    sing N N 123 
GLY CA  HA2  sing N N 124 
GLY CA  HA3  sing N N 125 
GLY C   O    doub N N 126 
GLY C   OXT  sing N N 127 
GLY OXT HXT  sing N N 128 
HIS N   CA   sing N N 129 
HIS N   H    sing N N 130 
HIS N   H2   sing N N 131 
HIS CA  C    sing N N 132 
HIS CA  CB   sing N N 133 
HIS CA  HA   sing N N 134 
HIS C   O    doub N N 135 
HIS C   OXT  sing N N 136 
HIS CB  CG   sing N N 137 
HIS CB  HB2  sing N N 138 
HIS CB  HB3  sing N N 139 
HIS CG  ND1  sing Y N 140 
HIS CG  CD2  doub Y N 141 
HIS ND1 CE1  doub Y N 142 
HIS ND1 HD1  sing N N 143 
HIS CD2 NE2  sing Y N 144 
HIS CD2 HD2  sing N N 145 
HIS CE1 NE2  sing Y N 146 
HIS CE1 HE1  sing N N 147 
HIS NE2 HE2  sing N N 148 
HIS OXT HXT  sing N N 149 
HOH O   H1   sing N N 150 
HOH O   H2   sing N N 151 
ILE N   CA   sing N N 152 
ILE N   H    sing N N 153 
ILE N   H2   sing N N 154 
ILE CA  C    sing N N 155 
ILE CA  CB   sing N N 156 
ILE CA  HA   sing N N 157 
ILE C   O    doub N N 158 
ILE C   OXT  sing N N 159 
ILE CB  CG1  sing N N 160 
ILE CB  CG2  sing N N 161 
ILE CB  HB   sing N N 162 
ILE CG1 CD1  sing N N 163 
ILE CG1 HG12 sing N N 164 
ILE CG1 HG13 sing N N 165 
ILE CG2 HG21 sing N N 166 
ILE CG2 HG22 sing N N 167 
ILE CG2 HG23 sing N N 168 
ILE CD1 HD11 sing N N 169 
ILE CD1 HD12 sing N N 170 
ILE CD1 HD13 sing N N 171 
ILE OXT HXT  sing N N 172 
LEU N   CA   sing N N 173 
LEU N   H    sing N N 174 
LEU N   H2   sing N N 175 
LEU CA  C    sing N N 176 
LEU CA  CB   sing N N 177 
LEU CA  HA   sing N N 178 
LEU C   O    doub N N 179 
LEU C   OXT  sing N N 180 
LEU CB  CG   sing N N 181 
LEU CB  HB2  sing N N 182 
LEU CB  HB3  sing N N 183 
LEU CG  CD1  sing N N 184 
LEU CG  CD2  sing N N 185 
LEU CG  HG   sing N N 186 
LEU CD1 HD11 sing N N 187 
LEU CD1 HD12 sing N N 188 
LEU CD1 HD13 sing N N 189 
LEU CD2 HD21 sing N N 190 
LEU CD2 HD22 sing N N 191 
LEU CD2 HD23 sing N N 192 
LEU OXT HXT  sing N N 193 
LYS N   CA   sing N N 194 
LYS N   H    sing N N 195 
LYS N   H2   sing N N 196 
LYS CA  C    sing N N 197 
LYS CA  CB   sing N N 198 
LYS CA  HA   sing N N 199 
LYS C   O    doub N N 200 
LYS C   OXT  sing N N 201 
LYS CB  CG   sing N N 202 
LYS CB  HB2  sing N N 203 
LYS CB  HB3  sing N N 204 
LYS CG  CD   sing N N 205 
LYS CG  HG2  sing N N 206 
LYS CG  HG3  sing N N 207 
LYS CD  CE   sing N N 208 
LYS CD  HD2  sing N N 209 
LYS CD  HD3  sing N N 210 
LYS CE  NZ   sing N N 211 
LYS CE  HE2  sing N N 212 
LYS CE  HE3  sing N N 213 
LYS NZ  HZ1  sing N N 214 
LYS NZ  HZ2  sing N N 215 
LYS NZ  HZ3  sing N N 216 
LYS OXT HXT  sing N N 217 
MET N   CA   sing N N 218 
MET N   H    sing N N 219 
MET N   H2   sing N N 220 
MET CA  C    sing N N 221 
MET CA  CB   sing N N 222 
MET CA  HA   sing N N 223 
MET C   O    doub N N 224 
MET C   OXT  sing N N 225 
MET CB  CG   sing N N 226 
MET CB  HB2  sing N N 227 
MET CB  HB3  sing N N 228 
MET CG  SD   sing N N 229 
MET CG  HG2  sing N N 230 
MET CG  HG3  sing N N 231 
MET SD  CE   sing N N 232 
MET CE  HE1  sing N N 233 
MET CE  HE2  sing N N 234 
MET CE  HE3  sing N N 235 
MET OXT HXT  sing N N 236 
PHE N   CA   sing N N 237 
PHE N   H    sing N N 238 
PHE N   H2   sing N N 239 
PHE CA  C    sing N N 240 
PHE CA  CB   sing N N 241 
PHE CA  HA   sing N N 242 
PHE C   O    doub N N 243 
PHE C   OXT  sing N N 244 
PHE CB  CG   sing N N 245 
PHE CB  HB2  sing N N 246 
PHE CB  HB3  sing N N 247 
PHE CG  CD1  doub Y N 248 
PHE CG  CD2  sing Y N 249 
PHE CD1 CE1  sing Y N 250 
PHE CD1 HD1  sing N N 251 
PHE CD2 CE2  doub Y N 252 
PHE CD2 HD2  sing N N 253 
PHE CE1 CZ   doub Y N 254 
PHE CE1 HE1  sing N N 255 
PHE CE2 CZ   sing Y N 256 
PHE CE2 HE2  sing N N 257 
PHE CZ  HZ   sing N N 258 
PHE OXT HXT  sing N N 259 
PRO N   CA   sing N N 260 
PRO N   CD   sing N N 261 
PRO N   H    sing N N 262 
PRO CA  C    sing N N 263 
PRO CA  CB   sing N N 264 
PRO CA  HA   sing N N 265 
PRO C   O    doub N N 266 
PRO C   OXT  sing N N 267 
PRO CB  CG   sing N N 268 
PRO CB  HB2  sing N N 269 
PRO CB  HB3  sing N N 270 
PRO CG  CD   sing N N 271 
PRO CG  HG2  sing N N 272 
PRO CG  HG3  sing N N 273 
PRO CD  HD2  sing N N 274 
PRO CD  HD3  sing N N 275 
PRO OXT HXT  sing N N 276 
SER N   CA   sing N N 277 
SER N   H    sing N N 278 
SER N   H2   sing N N 279 
SER CA  C    sing N N 280 
SER CA  CB   sing N N 281 
SER CA  HA   sing N N 282 
SER C   O    doub N N 283 
SER C   OXT  sing N N 284 
SER CB  OG   sing N N 285 
SER CB  HB2  sing N N 286 
SER CB  HB3  sing N N 287 
SER OG  HG   sing N N 288 
SER OXT HXT  sing N N 289 
SO4 S   O1   doub N N 290 
SO4 S   O2   doub N N 291 
SO4 S   O3   sing N N 292 
SO4 S   O4   sing N N 293 
THR N   CA   sing N N 294 
THR N   H    sing N N 295 
THR N   H2   sing N N 296 
THR CA  C    sing N N 297 
THR CA  CB   sing N N 298 
THR CA  HA   sing N N 299 
THR C   O    doub N N 300 
THR C   OXT  sing N N 301 
THR CB  OG1  sing N N 302 
THR CB  CG2  sing N N 303 
THR CB  HB   sing N N 304 
THR OG1 HG1  sing N N 305 
THR CG2 HG21 sing N N 306 
THR CG2 HG22 sing N N 307 
THR CG2 HG23 sing N N 308 
THR OXT HXT  sing N N 309 
TYR N   CA   sing N N 310 
TYR N   H    sing N N 311 
TYR N   H2   sing N N 312 
TYR CA  C    sing N N 313 
TYR CA  CB   sing N N 314 
TYR CA  HA   sing N N 315 
TYR C   O    doub N N 316 
TYR C   OXT  sing N N 317 
TYR CB  CG   sing N N 318 
TYR CB  HB2  sing N N 319 
TYR CB  HB3  sing N N 320 
TYR CG  CD1  doub Y N 321 
TYR CG  CD2  sing Y N 322 
TYR CD1 CE1  sing Y N 323 
TYR CD1 HD1  sing N N 324 
TYR CD2 CE2  doub Y N 325 
TYR CD2 HD2  sing N N 326 
TYR CE1 CZ   doub Y N 327 
TYR CE1 HE1  sing N N 328 
TYR CE2 CZ   sing Y N 329 
TYR CE2 HE2  sing N N 330 
TYR CZ  OH   sing N N 331 
TYR OH  HH   sing N N 332 
TYR OXT HXT  sing N N 333 
VAL N   CA   sing N N 334 
VAL N   H    sing N N 335 
VAL N   H2   sing N N 336 
VAL CA  C    sing N N 337 
VAL CA  CB   sing N N 338 
VAL CA  HA   sing N N 339 
VAL C   O    doub N N 340 
VAL C   OXT  sing N N 341 
VAL CB  CG1  sing N N 342 
VAL CB  CG2  sing N N 343 
VAL CB  HB   sing N N 344 
VAL CG1 HG11 sing N N 345 
VAL CG1 HG12 sing N N 346 
VAL CG1 HG13 sing N N 347 
VAL CG2 HG21 sing N N 348 
VAL CG2 HG22 sing N N 349 
VAL CG2 HG23 sing N N 350 
VAL OXT HXT  sing N N 351 
# 
_atom_sites.entry_id                    1SRN 
_atom_sites.fract_transf_matrix[1][1]   -0.00640876 
_atom_sites.fract_transf_matrix[1][2]   0.00787453 
_atom_sites.fract_transf_matrix[1][3]   0.01371124 
_atom_sites.fract_transf_matrix[2][1]   0.00648749 
_atom_sites.fract_transf_matrix[2][2]   0.01494454 
_atom_sites.fract_transf_matrix[2][3]   0.00506467 
_atom_sites.fract_transf_matrix[3][1]   -0.01006683 
_atom_sites.fract_transf_matrix[3][2]   0.00740617 
_atom_sites.fract_transf_matrix[3][3]   -0.00895878 
_atom_sites.fract_transf_vector[1]      0.505051 
_atom_sites.fract_transf_vector[2]      0.343236 
_atom_sites.fract_transf_vector[3]      0.413663 
# 
_atom_sites_footnote.id     1 
_atom_sites_footnote.text   'RESIDUE 93 IS A CIS-PROLINE.' 
# 
loop_
_atom_type.symbol 
C 
N 
O 
S 
# 
loop_
_atom_site.group_PDB 
_atom_site.id 
_atom_site.type_symbol 
_atom_site.label_atom_id 
_atom_site.label_alt_id 
_atom_site.label_comp_id 
_atom_site.label_asym_id 
_atom_site.label_entity_id 
_atom_site.label_seq_id 
_atom_site.pdbx_PDB_ins_code 
_atom_site.Cartn_x 
_atom_site.Cartn_y 
_atom_site.Cartn_z 
_atom_site.occupancy 
_atom_site.B_iso_or_equiv 
_atom_site.pdbx_formal_charge 
_atom_site.auth_seq_id 
_atom_site.auth_comp_id 
_atom_site.auth_asym_id 
_atom_site.auth_atom_id 
_atom_site.pdbx_PDB_model_num 
ATOM   1    N N   . LYS A 1 1   ? -6.460  -20.333 -1.676  1.00 32.74 ? 1   LYS A N   1 
ATOM   2    C CA  . LYS A 1 1   ? -5.425  -19.330 -1.935  1.00 32.05 ? 1   LYS A CA  1 
ATOM   3    C C   . LYS A 1 1   ? -5.855  -17.950 -1.466  1.00 31.16 ? 1   LYS A C   1 
ATOM   4    O O   . LYS A 1 1   ? -7.072  -17.668 -1.274  1.00 31.50 ? 1   LYS A O   1 
ATOM   5    C CB  . LYS A 1 1   ? -5.164  -19.189 -3.445  1.00 33.09 ? 1   LYS A CB  1 
ATOM   6    C CG  . LYS A 1 1   ? -3.833  -18.431 -3.710  1.00 34.29 ? 1   LYS A CG  1 
ATOM   7    C CD  . LYS A 1 1   ? -3.684  -18.303 -5.258  1.00 34.93 ? 1   LYS A CD  1 
ATOM   8    C CE  . LYS A 1 1   ? -4.539  -17.150 -5.762  1.00 35.35 ? 1   LYS A CE  1 
ATOM   9    N NZ  . LYS A 1 1   ? -5.975  -17.504 -5.909  1.00 35.85 ? 1   LYS A NZ  1 
ATOM   10   N N   . GLU A 1 2   ? -4.881  -17.084 -1.310  1.00 29.30 ? 2   GLU A N   1 
ATOM   11   C CA  . GLU A 1 2   ? -5.152  -15.709 -0.856  1.00 27.38 ? 2   GLU A CA  1 
ATOM   12   C C   . GLU A 1 2   ? -5.914  -14.952 -1.925  1.00 26.12 ? 2   GLU A C   1 
ATOM   13   O O   . GLU A 1 2   ? -5.433  -14.949 -3.055  1.00 26.39 ? 2   GLU A O   1 
ATOM   14   C CB  . GLU A 1 2   ? -3.848  -14.988 -0.575  1.00 27.12 ? 2   GLU A CB  1 
ATOM   15   C CG  . GLU A 1 2   ? -3.910  -13.597 0.032   1.00 26.16 ? 2   GLU A CG  1 
ATOM   16   C CD  . GLU A 1 2   ? -2.561  -13.130 0.521   1.00 25.53 ? 2   GLU A CD  1 
ATOM   17   O OE1 . GLU A 1 2   ? -1.575  -13.112 -0.201  1.00 25.09 ? 2   GLU A OE1 1 
ATOM   18   O OE2 . GLU A 1 2   ? -2.587  -12.775 1.706   1.00 24.78 ? 2   GLU A OE2 1 
ATOM   19   N N   . THR A 1 3   ? -7.046  -14.362 -1.548  1.00 24.80 ? 3   THR A N   1 
ATOM   20   C CA  . THR A 1 3   ? -7.868  -13.565 -2.463  1.00 23.26 ? 3   THR A CA  1 
ATOM   21   C C   . THR A 1 3   ? -7.124  -12.266 -2.755  1.00 22.23 ? 3   THR A C   1 
ATOM   22   O O   . THR A 1 3   ? -6.228  -11.876 -1.992  1.00 22.26 ? 3   THR A O   1 
ATOM   23   C CB  . THR A 1 3   ? -9.278  -13.195 -1.867  1.00 23.53 ? 3   THR A CB  1 
ATOM   24   O OG1 . THR A 1 3   ? -9.004  -12.315 -0.705  1.00 23.39 ? 3   THR A OG1 1 
ATOM   25   C CG2 . THR A 1 3   ? -10.186 -14.340 -1.429  1.00 23.71 ? 3   THR A CG2 1 
ATOM   26   N N   . ALA A 1 4   ? -7.529  -11.544 -3.775  1.00 20.81 ? 4   ALA A N   1 
ATOM   27   C CA  . ALA A 1 4   ? -6.920  -10.254 -4.180  1.00 19.56 ? 4   ALA A CA  1 
ATOM   28   C C   . ALA A 1 4   ? -7.129  -9.181  -3.109  1.00 18.79 ? 4   ALA A C   1 
ATOM   29   O O   . ALA A 1 4   ? -6.276  -8.302  -2.874  1.00 17.61 ? 4   ALA A O   1 
ATOM   30   C CB  . ALA A 1 4   ? -7.469  -9.795  -5.505  1.00 19.62 ? 4   ALA A CB  1 
ATOM   31   N N   . ALA A 1 5   ? -8.282  -9.286  -2.513  1.00 18.22 ? 5   ALA A N   1 
ATOM   32   C CA  . ALA A 1 5   ? -8.749  -8.410  -1.428  1.00 18.17 ? 5   ALA A CA  1 
ATOM   33   C C   . ALA A 1 5   ? -7.863  -8.681  -0.220  1.00 18.37 ? 5   ALA A C   1 
ATOM   34   O O   . ALA A 1 5   ? -7.352  -7.740  0.433   1.00 18.89 ? 5   ALA A O   1 
ATOM   35   C CB  . ALA A 1 5   ? -10.192 -8.741  -1.125  1.00 17.83 ? 5   ALA A CB  1 
ATOM   36   N N   . ALA A 1 6   ? -7.681  -9.974  0.044   1.00 17.91 ? 6   ALA A N   1 
ATOM   37   C CA  . ALA A 1 6   ? -6.862  -10.434 1.191   1.00 17.62 ? 6   ALA A CA  1 
ATOM   38   C C   . ALA A 1 6   ? -5.427  -10.056 0.957   1.00 17.34 ? 6   ALA A C   1 
ATOM   39   O O   . ALA A 1 6   ? -4.757  -9.696  1.982   1.00 18.24 ? 6   ALA A O   1 
ATOM   40   C CB  . ALA A 1 6   ? -7.049  -11.873 1.534   1.00 17.09 ? 6   ALA A CB  1 
ATOM   41   N N   . LYS A 1 7   ? -4.999  -10.133 -0.299  1.00 16.74 ? 7   LYS A N   1 
ATOM   42   C CA  . LYS A 1 7   ? -3.584  -9.751  -0.567  1.00 15.77 ? 7   LYS A CA  1 
ATOM   43   C C   . LYS A 1 7   ? -3.378  -8.256  -0.398  1.00 14.54 ? 7   LYS A C   1 
ATOM   44   O O   . LYS A 1 7   ? -2.281  -7.773  0.024   1.00 14.65 ? 7   LYS A O   1 
ATOM   45   C CB  . LYS A 1 7   ? -3.157  -10.142 -1.956  1.00 15.88 ? 7   LYS A CB  1 
ATOM   46   C CG  . LYS A 1 7   ? -1.649  -10.231 -2.147  1.00 16.30 ? 7   LYS A CG  1 
ATOM   47   C CD  . LYS A 1 7   ? -1.363  -10.100 -3.637  1.00 15.98 ? 7   LYS A CD  1 
ATOM   48   C CE  . LYS A 1 7   ? -0.014  -10.615 -4.087  1.00 17.66 ? 7   LYS A CE  1 
ATOM   49   N NZ  . LYS A 1 7   ? -0.375  -11.237 -5.477  1.00 18.08 ? 7   LYS A NZ  1 
ATOM   50   N N   . PHE A 1 8   ? -4.318  -7.461  -0.758  1.00 12.90 ? 8   PHE A N   1 
ATOM   51   C CA  . PHE A 1 8   ? -4.169  -5.978  -0.586  1.00 11.39 ? 8   PHE A CA  1 
ATOM   52   C C   . PHE A 1 8   ? -3.951  -5.645  0.856   1.00 11.71 ? 8   PHE A C   1 
ATOM   53   O O   . PHE A 1 8   ? -3.045  -4.966  1.336   1.00 11.29 ? 8   PHE A O   1 
ATOM   54   C CB  . PHE A 1 8   ? -5.446  -5.314  -1.122  1.00 9.51  ? 8   PHE A CB  1 
ATOM   55   C CG  . PHE A 1 8   ? -5.402  -3.836  -1.043  1.00 8.62  ? 8   PHE A CG  1 
ATOM   56   C CD1 . PHE A 1 8   ? -4.870  -3.055  -2.035  1.00 7.91  ? 8   PHE A CD1 1 
ATOM   57   C CD2 . PHE A 1 8   ? -5.950  -3.254  0.114   1.00 7.74  ? 8   PHE A CD2 1 
ATOM   58   C CE1 . PHE A 1 8   ? -4.859  -1.650  -1.872  1.00 8.08  ? 8   PHE A CE1 1 
ATOM   59   C CE2 . PHE A 1 8   ? -5.963  -1.862  0.270   1.00 7.25  ? 8   PHE A CE2 1 
ATOM   60   C CZ  . PHE A 1 8   ? -5.401  -1.077  -0.742  1.00 6.96  ? 8   PHE A CZ  1 
ATOM   61   N N   . GLU A 1 9   ? -4.926  -6.177  1.693   1.00 11.99 ? 9   GLU A N   1 
ATOM   62   C CA  . GLU A 1 9   ? -4.754  -5.878  3.130   1.00 12.32 ? 9   GLU A CA  1 
ATOM   63   C C   . GLU A 1 9   ? -3.398  -6.213  3.639   1.00 12.06 ? 9   GLU A C   1 
ATOM   64   O O   . GLU A 1 9   ? -2.690  -5.540  4.365   1.00 12.44 ? 9   GLU A O   1 
ATOM   65   C CB  . GLU A 1 9   ? -5.737  -6.791  3.913   1.00 12.85 ? 9   GLU A CB  1 
ATOM   66   C CG  . GLU A 1 9   ? -7.157  -6.220  3.903   1.00 15.11 ? 9   GLU A CG  1 
ATOM   67   C CD  . GLU A 1 9   ? -8.164  -7.283  4.244   1.00 15.07 ? 9   GLU A CD  1 
ATOM   68   O OE1 . GLU A 1 9   ? -9.291  -7.060  4.422   1.00 16.73 ? 9   GLU A OE1 1 
ATOM   69   O OE2 . GLU A 1 9   ? -7.652  -8.414  4.337   1.00 15.20 ? 9   GLU A OE2 1 
ATOM   70   N N   . ARG A 1 10  ? -2.907  -7.429  3.243   1.00 12.46 ? 10  ARG A N   1 
ATOM   71   C CA  . ARG A 1 10  ? -1.654  -7.954  3.682   1.00 12.35 ? 10  ARG A CA  1 
ATOM   72   C C   . ARG A 1 10  ? -0.477  -7.049  3.297   1.00 12.46 ? 10  ARG A C   1 
ATOM   73   O O   . ARG A 1 10  ? 0.346   -6.756  4.174   1.00 11.22 ? 10  ARG A O   1 
ATOM   74   C CB  . ARG A 1 10  ? -1.285  -9.366  3.161   1.00 12.36 ? 10  ARG A CB  1 
ATOM   75   C CG  . ARG A 1 10  ? 0.048   -9.790  3.664   1.00 13.12 ? 10  ARG A CG  1 
ATOM   76   C CD  . ARG A 1 10  ? 0.366   -11.225 3.384   1.00 13.43 ? 10  ARG A CD  1 
ATOM   77   N NE  . ARG A 1 10  ? 0.086   -11.610 1.996   1.00 13.83 ? 10  ARG A NE  1 
ATOM   78   C CZ  . ARG A 1 10  ? 1.041   -11.553 1.082   1.00 13.92 ? 10  ARG A CZ  1 
ATOM   79   N NH1 . ARG A 1 10  ? 0.781   -11.860 -0.181  1.00 14.58 ? 10  ARG A NH1 1 
ATOM   80   N NH2 . ARG A 1 10  ? 2.266   -11.251 1.501   1.00 14.10 ? 10  ARG A NH2 1 
ATOM   81   N N   . GLN A 1 11  ? -0.502  -6.725  1.958   1.00 12.41 ? 11  GLN A N   1 
ATOM   82   C CA  . GLN A 1 11  ? 0.604   -5.861  1.486   1.00 12.90 ? 11  GLN A CA  1 
ATOM   83   C C   . GLN A 1 11  ? 0.392   -4.402  1.786   1.00 12.41 ? 11  GLN A C   1 
ATOM   84   O O   . GLN A 1 11  ? 1.520   -3.788  1.839   1.00 11.85 ? 11  GLN A O   1 
ATOM   85   C CB  . GLN A 1 11  ? 0.990   -5.937  0.006   1.00 13.65 ? 11  GLN A CB  1 
ATOM   86   C CG  . GLN A 1 11  ? 0.365   -7.049  -0.792  1.00 16.01 ? 11  GLN A CG  1 
ATOM   87   C CD  . GLN A 1 11  ? 1.039   -7.164  -2.170  1.00 16.63 ? 11  GLN A CD  1 
ATOM   88   O OE1 . GLN A 1 11  ? 2.198   -7.579  -2.266  1.00 17.16 ? 11  GLN A OE1 1 
ATOM   89   N NE2 . GLN A 1 11  ? 0.280   -6.823  -3.198  1.00 17.48 ? 11  GLN A NE2 1 
ATOM   90   N N   . HIS A 1 12  ? -0.723  -3.773  2.013   1.00 12.05 ? 12  HIS A N   1 
ATOM   91   C CA  . HIS A 1 12  ? -0.768  -2.366  2.274   1.00 12.48 ? 12  HIS A CA  1 
ATOM   92   C C   . HIS A 1 12  ? -1.417  -1.783  3.473   1.00 12.89 ? 12  HIS A C   1 
ATOM   93   O O   . HIS A 1 12  ? -1.303  -0.529  3.614   1.00 12.54 ? 12  HIS A O   1 
ATOM   94   C CB  . HIS A 1 12  ? -1.588  -1.654  1.069   1.00 13.26 ? 12  HIS A CB  1 
ATOM   95   C CG  . HIS A 1 12  ? -0.974  -2.051  -0.223  1.00 13.16 ? 12  HIS A CG  1 
ATOM   96   N ND1 . HIS A 1 12  ? 0.291   -1.697  -0.642  1.00 13.77 ? 12  HIS A ND1 1 
ATOM   97   C CD2 . HIS A 1 12  ? -1.507  -2.783  -1.225  1.00 13.98 ? 12  HIS A CD2 1 
ATOM   98   C CE1 . HIS A 1 12  ? 0.523   -2.156  -1.832  1.00 14.16 ? 12  HIS A CE1 1 
ATOM   99   N NE2 . HIS A 1 12  ? -0.581  -2.854  -2.221  1.00 14.44 ? 12  HIS A NE2 1 
ATOM   100  N N   . MET A 1 13  ? -2.014  -2.579  4.342   1.00 13.80 ? 13  MET A N   1 
ATOM   101  C CA  . MET A 1 13  ? -2.704  -1.986  5.536   1.00 14.19 ? 13  MET A CA  1 
ATOM   102  C C   . MET A 1 13  ? -1.836  -2.113  6.767   1.00 15.23 ? 13  MET A C   1 
ATOM   103  O O   . MET A 1 13  ? -1.200  -3.148  7.057   1.00 15.11 ? 13  MET A O   1 
ATOM   104  C CB  . MET A 1 13  ? -4.007  -2.702  5.693   1.00 14.55 ? 13  MET A CB  1 
ATOM   105  C CG  . MET A 1 13  ? -5.144  -2.525  4.751   1.00 14.22 ? 13  MET A CG  1 
ATOM   106  S SD  . MET A 1 13  ? -5.456  -0.725  4.505   1.00 13.21 ? 13  MET A SD  1 
ATOM   107  C CE  . MET A 1 13  ? -5.890  -0.253  6.212   1.00 12.96 ? 13  MET A CE  1 
ATOM   108  N N   . ASP A 1 14  ? -1.765  -1.003  7.537   1.00 16.24 ? 14  ASP A N   1 
ATOM   109  C CA  . ASP A 1 14  ? -1.019  -0.963  8.791   1.00 17.85 ? 14  ASP A CA  1 
ATOM   110  C C   . ASP A 1 14  ? -1.849  -0.014  9.712   1.00 18.53 ? 14  ASP A C   1 
ATOM   111  O O   . ASP A 1 14  ? -1.479  1.098   9.938   1.00 19.05 ? 14  ASP A O   1 
ATOM   112  C CB  . ASP A 1 14  ? 0.455   -0.629  8.734   1.00 17.54 ? 14  ASP A CB  1 
ATOM   113  C CG  . ASP A 1 14  ? 1.113   -0.821  10.105  1.00 18.39 ? 14  ASP A CG  1 
ATOM   114  O OD1 . ASP A 1 14  ? 0.644   -1.656  10.925  1.00 17.57 ? 14  ASP A OD1 1 
ATOM   115  O OD2 . ASP A 1 14  ? 2.114   -0.093  10.348  1.00 18.28 ? 14  ASP A OD2 1 
ATOM   116  N N   . SER A 1 15  ? -2.974  -0.511  10.210  1.00 20.22 ? 15  SER A N   1 
ATOM   117  C CA  . SER A 1 15  ? -3.790  0.351   11.060  1.00 21.83 ? 15  SER A CA  1 
ATOM   118  C C   . SER A 1 15  ? -3.284  0.390   12.499  1.00 22.99 ? 15  SER A C   1 
ATOM   119  O O   . SER A 1 15  ? -3.953  1.098   13.299  1.00 23.72 ? 15  SER A O   1 
ATOM   120  C CB  . SER A 1 15  ? -5.238  -0.043  10.983  1.00 22.27 ? 15  SER A CB  1 
ATOM   121  O OG  . SER A 1 15  ? -5.644  -0.280  9.614   1.00 22.58 ? 15  SER A OG  1 
ATOM   122  N N   . SER A 1 16  ? -2.229  -0.293  12.869  1.00 24.12 ? 16  SER A N   1 
ATOM   123  C CA  . SER A 1 16  ? -1.791  -0.226  14.283  1.00 25.56 ? 16  SER A CA  1 
ATOM   124  C C   . SER A 1 16  ? -0.859  0.931   14.519  1.00 26.42 ? 16  SER A C   1 
ATOM   125  O O   . SER A 1 16  ? -0.374  1.086   15.649  1.00 27.01 ? 16  SER A O   1 
ATOM   126  C CB  . SER A 1 16  ? -1.050  -1.540  14.637  1.00 26.07 ? 16  SER A CB  1 
ATOM   127  O OG  . SER A 1 16  ? 0.180   -1.465  13.871  1.00 26.64 ? 16  SER A OG  1 
ATOM   128  N N   . THR A 1 17  ? -0.572  1.703   13.477  1.00 27.15 ? 17  THR A N   1 
ATOM   129  C CA  . THR A 1 17  ? 0.384   2.825   13.614  1.00 27.83 ? 17  THR A CA  1 
ATOM   130  C C   . THR A 1 17  ? -0.101  4.041   12.905  1.00 28.00 ? 17  THR A C   1 
ATOM   131  O O   . THR A 1 17  ? -0.685  3.890   11.824  1.00 27.97 ? 17  THR A O   1 
ATOM   132  C CB  . THR A 1 17  ? 1.804   2.350   13.052  1.00 28.35 ? 17  THR A CB  1 
ATOM   133  O OG1 . THR A 1 17  ? 2.827   3.227   13.643  1.00 28.94 ? 17  THR A OG1 1 
ATOM   134  C CG2 . THR A 1 17  ? 1.868   2.382   11.535  1.00 28.45 ? 17  THR A CG2 1 
ATOM   135  N N   . SER A 1 18  ? 0.104   5.212   13.515  1.00 28.54 ? 18  SER A N   1 
ATOM   136  C CA  . SER A 1 18  ? -0.353  6.451   12.866  1.00 29.38 ? 18  SER A CA  1 
ATOM   137  C C   . SER A 1 18  ? 0.629   6.923   11.808  1.00 29.16 ? 18  SER A C   1 
ATOM   138  O O   . SER A 1 18  ? 0.240   7.765   10.969  1.00 29.18 ? 18  SER A O   1 
ATOM   139  C CB  . SER A 1 18  ? -0.585  7.595   13.881  1.00 29.90 ? 18  SER A CB  1 
ATOM   140  O OG  . SER A 1 18  ? 0.655   7.783   14.591  1.00 31.06 ? 18  SER A OG  1 
ATOM   141  N N   . ALA A 1 19  ? 1.829   6.379   11.864  1.00 29.46 ? 19  ALA A N   1 
ATOM   142  C CA  . ALA A 1 19  ? 2.882   6.760   10.906  1.00 29.66 ? 19  ALA A CA  1 
ATOM   143  C C   . ALA A 1 19  ? 4.142   5.960   11.152  1.00 29.96 ? 19  ALA A C   1 
ATOM   144  O O   . ALA A 1 19  ? 4.308   5.427   12.275  1.00 29.56 ? 19  ALA A O   1 
ATOM   145  C CB  . ALA A 1 19  ? 3.159   8.247   11.080  1.00 30.25 ? 19  ALA A CB  1 
ATOM   146  N N   . ALA A 1 20  ? 5.007   5.897   10.147  1.00 30.10 ? 20  ALA A N   1 
ATOM   147  C CA  . ALA A 1 20  ? 6.262   5.153   10.271  1.00 30.68 ? 20  ALA A CA  1 
ATOM   148  C C   . ALA A 1 20  ? 7.033   5.755   11.443  1.00 31.15 ? 20  ALA A C   1 
ATOM   149  O O   . ALA A 1 20  ? 7.365   6.935   11.408  1.00 31.66 ? 20  ALA A O   1 
ATOM   150  C CB  . ALA A 1 20  ? 7.148   5.173   9.054   1.00 30.90 ? 20  ALA A CB  1 
ATOM   151  N N   . SER A 1 21  ? 7.292   4.890   12.377  1.00 31.85 ? 21  SER A N   1 
ATOM   152  C CA  . SER A 1 21  ? 8.045   5.229   13.601  1.00 32.03 ? 21  SER A CA  1 
ATOM   153  C C   . SER A 1 21  ? 9.467   5.700   13.350  1.00 31.74 ? 21  SER A C   1 
ATOM   154  O O   . SER A 1 21  ? 9.927   6.805   13.786  1.00 32.16 ? 21  SER A O   1 
ATOM   155  C CB  . SER A 1 21  ? 8.065   3.956   14.493  1.00 32.28 ? 21  SER A CB  1 
ATOM   156  O OG  . SER A 1 21  ? 8.543   2.834   13.712  1.00 32.90 ? 21  SER A OG  1 
ATOM   157  N N   . SER A 1 22  ? 10.219  4.825   12.666  1.00 30.55 ? 22  SER A N   1 
ATOM   158  C CA  . SER A 1 22  ? 11.639  5.091   12.379  1.00 29.06 ? 22  SER A CA  1 
ATOM   159  C C   . SER A 1 22  ? 11.970  4.777   10.948  1.00 28.17 ? 22  SER A C   1 
ATOM   160  O O   . SER A 1 22  ? 11.089  4.366   10.177  1.00 28.25 ? 22  SER A O   1 
ATOM   161  C CB  . SER A 1 22  ? 12.430  4.122   13.299  1.00 28.85 ? 22  SER A CB  1 
ATOM   162  O OG  . SER A 1 22  ? 12.192  2.812   12.795  1.00 28.82 ? 22  SER A OG  1 
ATOM   163  N N   . SER A 1 23  ? 13.249  4.940   10.601  1.00 26.62 ? 23  SER A N   1 
ATOM   164  C CA  . SER A 1 23  ? 13.883  4.733   9.350   1.00 24.91 ? 23  SER A CA  1 
ATOM   165  C C   . SER A 1 23  ? 13.949  3.260   8.947   1.00 23.72 ? 23  SER A C   1 
ATOM   166  O O   . SER A 1 23  ? 14.283  2.880   7.832   1.00 23.74 ? 23  SER A O   1 
ATOM   167  C CB  . SER A 1 23  ? 15.359  5.268   9.406   1.00 25.09 ? 23  SER A CB  1 
ATOM   168  O OG  . SER A 1 23  ? 15.994  4.473   10.402  1.00 25.70 ? 23  SER A OG  1 
ATOM   169  N N   . ASN A 1 24  ? 13.648  2.410   9.900   1.00 22.54 ? 24  ASN A N   1 
ATOM   170  C CA  . ASN A 1 24  ? 13.582  0.994   9.786   1.00 21.25 ? 24  ASN A CA  1 
ATOM   171  C C   . ASN A 1 24  ? 12.161  0.441   9.630   1.00 19.48 ? 24  ASN A C   1 
ATOM   172  O O   . ASN A 1 24  ? 12.119  -0.768  9.560   1.00 19.26 ? 24  ASN A O   1 
ATOM   173  C CB  . ASN A 1 24  ? 14.185  0.294   11.010  1.00 22.84 ? 24  ASN A CB  1 
ATOM   174  C CG  . ASN A 1 24  ? 15.611  -0.055  10.529  1.00 24.11 ? 24  ASN A CG  1 
ATOM   175  O OD1 . ASN A 1 24  ? 16.519  0.668   10.960  1.00 25.09 ? 24  ASN A OD1 1 
ATOM   176  N ND2 . ASN A 1 24  ? 15.671  -1.055  9.672   1.00 24.64 ? 24  ASN A ND2 1 
ATOM   177  N N   . TYR A 1 25  ? 11.158  1.331   9.581   1.00 17.58 ? 25  TYR A N   1 
ATOM   178  C CA  . TYR A 1 25  ? 9.776   0.765   9.460   1.00 15.36 ? 25  TYR A CA  1 
ATOM   179  C C   . TYR A 1 25  ? 9.609   -0.137  8.267   1.00 15.11 ? 25  TYR A C   1 
ATOM   180  O O   . TYR A 1 25  ? 8.897   -1.203  8.275   1.00 15.38 ? 25  TYR A O   1 
ATOM   181  C CB  . TYR A 1 25  ? 8.737   1.901   9.421   1.00 14.15 ? 25  TYR A CB  1 
ATOM   182  C CG  . TYR A 1 25  ? 7.334   1.427   9.121   1.00 12.51 ? 25  TYR A CG  1 
ATOM   183  C CD1 . TYR A 1 25  ? 6.402   1.206   10.147  1.00 12.44 ? 25  TYR A CD1 1 
ATOM   184  C CD2 . TYR A 1 25  ? 6.916   1.236   7.797   1.00 12.30 ? 25  TYR A CD2 1 
ATOM   185  C CE1 . TYR A 1 25  ? 5.111   0.816   9.904   1.00 12.08 ? 25  TYR A CE1 1 
ATOM   186  C CE2 . TYR A 1 25  ? 5.618   0.852   7.529   1.00 11.73 ? 25  TYR A CE2 1 
ATOM   187  C CZ  . TYR A 1 25  ? 4.738   0.638   8.557   1.00 12.05 ? 25  TYR A CZ  1 
ATOM   188  O OH  . TYR A 1 25  ? 3.460   0.183   8.206   1.00 12.72 ? 25  TYR A OH  1 
ATOM   189  N N   . CYS A 1 26  ? 10.121  0.262   7.117   1.00 14.27 ? 26  CYS A N   1 
ATOM   190  C CA  . CYS A 1 26  ? 10.006  -0.523  5.908   1.00 13.27 ? 26  CYS A CA  1 
ATOM   191  C C   . CYS A 1 26  ? 10.795  -1.808  6.002   1.00 13.82 ? 26  CYS A C   1 
ATOM   192  O O   . CYS A 1 26  ? 10.300  -2.860  5.462   1.00 14.18 ? 26  CYS A O   1 
ATOM   193  C CB  . CYS A 1 26  ? 10.493  0.273   4.661   1.00 11.96 ? 26  CYS A CB  1 
ATOM   194  S SG  . CYS A 1 26  ? 9.226   1.502   4.267   1.00 9.96  ? 26  CYS A SG  1 
ATOM   195  N N   . ASN A 1 27  ? 11.986  -1.743  6.568   1.00 14.00 ? 27  ASN A N   1 
ATOM   196  C CA  . ASN A 1 27  ? 12.764  -3.028  6.616   1.00 15.42 ? 27  ASN A CA  1 
ATOM   197  C C   . ASN A 1 27  ? 12.012  -4.122  7.374   1.00 16.32 ? 27  ASN A C   1 
ATOM   198  O O   . ASN A 1 27  ? 12.040  -5.338  6.986   1.00 16.06 ? 27  ASN A O   1 
ATOM   199  C CB  . ASN A 1 27  ? 14.107  -2.774  7.214   1.00 15.57 ? 27  ASN A CB  1 
ATOM   200  C CG  . ASN A 1 27  ? 15.067  -2.176  6.212   1.00 15.64 ? 27  ASN A CG  1 
ATOM   201  O OD1 . ASN A 1 27  ? 15.966  -1.516  6.787   1.00 15.96 ? 27  ASN A OD1 1 
ATOM   202  N ND2 . ASN A 1 27  ? 14.851  -2.381  4.909   1.00 15.59 ? 27  ASN A ND2 1 
ATOM   203  N N   . GLN A 1 28  ? 11.451  -3.673  8.458   1.00 17.34 ? 28  GLN A N   1 
ATOM   204  C CA  . GLN A 1 28  ? 10.661  -4.412  9.420   1.00 18.74 ? 28  GLN A CA  1 
ATOM   205  C C   . GLN A 1 28  ? 9.383   -5.002  8.820   1.00 18.09 ? 28  GLN A C   1 
ATOM   206  O O   . GLN A 1 28  ? 9.015   -6.175  8.869   1.00 18.38 ? 28  GLN A O   1 
ATOM   207  C CB  . GLN A 1 28  ? 10.152  -3.308  10.399  1.00 20.96 ? 28  GLN A CB  1 
ATOM   208  C CG  . GLN A 1 28  ? 10.359  -3.539  11.851  1.00 23.82 ? 28  GLN A CG  1 
ATOM   209  C CD  . GLN A 1 28  ? 11.805  -3.309  12.206  1.00 25.58 ? 28  GLN A CD  1 
ATOM   210  O OE1 . GLN A 1 28  ? 12.170  -2.585  13.159  1.00 27.29 ? 28  GLN A OE1 1 
ATOM   211  N NE2 . GLN A 1 28  ? 12.672  -3.959  11.440  1.00 26.31 ? 28  GLN A NE2 1 
ATOM   212  N N   . MET A 1 29  ? 8.613   -4.066  8.263   1.00 17.82 ? 29  MET A N   1 
ATOM   213  C CA  . MET A 1 29  ? 7.323   -4.397  7.649   1.00 16.48 ? 29  MET A CA  1 
ATOM   214  C C   . MET A 1 29  ? 7.422   -5.186  6.384   1.00 16.66 ? 29  MET A C   1 
ATOM   215  O O   . MET A 1 29  ? 6.489   -6.060  6.178   1.00 16.29 ? 29  MET A O   1 
ATOM   216  C CB  . MET A 1 29  ? 6.492   -3.083  7.580   1.00 16.47 ? 29  MET A CB  1 
ATOM   217  C CG  . MET A 1 29  ? 6.296   -2.546  8.960   1.00 16.52 ? 29  MET A CG  1 
ATOM   218  S SD  . MET A 1 29  ? 4.878   -3.471  9.686   1.00 16.10 ? 29  MET A SD  1 
ATOM   219  C CE  . MET A 1 29  ? 3.674   -3.091  8.353   1.00 16.37 ? 29  MET A CE  1 
ATOM   220  N N   . MET A 1 30  ? 8.382   -4.974  5.476   1.00 16.15 ? 30  MET A N   1 
ATOM   221  C CA  . MET A 1 30  ? 8.385   -5.785  4.222   1.00 16.31 ? 30  MET A CA  1 
ATOM   222  C C   . MET A 1 30  ? 8.551   -7.241  4.561   1.00 17.18 ? 30  MET A C   1 
ATOM   223  O O   . MET A 1 30  ? 7.919   -8.223  4.012   1.00 17.07 ? 30  MET A O   1 
ATOM   224  C CB  . MET A 1 30  ? 9.417   -5.136  3.259   1.00 15.93 ? 30  MET A CB  1 
ATOM   225  C CG  . MET A 1 30  ? 9.050   -3.730  2.842   1.00 15.35 ? 30  MET A CG  1 
ATOM   226  S SD  . MET A 1 30  ? 7.731   -3.690  1.629   1.00 15.34 ? 30  MET A SD  1 
ATOM   227  C CE  . MET A 1 30  ? 8.364   -4.402  0.139   1.00 15.12 ? 30  MET A CE  1 
ATOM   228  N N   . LYS A 1 31  ? 9.423   -7.506  5.496   1.00 18.12 ? 31  LYS A N   1 
ATOM   229  C CA  . LYS A 1 31  ? 9.750   -8.857  5.979   1.00 19.64 ? 31  LYS A CA  1 
ATOM   230  C C   . LYS A 1 31  ? 8.538   -9.481  6.655   1.00 19.39 ? 31  LYS A C   1 
ATOM   231  O O   . LYS A 1 31  ? 8.035   -10.517 6.172   1.00 19.88 ? 31  LYS A O   1 
ATOM   232  C CB  . LYS A 1 31  ? 10.916  -8.704  6.943   1.00 20.92 ? 31  LYS A CB  1 
ATOM   233  C CG  . LYS A 1 31  ? 11.284  -9.813  7.866   1.00 22.59 ? 31  LYS A CG  1 
ATOM   234  C CD  . LYS A 1 31  ? 12.464  -10.677 7.396   1.00 23.19 ? 31  LYS A CD  1 
ATOM   235  C CE  . LYS A 1 31  ? 12.267  -11.345 6.059   1.00 23.86 ? 31  LYS A CE  1 
ATOM   236  N NZ  . LYS A 1 31  ? 13.533  -12.071 5.599   1.00 23.80 ? 31  LYS A NZ  1 
ATOM   237  N N   . SER A 1 32  ? 8.024   -8.883  7.698   1.00 19.22 ? 32  SER A N   1 
ATOM   238  C CA  . SER A 1 32  ? 6.886   -9.391  8.464   1.00 19.57 ? 32  SER A CA  1 
ATOM   239  C C   . SER A 1 32  ? 5.614   -9.621  7.655   1.00 19.20 ? 32  SER A C   1 
ATOM   240  O O   . SER A 1 32  ? 4.927   -10.632 7.990   1.00 20.02 ? 32  SER A O   1 
ATOM   241  C CB  . SER A 1 32  ? 6.622   -8.596  9.717   1.00 20.29 ? 32  SER A CB  1 
ATOM   242  O OG  . SER A 1 32  ? 6.040   -7.369  9.525   1.00 20.88 ? 32  SER A OG  1 
ATOM   243  N N   . ARG A 1 33  ? 5.353   -8.812  6.700   1.00 17.91 ? 33  ARG A N   1 
ATOM   244  C CA  . ARG A 1 33  ? 4.152   -8.932  5.819   1.00 17.53 ? 33  ARG A CA  1 
ATOM   245  C C   . ARG A 1 33  ? 4.479   -9.923  4.726   1.00 18.37 ? 33  ARG A C   1 
ATOM   246  O O   . ARG A 1 33  ? 3.729   -10.166 3.785   1.00 18.64 ? 33  ARG A O   1 
ATOM   247  C CB  . ARG A 1 33  ? 3.745   -7.601  5.236   1.00 15.42 ? 33  ARG A CB  1 
ATOM   248  C CG  . ARG A 1 33  ? 2.911   -6.714  6.135   1.00 14.44 ? 33  ARG A CG  1 
ATOM   249  C CD  . ARG A 1 33  ? 1.960   -7.515  7.030   1.00 12.26 ? 33  ARG A CD  1 
ATOM   250  N NE  . ARG A 1 33  ? 1.373   -6.606  8.062   1.00 12.00 ? 33  ARG A NE  1 
ATOM   251  C CZ  . ARG A 1 33  ? 0.501   -5.664  7.657   1.00 11.63 ? 33  ARG A CZ  1 
ATOM   252  N NH1 . ARG A 1 33  ? 0.104   -5.452  6.387   1.00 9.99  ? 33  ARG A NH1 1 
ATOM   253  N NH2 . ARG A 1 33  ? 0.028   -4.896  8.589   1.00 11.06 ? 33  ARG A NH2 1 
ATOM   254  N N   . ASN A 1 34  ? 5.694   -10.444 4.842   1.00 20.68 ? 34  ASN A N   1 
ATOM   255  C CA  . ASN A 1 34  ? 6.231   -11.451 3.932   1.00 22.53 ? 34  ASN A CA  1 
ATOM   256  C C   . ASN A 1 34  ? 6.545   -11.001 2.541   1.00 22.51 ? 34  ASN A C   1 
ATOM   257  O O   . ASN A 1 34  ? 6.416   -11.858 1.650   1.00 22.66 ? 34  ASN A O   1 
ATOM   258  C CB  . ASN A 1 34  ? 5.048   -12.495 3.846   1.00 24.37 ? 34  ASN A CB  1 
ATOM   259  C CG  . ASN A 1 34  ? 5.596   -13.796 3.338   1.00 25.81 ? 34  ASN A CG  1 
ATOM   260  O OD1 . ASN A 1 34  ? 6.516   -14.329 4.053   1.00 26.75 ? 34  ASN A OD1 1 
ATOM   261  N ND2 . ASN A 1 34  ? 5.028   -14.162 2.198   1.00 26.53 ? 34  ASN A ND2 1 
ATOM   262  N N   . LEU A 1 35  ? 6.913   -9.790  2.333   1.00 22.70 ? 35  LEU A N   1 
ATOM   263  C CA  . LEU A 1 35  ? 7.213   -9.269  0.966   1.00 23.06 ? 35  LEU A CA  1 
ATOM   264  C C   . LEU A 1 35  ? 8.641   -9.468  0.546   1.00 23.70 ? 35  LEU A C   1 
ATOM   265  O O   . LEU A 1 35  ? 9.093   -8.877  -0.484  1.00 23.18 ? 35  LEU A O   1 
ATOM   266  C CB  . LEU A 1 35  ? 6.674   -7.826  0.980   1.00 22.64 ? 35  LEU A CB  1 
ATOM   267  C CG  . LEU A 1 35  ? 5.178   -7.743  1.220   1.00 22.81 ? 35  LEU A CG  1 
ATOM   268  C CD1 . LEU A 1 35  ? 4.696   -6.470  1.848   1.00 22.28 ? 35  LEU A CD1 1 
ATOM   269  C CD2 . LEU A 1 35  ? 4.464   -7.899  -0.154  1.00 23.28 ? 35  LEU A CD2 1 
ATOM   270  N N   . THR A 1 36  ? 9.388   -10.246 1.297   1.00 24.97 ? 36  THR A N   1 
ATOM   271  C CA  . THR A 1 36  ? 10.808  -10.516 0.947   1.00 26.39 ? 36  THR A CA  1 
ATOM   272  C C   . THR A 1 36  ? 11.061  -12.018 0.923   1.00 28.29 ? 36  THR A C   1 
ATOM   273  O O   . THR A 1 36  ? 12.204  -12.444 1.223   1.00 28.42 ? 36  THR A O   1 
ATOM   274  C CB  . THR A 1 36  ? 11.798  -9.721  1.876   1.00 25.97 ? 36  THR A CB  1 
ATOM   275  O OG1 . THR A 1 36  ? 11.645  -10.229 3.210   1.00 24.65 ? 36  THR A OG1 1 
ATOM   276  C CG2 . THR A 1 36  ? 11.603  -8.186  1.781   1.00 25.69 ? 36  THR A CG2 1 
ATOM   277  N N   . LYS A 1 37  ? 10.039  -12.803 0.550   1.00 29.85 ? 37  LYS A N   1 
ATOM   278  C CA  . LYS A 1 37  ? 10.299  -14.264 0.576   1.00 31.96 ? 37  LYS A CA  1 
ATOM   279  C C   . LYS A 1 37  ? 10.957  -14.747 -0.665  1.00 33.25 ? 37  LYS A C   1 
ATOM   280  O O   . LYS A 1 37  ? 12.100  -15.316 -0.432  1.00 33.74 ? 37  LYS A O   1 
ATOM   281  C CB  . LYS A 1 37  ? 9.086   -15.025 1.093   1.00 32.60 ? 37  LYS A CB  1 
ATOM   282  C CG  . LYS A 1 37  ? 9.061   -14.974 2.667   1.00 33.46 ? 37  LYS A CG  1 
ATOM   283  C CD  . LYS A 1 37  ? 9.085   -13.517 3.109   1.00 33.94 ? 37  LYS A CD  1 
ATOM   284  C CE  . LYS A 1 37  ? 9.485   -13.260 4.565   1.00 34.28 ? 37  LYS A CE  1 
ATOM   285  N NZ  . LYS A 1 37  ? 9.596   -11.758 4.710   1.00 34.07 ? 37  LYS A NZ  1 
ATOM   286  N N   . ASP A 1 38  ? 10.456  -14.593 -1.874  1.00 34.23 ? 38  ASP A N   1 
ATOM   287  C CA  . ASP A 1 38  ? 11.212  -15.115 -3.048  1.00 35.39 ? 38  ASP A CA  1 
ATOM   288  C C   . ASP A 1 38  ? 12.197  -14.082 -3.551  1.00 35.24 ? 38  ASP A C   1 
ATOM   289  O O   . ASP A 1 38  ? 13.281  -14.426 -4.052  1.00 35.70 ? 38  ASP A O   1 
ATOM   290  C CB  . ASP A 1 38  ? 10.213  -15.678 -4.083  1.00 36.53 ? 38  ASP A CB  1 
ATOM   291  C CG  . ASP A 1 38  ? 9.312   -16.608 -3.207  1.00 37.29 ? 38  ASP A CG  1 
ATOM   292  O OD1 . ASP A 1 38  ? 8.112   -16.283 -3.103  1.00 38.24 ? 38  ASP A OD1 1 
ATOM   293  O OD2 . ASP A 1 38  ? 9.929   -17.542 -2.672  1.00 37.18 ? 38  ASP A OD2 1 
ATOM   294  N N   . ARG A 1 39  ? 11.831  -12.837 -3.363  1.00 34.46 ? 39  ARG A N   1 
ATOM   295  C CA  . ARG A 1 39  ? 12.668  -11.697 -3.763  1.00 33.67 ? 39  ARG A CA  1 
ATOM   296  C C   . ARG A 1 39  ? 12.286  -10.501 -2.895  1.00 31.85 ? 39  ARG A C   1 
ATOM   297  O O   . ARG A 1 39  ? 11.385  -10.593 -2.034  1.00 31.76 ? 39  ARG A O   1 
ATOM   298  C CB  . ARG A 1 39  ? 12.408  -11.428 -5.248  1.00 34.94 ? 39  ARG A CB  1 
ATOM   299  C CG  . ARG A 1 39  ? 11.061  -12.006 -5.716  1.00 36.61 ? 39  ARG A CG  1 
ATOM   300  C CD  . ARG A 1 39  ? 9.898   -11.379 -5.071  1.00 37.93 ? 39  ARG A CD  1 
ATOM   301  N NE  . ARG A 1 39  ? 9.200   -11.917 -3.991  1.00 39.18 ? 39  ARG A NE  1 
ATOM   302  C CZ  . ARG A 1 39  ? 8.423   -12.936 -3.657  1.00 40.01 ? 39  ARG A CZ  1 
ATOM   303  N NH1 . ARG A 1 39  ? 8.027   -13.990 -4.402  1.00 40.09 ? 39  ARG A NH1 1 
ATOM   304  N NH2 . ARG A 1 39  ? 7.859   -12.893 -2.396  1.00 40.27 ? 39  ARG A NH2 1 
ATOM   305  N N   . CYS A 1 40  ? 12.986  -9.405  -3.146  1.00 29.48 ? 40  CYS A N   1 
ATOM   306  C CA  . CYS A 1 40  ? 12.696  -8.167  -2.412  1.00 27.67 ? 40  CYS A CA  1 
ATOM   307  C C   . CYS A 1 40  ? 11.601  -7.440  -3.275  1.00 26.32 ? 40  CYS A C   1 
ATOM   308  O O   . CYS A 1 40  ? 11.935  -7.183  -4.443  1.00 26.22 ? 40  CYS A O   1 
ATOM   309  C CB  . CYS A 1 40  ? 13.881  -7.240  -2.269  1.00 27.13 ? 40  CYS A CB  1 
ATOM   310  S SG  . CYS A 1 40  ? 15.388  -7.968  -1.573  1.00 26.30 ? 40  CYS A SG  1 
ATOM   311  N N   . LYS A 1 41  ? 10.459  -7.207  -2.720  1.00 24.53 ? 41  LYS A N   1 
ATOM   312  C CA  . LYS A 1 41  ? 9.411   -6.475  -3.476  1.00 22.53 ? 41  LYS A CA  1 
ATOM   313  C C   . LYS A 1 41  ? 10.085  -5.080  -3.571  1.00 21.13 ? 41  LYS A C   1 
ATOM   314  O O   . LYS A 1 41  ? 10.353  -4.492  -2.507  1.00 21.02 ? 41  LYS A O   1 
ATOM   315  C CB  . LYS A 1 41  ? 8.055   -6.378  -2.831  1.00 23.08 ? 41  LYS A CB  1 
ATOM   316  C CG  . LYS A 1 41  ? 6.966   -5.954  -3.801  1.00 23.89 ? 41  LYS A CG  1 
ATOM   317  C CD  . LYS A 1 41  ? 5.543   -6.072  -3.292  1.00 25.00 ? 41  LYS A CD  1 
ATOM   318  C CE  . LYS A 1 41  ? 4.579   -5.355  -4.223  1.00 25.69 ? 41  LYS A CE  1 
ATOM   319  N NZ  . LYS A 1 41  ? 3.485   -4.718  -3.416  1.00 26.98 ? 41  LYS A NZ  1 
ATOM   320  N N   . PRO A 1 42  ? 10.335  -4.643  -4.777  1.00 19.44 ? 42  PRO A N   1 
ATOM   321  C CA  . PRO A 1 42  ? 11.012  -3.355  -4.991  1.00 18.59 ? 42  PRO A CA  1 
ATOM   322  C C   . PRO A 1 42  ? 10.325  -2.131  -4.416  1.00 18.20 ? 42  PRO A C   1 
ATOM   323  O O   . PRO A 1 42  ? 11.037  -1.249  -3.868  1.00 17.24 ? 42  PRO A O   1 
ATOM   324  C CB  . PRO A 1 42  ? 11.335  -3.265  -6.450  1.00 18.49 ? 42  PRO A CB  1 
ATOM   325  C CG  . PRO A 1 42  ? 10.679  -4.417  -7.115  1.00 18.56 ? 42  PRO A CG  1 
ATOM   326  C CD  . PRO A 1 42  ? 10.074  -5.330  -6.045  1.00 19.19 ? 42  PRO A CD  1 
ATOM   327  N N   . VAL A 1 43  ? 9.026   -2.031  -4.583  1.00 17.36 ? 43  VAL A N   1 
ATOM   328  C CA  . VAL A 1 43  ? 8.343   -0.818  -4.010  1.00 16.88 ? 43  VAL A CA  1 
ATOM   329  C C   . VAL A 1 43  ? 7.093   -1.231  -3.253  1.00 16.00 ? 43  VAL A C   1 
ATOM   330  O O   . VAL A 1 43  ? 6.498   -2.287  -3.594  1.00 16.11 ? 43  VAL A O   1 
ATOM   331  C CB  . VAL A 1 43  ? 8.026   0.176   -5.117  1.00 17.63 ? 43  VAL A CB  1 
ATOM   332  C CG1 . VAL A 1 43  ? 7.597   1.511   -4.451  1.00 17.77 ? 43  VAL A CG1 1 
ATOM   333  C CG2 . VAL A 1 43  ? 9.129   0.499   -6.081  1.00 18.01 ? 43  VAL A CG2 1 
ATOM   334  N N   . ASN A 1 44  ? 6.690   -0.476  -2.223  1.00 14.42 ? 44  ASN A N   1 
ATOM   335  C CA  . ASN A 1 44  ? 5.421   -0.883  -1.543  1.00 13.34 ? 44  ASN A CA  1 
ATOM   336  C C   . ASN A 1 44  ? 4.927   0.329   -0.694  1.00 12.30 ? 44  ASN A C   1 
ATOM   337  O O   . ASN A 1 44  ? 5.748   1.048   -0.216  1.00 11.08 ? 44  ASN A O   1 
ATOM   338  C CB  . ASN A 1 44  ? 5.486   -2.124  -0.712  1.00 13.54 ? 44  ASN A CB  1 
ATOM   339  C CG  . ASN A 1 44  ? 4.163   -2.706  -0.308  1.00 13.78 ? 44  ASN A CG  1 
ATOM   340  O OD1 . ASN A 1 44  ? 3.214   -2.960  -1.087  1.00 15.55 ? 44  ASN A OD1 1 
ATOM   341  N ND2 . ASN A 1 44  ? 3.975   -2.923  0.963   1.00 13.97 ? 44  ASN A ND2 1 
ATOM   342  N N   . THR A 1 45  ? 3.615   0.403   -0.597  1.00 11.02 ? 45  THR A N   1 
ATOM   343  C CA  . THR A 1 45  ? 3.039   1.495   0.223   1.00 10.02 ? 45  THR A CA  1 
ATOM   344  C C   . THR A 1 45  ? 2.200   0.945   1.392   1.00 10.06 ? 45  THR A C   1 
ATOM   345  O O   . THR A 1 45  ? 1.256   0.112   1.083   1.00 9.54  ? 45  THR A O   1 
ATOM   346  C CB  . THR A 1 45  ? 2.184   2.467   -0.629  1.00 10.20 ? 45  THR A CB  1 
ATOM   347  O OG1 . THR A 1 45  ? 3.190   2.836   -1.653  1.00 10.69 ? 45  THR A OG1 1 
ATOM   348  C CG2 . THR A 1 45  ? 1.753   3.760   0.113   1.00 9.99  ? 45  THR A CG2 1 
ATOM   349  N N   . PHE A 1 46  ? 2.502   1.447   2.562   1.00 9.19  ? 46  PHE A N   1 
ATOM   350  C CA  . PHE A 1 46  ? 1.699   1.007   3.762   1.00 9.02  ? 46  PHE A CA  1 
ATOM   351  C C   . PHE A 1 46  ? 0.795   2.179   4.096   1.00 9.72  ? 46  PHE A C   1 
ATOM   352  O O   . PHE A 1 46  ? 1.315   3.321   4.032   1.00 10.70 ? 46  PHE A O   1 
ATOM   353  C CB  . PHE A 1 46  ? 2.519   0.591   4.956   1.00 9.18  ? 46  PHE A CB  1 
ATOM   354  C CG  . PHE A 1 46  ? 3.206   -0.723  4.738   1.00 8.92  ? 46  PHE A CG  1 
ATOM   355  C CD1 . PHE A 1 46  ? 2.495   -1.899  4.920   1.00 8.00  ? 46  PHE A CD1 1 
ATOM   356  C CD2 . PHE A 1 46  ? 4.553   -0.760  4.335   1.00 9.19  ? 46  PHE A CD2 1 
ATOM   357  C CE1 . PHE A 1 46  ? 3.142   -3.100  4.719   1.00 8.82  ? 46  PHE A CE1 1 
ATOM   358  C CE2 . PHE A 1 46  ? 5.222   -1.975  4.171   1.00 8.73  ? 46  PHE A CE2 1 
ATOM   359  C CZ  . PHE A 1 46  ? 4.473   -3.146  4.349   1.00 9.23  ? 46  PHE A CZ  1 
ATOM   360  N N   . VAL A 1 47  ? -0.485  1.887   4.373   1.00 9.60  ? 47  VAL A N   1 
ATOM   361  C CA  . VAL A 1 47  ? -1.433  2.961   4.675   1.00 10.61 ? 47  VAL A CA  1 
ATOM   362  C C   . VAL A 1 47  ? -1.830  2.851   6.136   1.00 11.27 ? 47  VAL A C   1 
ATOM   363  O O   . VAL A 1 47  ? -2.287  1.744   6.447   1.00 12.45 ? 47  VAL A O   1 
ATOM   364  C CB  . VAL A 1 47  ? -2.673  2.925   3.788   1.00 10.51 ? 47  VAL A CB  1 
ATOM   365  C CG1 . VAL A 1 47  ? -3.657  4.054   4.089   1.00 10.39 ? 47  VAL A CG1 1 
ATOM   366  C CG2 . VAL A 1 47  ? -2.317  2.957   2.297   1.00 10.61 ? 47  VAL A CG2 1 
ATOM   367  N N   . HIS A 1 48  ? -1.738  3.934   6.926   1.00 11.41 ? 48  HIS A N   1 
ATOM   368  C CA  . HIS A 1 48  ? -2.068  3.966   8.324   1.00 11.00 ? 48  HIS A CA  1 
ATOM   369  C C   . HIS A 1 48  ? -3.349  4.686   8.687   1.00 12.15 ? 48  HIS A C   1 
ATOM   370  O O   . HIS A 1 48  ? -3.411  5.782   9.314   1.00 12.64 ? 48  HIS A O   1 
ATOM   371  C CB  . HIS A 1 48  ? -0.935  4.717   9.110   1.00 9.72  ? 48  HIS A CB  1 
ATOM   372  C CG  . HIS A 1 48  ? 0.425   4.309   8.700   1.00 9.00  ? 48  HIS A CG  1 
ATOM   373  N ND1 . HIS A 1 48  ? 1.202   3.287   9.210   1.00 7.79  ? 48  HIS A ND1 1 
ATOM   374  C CD2 . HIS A 1 48  ? 1.239   4.920   7.785   1.00 8.49  ? 48  HIS A CD2 1 
ATOM   375  C CE1 . HIS A 1 48  ? 2.363   3.226   8.596   1.00 7.86  ? 48  HIS A CE1 1 
ATOM   376  N NE2 . HIS A 1 48  ? 2.427   4.215   7.708   1.00 7.85  ? 48  HIS A NE2 1 
ATOM   377  N N   . GLU A 1 49  ? -4.458  4.098   8.286   1.00 11.94 ? 49  GLU A N   1 
ATOM   378  C CA  . GLU A 1 49  ? -5.828  4.496   8.421   1.00 11.82 ? 49  GLU A CA  1 
ATOM   379  C C   . GLU A 1 49  ? -6.530  3.137   8.692   1.00 11.74 ? 49  GLU A C   1 
ATOM   380  O O   . GLU A 1 49  ? -5.875  2.131   8.443   1.00 9.84  ? 49  GLU A O   1 
ATOM   381  C CB  . GLU A 1 49  ? -6.460  5.050   7.150   1.00 12.25 ? 49  GLU A CB  1 
ATOM   382  C CG  . GLU A 1 49  ? -5.724  6.292   6.637   1.00 11.92 ? 49  GLU A CG  1 
ATOM   383  C CD  . GLU A 1 49  ? -5.587  7.455   7.512   1.00 13.00 ? 49  GLU A CD  1 
ATOM   384  O OE1 . GLU A 1 49  ? -4.663  8.289   7.357   1.00 14.36 ? 49  GLU A OE1 1 
ATOM   385  O OE2 . GLU A 1 49  ? -6.513  7.600   8.345   1.00 12.33 ? 49  GLU A OE2 1 
ATOM   386  N N   . SER A 1 50  ? -7.720  3.293   9.152   1.00 12.00 ? 50  SER A N   1 
ATOM   387  C CA  . SER A 1 50  ? -8.496  2.073   9.512   1.00 12.66 ? 50  SER A CA  1 
ATOM   388  C C   . SER A 1 50  ? -8.970  1.489   8.231   1.00 13.43 ? 50  SER A C   1 
ATOM   389  O O   . SER A 1 50  ? -9.232  2.237   7.270   1.00 14.07 ? 50  SER A O   1 
ATOM   390  C CB  . SER A 1 50  ? -9.619  2.577   10.412  1.00 12.65 ? 50  SER A CB  1 
ATOM   391  O OG  . SER A 1 50  ? -10.508 3.272   9.441   1.00 12.88 ? 50  SER A OG  1 
ATOM   392  N N   . LEU A 1 51  ? -9.124  0.186   8.194   1.00 14.08 ? 51  LEU A N   1 
ATOM   393  C CA  . LEU A 1 51  ? -9.608  -0.484  6.957   1.00 13.81 ? 51  LEU A CA  1 
ATOM   394  C C   . LEU A 1 51  ? -10.910 0.021   6.483   1.00 13.72 ? 51  LEU A C   1 
ATOM   395  O O   . LEU A 1 51  ? -11.072 0.131   5.251   1.00 13.56 ? 51  LEU A O   1 
ATOM   396  C CB  . LEU A 1 51  ? -9.447  -1.992  7.310   1.00 14.61 ? 51  LEU A CB  1 
ATOM   397  C CG  . LEU A 1 51  ? -9.964  -2.972  6.298   1.00 14.61 ? 51  LEU A CG  1 
ATOM   398  C CD1 . LEU A 1 51  ? -8.949  -3.105  5.157   1.00 15.17 ? 51  LEU A CD1 1 
ATOM   399  C CD2 . LEU A 1 51  ? -10.206 -4.310  7.005   1.00 15.17 ? 51  LEU A CD2 1 
ATOM   400  N N   . ALA A 1 52  ? -11.882 0.450   7.324   1.00 13.96 ? 52  ALA A N   1 
ATOM   401  C CA  . ALA A 1 52  ? -13.153 0.977   6.745   1.00 13.93 ? 52  ALA A CA  1 
ATOM   402  C C   . ALA A 1 52  ? -12.866 2.230   5.939   1.00 14.06 ? 52  ALA A C   1 
ATOM   403  O O   . ALA A 1 52  ? -13.542 2.503   4.939   1.00 14.31 ? 52  ALA A O   1 
ATOM   404  C CB  . ALA A 1 52  ? -14.096 1.383   7.881   1.00 14.34 ? 52  ALA A CB  1 
ATOM   405  N N   . ASP A 1 53  ? -11.972 3.013   6.431   1.00 14.35 ? 53  ASP A N   1 
ATOM   406  C CA  . ASP A 1 53  ? -11.582 4.301   5.782   1.00 14.97 ? 53  ASP A CA  1 
ATOM   407  C C   . ASP A 1 53  ? -10.939 4.027   4.412   1.00 14.56 ? 53  ASP A C   1 
ATOM   408  O O   . ASP A 1 53  ? -11.154 4.851   3.474   1.00 14.94 ? 53  ASP A O   1 
ATOM   409  C CB  . ASP A 1 53  ? -10.665 5.133   6.664   1.00 16.36 ? 53  ASP A CB  1 
ATOM   410  C CG  . ASP A 1 53  ? -11.400 6.008   7.654   1.00 17.66 ? 53  ASP A CG  1 
ATOM   411  O OD1 . ASP A 1 53  ? -12.614 6.229   7.614   1.00 18.67 ? 53  ASP A OD1 1 
ATOM   412  O OD2 . ASP A 1 53  ? -10.691 6.487   8.604   1.00 19.11 ? 53  ASP A OD2 1 
ATOM   413  N N   . VAL A 1 54  ? -10.202 2.941   4.321   1.00 13.17 ? 54  VAL A N   1 
ATOM   414  C CA  . VAL A 1 54  ? -9.550  2.606   3.031   1.00 11.88 ? 54  VAL A CA  1 
ATOM   415  C C   . VAL A 1 54  ? -10.639 1.962   2.156   1.00 12.41 ? 54  VAL A C   1 
ATOM   416  O O   . VAL A 1 54  ? -10.823 2.317   0.979   1.00 11.77 ? 54  VAL A O   1 
ATOM   417  C CB  . VAL A 1 54  ? -8.211  1.938   3.210   1.00 10.78 ? 54  VAL A CB  1 
ATOM   418  C CG1 . VAL A 1 54  ? -7.465  1.699   1.870   1.00 10.91 ? 54  VAL A CG1 1 
ATOM   419  C CG2 . VAL A 1 54  ? -7.184  2.689   4.097   1.00 10.47 ? 54  VAL A CG2 1 
ATOM   420  N N   . GLN A 1 55  ? -11.447 1.022   2.695   1.00 12.92 ? 55  GLN A N   1 
ATOM   421  C CA  . GLN A 1 55  ? -12.511 0.404   1.812   1.00 13.30 ? 55  GLN A CA  1 
ATOM   422  C C   . GLN A 1 55  ? -13.385 1.496   1.219   1.00 13.63 ? 55  GLN A C   1 
ATOM   423  O O   . GLN A 1 55  ? -13.773 1.482   -0.014  1.00 13.68 ? 55  GLN A O   1 
ATOM   424  C CB  . GLN A 1 55  ? -13.233 -0.696  2.557   1.00 13.54 ? 55  GLN A CB  1 
ATOM   425  C CG  . GLN A 1 55  ? -12.370 -1.954  2.678   1.00 14.19 ? 55  GLN A CG  1 
ATOM   426  C CD  . GLN A 1 55  ? -12.950 -2.847  3.754   1.00 15.56 ? 55  GLN A CD  1 
ATOM   427  O OE1 . GLN A 1 55  ? -13.852 -2.388  4.433   1.00 16.31 ? 55  GLN A OE1 1 
ATOM   428  N NE2 . GLN A 1 55  ? -12.419 -4.040  3.939   1.00 15.87 ? 55  GLN A NE2 1 
ATOM   429  N N   . ALA A 1 56  ? -13.671 2.488   1.984   1.00 12.98 ? 56  ALA A N   1 
ATOM   430  C CA  . ALA A 1 56  ? -14.505 3.601   1.617   1.00 13.64 ? 56  ALA A CA  1 
ATOM   431  C C   . ALA A 1 56  ? -13.993 4.362   0.431   1.00 13.60 ? 56  ALA A C   1 
ATOM   432  O O   . ALA A 1 56  ? -14.807 4.996   -0.303  1.00 13.33 ? 56  ALA A O   1 
ATOM   433  C CB  . ALA A 1 56  ? -14.725 4.464   2.898   1.00 14.10 ? 56  ALA A CB  1 
ATOM   434  N N   . VAL A 1 57  ? -12.682 4.252   0.211   1.00 13.46 ? 57  VAL A N   1 
ATOM   435  C CA  . VAL A 1 57  ? -12.100 5.001   -0.952  1.00 13.41 ? 57  VAL A CA  1 
ATOM   436  C C   . VAL A 1 57  ? -12.777 4.580   -2.233  1.00 13.81 ? 57  VAL A C   1 
ATOM   437  O O   . VAL A 1 57  ? -12.870 5.358   -3.219  1.00 13.54 ? 57  VAL A O   1 
ATOM   438  C CB  . VAL A 1 57  ? -10.590 5.010   -0.853  1.00 13.19 ? 57  VAL A CB  1 
ATOM   439  C CG1 . VAL A 1 57  ? -9.991  5.472   -2.236  1.00 13.46 ? 57  VAL A CG1 1 
ATOM   440  C CG2 . VAL A 1 57  ? -10.060 5.835   0.298   1.00 13.54 ? 57  VAL A CG2 1 
ATOM   441  N N   . CYS A 1 58  ? -13.336 3.388   -2.297  1.00 14.57 ? 58  CYS A N   1 
ATOM   442  C CA  . CYS A 1 58  ? -14.023 2.792   -3.430  1.00 14.70 ? 58  CYS A CA  1 
ATOM   443  C C   . CYS A 1 58  ? -15.375 3.409   -3.772  1.00 15.19 ? 58  CYS A C   1 
ATOM   444  O O   . CYS A 1 58  ? -16.010 3.018   -4.769  1.00 14.44 ? 58  CYS A O   1 
ATOM   445  C CB  . CYS A 1 58  ? -14.245 1.338   -3.206  1.00 15.52 ? 58  CYS A CB  1 
ATOM   446  S SG  . CYS A 1 58  ? -12.840 0.264   -3.129  1.00 16.23 ? 58  CYS A SG  1 
ATOM   447  N N   . SER A 1 59  ? -15.827 4.321   -2.933  1.00 15.58 ? 59  SER A N   1 
ATOM   448  C CA  . SER A 1 59  ? -17.070 5.057   -3.168  1.00 15.55 ? 59  SER A CA  1 
ATOM   449  C C   . SER A 1 59  ? -16.728 6.525   -3.245  1.00 15.15 ? 59  SER A C   1 
ATOM   450  O O   . SER A 1 59  ? -17.568 7.411   -3.036  1.00 15.36 ? 59  SER A O   1 
ATOM   451  C CB  . SER A 1 59  ? -18.154 4.773   -2.126  1.00 16.35 ? 59  SER A CB  1 
ATOM   452  O OG  . SER A 1 59  ? -17.672 4.890   -0.850  1.00 17.83 ? 59  SER A OG  1 
ATOM   453  N N   . GLN A 1 60  ? -15.474 6.819   -3.602  1.00 14.80 ? 60  GLN A N   1 
ATOM   454  C CA  . GLN A 1 60  ? -15.008 8.215   -3.693  1.00 14.43 ? 60  GLN A CA  1 
ATOM   455  C C   . GLN A 1 60  ? -14.782 8.651   -5.123  1.00 15.17 ? 60  GLN A C   1 
ATOM   456  O O   . GLN A 1 60  ? -15.650 8.257   -5.918  1.00 15.28 ? 60  GLN A O   1 
ATOM   457  C CB  . GLN A 1 60  ? -13.890 8.441   -2.697  1.00 13.77 ? 60  GLN A CB  1 
ATOM   458  C CG  . GLN A 1 60  ? -14.447 8.499   -1.272  1.00 12.61 ? 60  GLN A CG  1 
ATOM   459  C CD  . GLN A 1 60  ? -13.505 8.606   -0.141  1.00 12.33 ? 60  GLN A CD  1 
ATOM   460  O OE1 . GLN A 1 60  ? -12.390 9.136   -0.191  1.00 12.71 ? 60  GLN A OE1 1 
ATOM   461  N NE2 . GLN A 1 60  ? -13.875 8.087   1.053   1.00 11.24 ? 60  GLN A NE2 1 
ATOM   462  N N   . LYS A 1 61  ? -13.737 9.408   -5.444  1.00 15.42 ? 61  LYS A N   1 
ATOM   463  C CA  . LYS A 1 61  ? -13.525 9.883   -6.787  1.00 15.86 ? 61  LYS A CA  1 
ATOM   464  C C   . LYS A 1 61  ? -12.964 8.905   -7.778  1.00 16.54 ? 61  LYS A C   1 
ATOM   465  O O   . LYS A 1 61  ? -11.802 8.450   -7.754  1.00 16.29 ? 61  LYS A O   1 
ATOM   466  C CB  . LYS A 1 61  ? -12.583 11.120  -6.778  1.00 16.30 ? 61  LYS A CB  1 
ATOM   467  C CG  . LYS A 1 61  ? -12.575 11.815  -8.183  1.00 16.73 ? 61  LYS A CG  1 
ATOM   468  C CD  . LYS A 1 61  ? -13.691 12.833  -8.207  1.00 17.79 ? 61  LYS A CD  1 
ATOM   469  C CE  . LYS A 1 61  ? -13.996 13.478  -9.542  1.00 18.04 ? 61  LYS A CE  1 
ATOM   470  N NZ  . LYS A 1 61  ? -15.350 14.102  -9.476  1.00 18.34 ? 61  LYS A NZ  1 
ATOM   471  N N   . ASN A 1 62  ? -13.840 8.610   -8.762  1.00 16.34 ? 62  ASN A N   1 
ATOM   472  C CA  . ASN A 1 62  ? -13.476 7.664   -9.861  1.00 16.75 ? 62  ASN A CA  1 
ATOM   473  C C   . ASN A 1 62  ? -12.472 8.308   -10.803 1.00 16.20 ? 62  ASN A C   1 
ATOM   474  O O   . ASN A 1 62  ? -12.724 9.360   -11.412 1.00 15.57 ? 62  ASN A O   1 
ATOM   475  C CB  . ASN A 1 62  ? -14.816 7.286   -10.495 1.00 17.47 ? 62  ASN A CB  1 
ATOM   476  C CG  . ASN A 1 62  ? -14.685 6.185   -11.529 1.00 18.57 ? 62  ASN A CG  1 
ATOM   477  O OD1 . ASN A 1 62  ? -15.289 6.279   -12.619 1.00 19.75 ? 62  ASN A OD1 1 
ATOM   478  N ND2 . ASN A 1 62  ? -13.906 5.133   -11.248 1.00 18.88 ? 62  ASN A ND2 1 
ATOM   479  N N   . VAL A 1 63  ? -11.336 7.662   -10.990 1.00 15.73 ? 63  VAL A N   1 
ATOM   480  C CA  . VAL A 1 63  ? -10.228 8.067   -11.831 1.00 15.55 ? 63  VAL A CA  1 
ATOM   481  C C   . VAL A 1 63  ? -9.777  6.852   -12.643 1.00 15.51 ? 63  VAL A C   1 
ATOM   482  O O   . VAL A 1 63  ? -10.169 5.752   -12.326 1.00 16.22 ? 63  VAL A O   1 
ATOM   483  C CB  . VAL A 1 63  ? -9.035  8.666   -11.033 1.00 15.34 ? 63  VAL A CB  1 
ATOM   484  C CG1 . VAL A 1 63  ? -9.386  9.924   -10.269 1.00 15.26 ? 63  VAL A CG1 1 
ATOM   485  C CG2 . VAL A 1 63  ? -8.415  7.671   -10.037 1.00 14.29 ? 63  VAL A CG2 1 
ATOM   486  N N   . ALA A 1 64  ? -9.011  7.116   -13.683 1.00 15.40 ? 64  ALA A N   1 
ATOM   487  C CA  . ALA A 1 64  ? -8.532  5.998   -14.528 1.00 15.32 ? 64  ALA A CA  1 
ATOM   488  C C   . ALA A 1 64  ? -7.339  5.396   -13.829 1.00 15.80 ? 64  ALA A C   1 
ATOM   489  O O   . ALA A 1 64  ? -6.613  6.185   -13.188 1.00 15.90 ? 64  ALA A O   1 
ATOM   490  C CB  . ALA A 1 64  ? -8.093  6.543   -15.899 1.00 14.79 ? 64  ALA A CB  1 
ATOM   491  N N   . CYS A 1 65  ? -7.147  4.085   -13.987 1.00 16.02 ? 65  CYS A N   1 
ATOM   492  C CA  . CYS A 1 65  ? -5.979  3.472   -13.366 1.00 17.38 ? 65  CYS A CA  1 
ATOM   493  C C   . CYS A 1 65  ? -4.838  3.781   -14.366 1.00 18.90 ? 65  CYS A C   1 
ATOM   494  O O   . CYS A 1 65  ? -5.138  4.229   -15.467 1.00 18.80 ? 65  CYS A O   1 
ATOM   495  C CB  . CYS A 1 65  ? -6.068  1.981   -13.122 1.00 16.52 ? 65  CYS A CB  1 
ATOM   496  S SG  . CYS A 1 65  ? -7.665  1.635   -12.236 1.00 15.79 ? 65  CYS A SG  1 
ATOM   497  N N   . LYS A 1 66  ? -3.670  3.483   -13.911 1.00 20.73 ? 66  LYS A N   1 
ATOM   498  C CA  . LYS A 1 66  ? -2.394  3.654   -14.663 1.00 22.39 ? 66  LYS A CA  1 
ATOM   499  C C   . LYS A 1 66  ? -2.453  2.840   -15.950 1.00 23.29 ? 66  LYS A C   1 
ATOM   500  O O   . LYS A 1 66  ? -1.992  3.252   -17.022 1.00 24.10 ? 66  LYS A O   1 
ATOM   501  C CB  . LYS A 1 66  ? -1.347  3.071   -13.795 1.00 22.28 ? 66  LYS A CB  1 
ATOM   502  C CG  . LYS A 1 66  ? 0.055   3.007   -13.707 1.00 23.29 ? 66  LYS A CG  1 
ATOM   503  C CD  . LYS A 1 66  ? 0.662   4.096   -12.772 1.00 23.47 ? 66  LYS A CD  1 
ATOM   504  C CE  . LYS A 1 66  ? 0.211   3.852   -11.368 1.00 24.04 ? 66  LYS A CE  1 
ATOM   505  N NZ  . LYS A 1 66  ? 0.769   2.500   -10.883 1.00 24.05 ? 66  LYS A NZ  1 
ATOM   506  N N   . ASN A 1 67  ? -3.022  1.653   -15.797 1.00 23.98 ? 67  ASN A N   1 
ATOM   507  C CA  . ASN A 1 67  ? -3.145  0.703   -16.926 1.00 24.59 ? 67  ASN A CA  1 
ATOM   508  C C   . ASN A 1 67  ? -4.340  0.996   -17.787 1.00 24.86 ? 67  ASN A C   1 
ATOM   509  O O   . ASN A 1 67  ? -4.695  0.173   -18.691 1.00 25.25 ? 67  ASN A O   1 
ATOM   510  C CB  . ASN A 1 67  ? -3.193  -0.700  -16.271 1.00 25.25 ? 67  ASN A CB  1 
ATOM   511  C CG  . ASN A 1 67  ? -4.548  -0.935  -15.672 1.00 25.46 ? 67  ASN A CG  1 
ATOM   512  O OD1 . ASN A 1 67  ? -5.475  -0.072  -15.692 1.00 25.44 ? 67  ASN A OD1 1 
ATOM   513  N ND2 . ASN A 1 67  ? -4.725  -2.146  -15.183 1.00 25.90 ? 67  ASN A ND2 1 
ATOM   514  N N   . GLY A 1 68  ? -5.012  2.086   -17.488 1.00 24.42 ? 68  GLY A N   1 
ATOM   515  C CA  . GLY A 1 68  ? -6.181  2.509   -18.216 1.00 24.41 ? 68  GLY A CA  1 
ATOM   516  C C   . GLY A 1 68  ? -7.498  1.907   -17.793 1.00 24.40 ? 68  GLY A C   1 
ATOM   517  O O   . GLY A 1 68  ? -8.490  2.386   -18.388 1.00 24.56 ? 68  GLY A O   1 
ATOM   518  N N   . GLN A 1 69  ? -7.530  0.968   -16.883 1.00 23.92 ? 69  GLN A N   1 
ATOM   519  C CA  . GLN A 1 69  ? -8.804  0.381   -16.397 1.00 23.69 ? 69  GLN A CA  1 
ATOM   520  C C   . GLN A 1 69  ? -9.599  1.614   -15.870 1.00 22.96 ? 69  GLN A C   1 
ATOM   521  O O   . GLN A 1 69  ? -9.005  2.697   -15.743 1.00 22.63 ? 69  GLN A O   1 
ATOM   522  C CB  . GLN A 1 69  ? -8.751  -0.571  -15.269 1.00 24.76 ? 69  GLN A CB  1 
ATOM   523  C CG  . GLN A 1 69  ? -7.985  -1.758  -15.150 1.00 26.38 ? 69  GLN A CG  1 
ATOM   524  C CD  . GLN A 1 69  ? -7.951  -2.529  -13.845 1.00 27.62 ? 69  GLN A CD  1 
ATOM   525  O OE1 . GLN A 1 69  ? -8.183  -2.049  -12.717 1.00 27.85 ? 69  GLN A OE1 1 
ATOM   526  N NE2 . GLN A 1 69  ? -7.590  -3.818  -14.024 1.00 27.98 ? 69  GLN A NE2 1 
ATOM   527  N N   . THR A 1 70  ? -10.831 1.342   -15.507 1.00 22.03 ? 70  THR A N   1 
ATOM   528  C CA  . THR A 1 70  ? -11.616 2.580   -15.023 1.00 21.30 ? 70  THR A CA  1 
ATOM   529  C C   . THR A 1 70  ? -12.200 2.382   -13.684 1.00 20.13 ? 70  THR A C   1 
ATOM   530  O O   . THR A 1 70  ? -13.099 3.152   -13.209 1.00 20.05 ? 70  THR A O   1 
ATOM   531  C CB  . THR A 1 70  ? -12.399 2.836   -16.374 1.00 21.95 ? 70  THR A CB  1 
ATOM   532  O OG1 . THR A 1 70  ? -12.119 4.246   -16.723 1.00 22.93 ? 70  THR A OG1 1 
ATOM   533  C CG2 . THR A 1 70  ? -13.848 2.444   -16.427 1.00 22.17 ? 70  THR A CG2 1 
ATOM   534  N N   . ASN A 1 71  ? -11.692 1.410   -12.939 1.00 18.18 ? 71  ASN A N   1 
ATOM   535  C CA  . ASN A 1 71  ? -12.091 1.011   -11.598 1.00 17.14 ? 71  ASN A CA  1 
ATOM   536  C C   . ASN A 1 71  ? -11.159 1.502   -10.480 1.00 16.48 ? 71  ASN A C   1 
ATOM   537  O O   . ASN A 1 71  ? -11.074 0.794   -9.455  1.00 16.05 ? 71  ASN A O   1 
ATOM   538  C CB  . ASN A 1 71  ? -12.306 -0.518  -11.501 1.00 18.06 ? 71  ASN A CB  1 
ATOM   539  C CG  . ASN A 1 71  ? -11.091 -1.329  -11.765 1.00 18.48 ? 71  ASN A CG  1 
ATOM   540  O OD1 . ASN A 1 71  ? -10.770 -2.373  -11.127 1.00 18.99 ? 71  ASN A OD1 1 
ATOM   541  N ND2 . ASN A 1 71  ? -10.329 -0.868  -12.772 1.00 18.90 ? 71  ASN A ND2 1 
ATOM   542  N N   . CYS A 1 72  ? -10.584 2.673   -10.657 1.00 14.94 ? 72  CYS A N   1 
ATOM   543  C CA  . CYS A 1 72  ? -9.694  3.301   -9.673  1.00 13.86 ? 72  CYS A CA  1 
ATOM   544  C C   . CYS A 1 72  ? -10.448 4.423   -8.952  1.00 12.90 ? 72  CYS A C   1 
ATOM   545  O O   . CYS A 1 72  ? -11.373 5.073   -9.487  1.00 13.36 ? 72  CYS A O   1 
ATOM   546  C CB  . CYS A 1 72  ? -8.389  3.700   -10.256 1.00 13.62 ? 72  CYS A CB  1 
ATOM   547  S SG  . CYS A 1 72  ? -7.252  2.238   -10.385 1.00 13.75 ? 72  CYS A SG  1 
ATOM   548  N N   . TYR A 1 73  ? -10.070 4.608   -7.695  1.00 12.00 ? 73  TYR A N   1 
ATOM   549  C CA  . TYR A 1 73  ? -10.838 5.671   -6.922  1.00 10.87 ? 73  TYR A CA  1 
ATOM   550  C C   . TYR A 1 73  ? -9.790  6.448   -6.187  1.00 11.05 ? 73  TYR A C   1 
ATOM   551  O O   . TYR A 1 73  ? -8.937  5.643   -5.774  1.00 9.95  ? 73  TYR A O   1 
ATOM   552  C CB  . TYR A 1 73  ? -11.849 4.976   -5.994  1.00 11.39 ? 73  TYR A CB  1 
ATOM   553  C CG  . TYR A 1 73  ? -12.919 4.324   -6.901  1.00 11.22 ? 73  TYR A CG  1 
ATOM   554  C CD1 . TYR A 1 73  ? -14.084 4.957   -7.200  1.00 11.48 ? 73  TYR A CD1 1 
ATOM   555  C CD2 . TYR A 1 73  ? -12.699 3.055   -7.447  1.00 11.36 ? 73  TYR A CD2 1 
ATOM   556  C CE1 . TYR A 1 73  ? -15.048 4.401   -8.055  1.00 11.87 ? 73  TYR A CE1 1 
ATOM   557  C CE2 . TYR A 1 73  ? -13.657 2.508   -8.327  1.00 11.11 ? 73  TYR A CE2 1 
ATOM   558  C CZ  . TYR A 1 73  ? -14.806 3.172   -8.595  1.00 11.66 ? 73  TYR A CZ  1 
ATOM   559  O OH  . TYR A 1 73  ? -15.743 2.591   -9.481  1.00 12.16 ? 73  TYR A OH  1 
ATOM   560  N N   . GLN A 1 74  ? -9.866  7.740   -6.175  1.00 10.61 ? 74  GLN A N   1 
ATOM   561  C CA  . GLN A 1 74  ? -8.842  8.525   -5.449  1.00 11.15 ? 74  GLN A CA  1 
ATOM   562  C C   . GLN A 1 74  ? -9.544  8.994   -4.180  1.00 11.36 ? 74  GLN A C   1 
ATOM   563  O O   . GLN A 1 74  ? -10.768 9.376   -4.331  1.00 10.61 ? 74  GLN A O   1 
ATOM   564  C CB  . GLN A 1 74  ? -8.311  9.697   -6.249  1.00 12.75 ? 74  GLN A CB  1 
ATOM   565  C CG  . GLN A 1 74  ? -7.167  10.389  -5.441  1.00 15.34 ? 74  GLN A CG  1 
ATOM   566  C CD  . GLN A 1 74  ? -7.217  11.782  -6.027  1.00 17.92 ? 74  GLN A CD  1 
ATOM   567  O OE1 . GLN A 1 74  ? -7.839  12.626  -5.413  1.00 20.31 ? 74  GLN A OE1 1 
ATOM   568  N NE2 . GLN A 1 74  ? -6.694  11.852  -7.210  1.00 19.09 ? 74  GLN A NE2 1 
ATOM   569  N N   . SER A 1 75  ? -8.851  8.957   -3.084  1.00 11.02 ? 75  SER A N   1 
ATOM   570  C CA  . SER A 1 75  ? -9.543  9.413   -1.771  1.00 11.36 ? 75  SER A CA  1 
ATOM   571  C C   . SER A 1 75  ? -9.785  10.874  -1.835  1.00 11.48 ? 75  SER A C   1 
ATOM   572  O O   . SER A 1 75  ? -9.051  11.606  -2.522  1.00 11.91 ? 75  SER A O   1 
ATOM   573  C CB  . SER A 1 75  ? -8.710  8.884   -0.623  1.00 11.28 ? 75  SER A CB  1 
ATOM   574  O OG  . SER A 1 75  ? -7.473  9.600   -0.438  1.00 12.80 ? 75  SER A OG  1 
ATOM   575  N N   . TYR A 1 76  ? -10.793 11.471  -1.217  1.00 11.68 ? 76  TYR A N   1 
ATOM   576  C CA  . TYR A 1 76  ? -11.105 12.893  -1.226  1.00 10.78 ? 76  TYR A CA  1 
ATOM   577  C C   . TYR A 1 76  ? -10.081 13.623  -0.325  1.00 11.34 ? 76  TYR A C   1 
ATOM   578  O O   . TYR A 1 76  ? -9.737  14.797  -0.615  1.00 10.95 ? 76  TYR A O   1 
ATOM   579  C CB  . TYR A 1 76  ? -12.523 13.165  -0.629  1.00 10.05 ? 76  TYR A CB  1 
ATOM   580  C CG  . TYR A 1 76  ? -13.637 12.713  -1.522  1.00 10.14 ? 76  TYR A CG  1 
ATOM   581  C CD1 . TYR A 1 76  ? -13.548 12.808  -2.909  1.00 9.62  ? 76  TYR A CD1 1 
ATOM   582  C CD2 . TYR A 1 76  ? -14.826 12.217  -0.958  1.00 9.78  ? 76  TYR A CD2 1 
ATOM   583  C CE1 . TYR A 1 76  ? -14.567 12.347  -3.741  1.00 10.00 ? 76  TYR A CE1 1 
ATOM   584  C CE2 . TYR A 1 76  ? -15.850 11.769  -1.778  1.00 9.74  ? 76  TYR A CE2 1 
ATOM   585  C CZ  . TYR A 1 76  ? -15.752 11.882  -3.130  1.00 10.22 ? 76  TYR A CZ  1 
ATOM   586  O OH  . TYR A 1 76  ? -16.835 11.407  -3.822  1.00 10.19 ? 76  TYR A OH  1 
ATOM   587  N N   . SER A 1 77  ? -9.729  12.843  0.683   1.00 10.44 ? 77  SER A N   1 
ATOM   588  C CA  . SER A 1 77  ? -8.745  13.368  1.654   1.00 11.82 ? 77  SER A CA  1 
ATOM   589  C C   . SER A 1 77  ? -7.425  12.689  1.625   1.00 11.24 ? 77  SER A C   1 
ATOM   590  O O   . SER A 1 77  ? -7.254  11.633  1.012   1.00 11.72 ? 77  SER A O   1 
ATOM   591  C CB  . SER A 1 77  ? -9.386  13.357  3.051   1.00 12.45 ? 77  SER A CB  1 
ATOM   592  O OG  . SER A 1 77  ? -8.426  12.891  4.021   1.00 14.98 ? 77  SER A OG  1 
ATOM   593  N N   . THR A 1 78  ? -6.396  13.353  2.201   1.00 10.74 ? 78  THR A N   1 
ATOM   594  C CA  . THR A 1 78  ? -5.013  12.822  2.240   1.00 11.68 ? 78  THR A CA  1 
ATOM   595  C C   . THR A 1 78  ? -4.993  11.804  3.367   1.00 11.06 ? 78  THR A C   1 
ATOM   596  O O   . THR A 1 78  ? -5.937  12.007  4.204   1.00 12.61 ? 78  THR A O   1 
ATOM   597  C CB  . THR A 1 78  ? -3.944  13.945  2.533   1.00 11.79 ? 78  THR A CB  1 
ATOM   598  O OG1 . THR A 1 78  ? -4.352  14.449  3.826   1.00 12.61 ? 78  THR A OG1 1 
ATOM   599  C CG2 . THR A 1 78  ? -3.945  15.017  1.484   1.00 11.88 ? 78  THR A CG2 1 
ATOM   600  N N   . MET A 1 79  ? -4.162  10.870  3.339   1.00 11.03 ? 79  MET A N   1 
ATOM   601  C CA  . MET A 1 79  ? -4.062  9.818   4.353   1.00 11.79 ? 79  MET A CA  1 
ATOM   602  C C   . MET A 1 79  ? -2.615  9.624   4.798   1.00 11.80 ? 79  MET A C   1 
ATOM   603  O O   . MET A 1 79  ? -1.673  10.003  4.055   1.00 11.93 ? 79  MET A O   1 
ATOM   604  C CB  . MET A 1 79  ? -4.619  8.491   3.826   1.00 12.65 ? 79  MET A CB  1 
ATOM   605  C CG  . MET A 1 79  ? -6.101  8.664   3.499   1.00 13.85 ? 79  MET A CG  1 
ATOM   606  S SD  . MET A 1 79  ? -6.589  7.046   2.990   1.00 16.02 ? 79  MET A SD  1 
ATOM   607  C CE  . MET A 1 79  ? -8.329  6.961   2.890   1.00 14.12 ? 79  MET A CE  1 
ATOM   608  N N   . SER A 1 80  ? -2.435  9.069   5.958   1.00 10.13 ? 80  SER A N   1 
ATOM   609  C CA  . SER A 1 80  ? -1.098  8.810   6.510   1.00 10.67 ? 80  SER A CA  1 
ATOM   610  C C   . SER A 1 80  ? -0.531  7.660   5.760   1.00 10.90 ? 80  SER A C   1 
ATOM   611  O O   . SER A 1 80  ? -1.214  6.584   5.819   1.00 10.63 ? 80  SER A O   1 
ATOM   612  C CB  . SER A 1 80  ? -1.097  8.499   8.009   1.00 10.56 ? 80  SER A CB  1 
ATOM   613  O OG  . SER A 1 80  ? 0.345   8.324   8.362   1.00 11.90 ? 80  SER A OG  1 
ATOM   614  N N   . ILE A 1 81  ? 0.604   7.813   5.055   1.00 11.04 ? 81  ILE A N   1 
ATOM   615  C CA  . ILE A 1 81  ? 1.139   6.649   4.304   1.00 11.37 ? 81  ILE A CA  1 
ATOM   616  C C   . ILE A 1 81  ? 2.673   6.598   4.444   1.00 11.72 ? 81  ILE A C   1 
ATOM   617  O O   . ILE A 1 81  ? 3.255   7.649   4.769   1.00 11.63 ? 81  ILE A O   1 
ATOM   618  C CB  . ILE A 1 81  ? 0.804   6.561   2.815   1.00 11.44 ? 81  ILE A CB  1 
ATOM   619  C CG1 . ILE A 1 81  ? 1.445   7.722   2.013   1.00 12.27 ? 81  ILE A CG1 1 
ATOM   620  C CG2 . ILE A 1 81  ? -0.727  6.442   2.427   1.00 10.49 ? 81  ILE A CG2 1 
ATOM   621  C CD1 . ILE A 1 81  ? 2.632   7.240   1.138   1.00 13.24 ? 81  ILE A CD1 1 
ATOM   622  N N   . THR A 1 82  ? 3.170   5.378   4.266   1.00 12.03 ? 82  THR A N   1 
ATOM   623  C CA  . THR A 1 82  ? 4.590   5.091   4.328   1.00 12.12 ? 82  THR A CA  1 
ATOM   624  C C   . THR A 1 82  ? 4.945   4.416   2.993   1.00 12.90 ? 82  THR A C   1 
ATOM   625  O O   . THR A 1 82  ? 4.423   3.345   2.549   1.00 12.88 ? 82  THR A O   1 
ATOM   626  C CB  . THR A 1 82  ? 5.095   4.162   5.476   1.00 12.22 ? 82  THR A CB  1 
ATOM   627  O OG1 . THR A 1 82  ? 4.682   4.841   6.696   1.00 12.22 ? 82  THR A OG1 1 
ATOM   628  C CG2 . THR A 1 82  ? 6.642   3.981   5.516   1.00 12.40 ? 82  THR A CG2 1 
ATOM   629  N N   . ASP A 1 83  ? 5.860   5.104   2.348   1.00 13.52 ? 83  ASP A N   1 
ATOM   630  C CA  . ASP A 1 83  ? 6.439   4.690   1.075   1.00 12.99 ? 83  ASP A CA  1 
ATOM   631  C C   . ASP A 1 83  ? 7.660   3.844   1.240   1.00 12.08 ? 83  ASP A C   1 
ATOM   632  O O   . ASP A 1 83  ? 8.630   4.401   1.808   1.00 11.94 ? 83  ASP A O   1 
ATOM   633  C CB  . ASP A 1 83  ? 6.820   6.076   0.354   1.00 14.33 ? 83  ASP A CB  1 
ATOM   634  C CG  . ASP A 1 83  ? 6.454   5.644   -1.062  1.00 16.00 ? 83  ASP A CG  1 
ATOM   635  O OD1 . ASP A 1 83  ? 5.201   5.635   -1.317  1.00 16.34 ? 83  ASP A OD1 1 
ATOM   636  O OD2 . ASP A 1 83  ? 7.523   5.239   -1.657  1.00 15.94 ? 83  ASP A OD2 1 
ATOM   637  N N   . CYS A 1 84  ? 7.702   2.620   0.722   1.00 11.19 ? 84  CYS A N   1 
ATOM   638  C CA  . CYS A 1 84  ? 8.930   1.786   0.919   1.00 11.35 ? 84  CYS A CA  1 
ATOM   639  C C   . CYS A 1 84  ? 9.576   1.533   -0.438  1.00 12.14 ? 84  CYS A C   1 
ATOM   640  O O   . CYS A 1 84  ? 8.921   1.036   -1.385  1.00 11.53 ? 84  CYS A O   1 
ATOM   641  C CB  . CYS A 1 84  ? 8.478   0.465   1.552   1.00 11.18 ? 84  CYS A CB  1 
ATOM   642  S SG  . CYS A 1 84  ? 7.880   0.558   3.185   1.00 10.47 ? 84  CYS A SG  1 
ATOM   643  N N   . ARG A 1 85  ? 10.848  1.848   -0.531  1.00 12.52 ? 85  ARG A N   1 
ATOM   644  C CA  . ARG A 1 85  ? 11.549  1.666   -1.856  1.00 13.77 ? 85  ARG A CA  1 
ATOM   645  C C   . ARG A 1 85  ? 12.893  0.976   -1.614  1.00 14.29 ? 85  ARG A C   1 
ATOM   646  O O   . ARG A 1 85  ? 13.663  1.494   -0.779  1.00 13.28 ? 85  ARG A O   1 
ATOM   647  C CB  . ARG A 1 85  ? 11.754  3.021   -2.462  1.00 13.23 ? 85  ARG A CB  1 
ATOM   648  C CG  . ARG A 1 85  ? 12.671  3.160   -3.610  1.00 14.76 ? 85  ARG A CG  1 
ATOM   649  C CD  . ARG A 1 85  ? 12.305  3.361   -4.968  1.00 14.77 ? 85  ARG A CD  1 
ATOM   650  N NE  . ARG A 1 85  ? 10.912  3.729   -5.282  1.00 15.45 ? 85  ARG A NE  1 
ATOM   651  C CZ  . ARG A 1 85  ? 10.461  3.707   -6.545  1.00 15.76 ? 85  ARG A CZ  1 
ATOM   652  N NH1 . ARG A 1 85  ? 11.201  3.343   -7.558  1.00 16.00 ? 85  ARG A NH1 1 
ATOM   653  N NH2 . ARG A 1 85  ? 9.186   4.072   -6.791  1.00 15.78 ? 85  ARG A NH2 1 
ATOM   654  N N   . GLU A 1 86  ? 13.134  -0.083  -2.368  1.00 15.76 ? 86  GLU A N   1 
ATOM   655  C CA  . GLU A 1 86  ? 14.397  -0.831  -2.190  1.00 17.07 ? 86  GLU A CA  1 
ATOM   656  C C   . GLU A 1 86  ? 15.588  -0.003  -2.521  1.00 17.69 ? 86  GLU A C   1 
ATOM   657  O O   . GLU A 1 86  ? 15.588  0.648   -3.579  1.00 17.09 ? 86  GLU A O   1 
ATOM   658  C CB  . GLU A 1 86  ? 14.368  -2.074  -3.141  1.00 17.36 ? 86  GLU A CB  1 
ATOM   659  C CG  . GLU A 1 86  ? 15.492  -3.097  -2.904  1.00 18.13 ? 86  GLU A CG  1 
ATOM   660  C CD  . GLU A 1 86  ? 15.663  -4.268  -3.801  1.00 18.29 ? 86  GLU A CD  1 
ATOM   661  O OE1 . GLU A 1 86  ? 16.655  -5.021  -3.709  1.00 18.61 ? 86  GLU A OE1 1 
ATOM   662  O OE2 . GLU A 1 86  ? 14.780  -4.438  -4.686  1.00 18.22 ? 86  GLU A OE2 1 
ATOM   663  N N   . THR A 1 87  ? 16.602  -0.016  -1.642  1.00 18.87 ? 87  THR A N   1 
ATOM   664  C CA  . THR A 1 87  ? 17.817  0.795   -1.901  1.00 20.02 ? 87  THR A CA  1 
ATOM   665  C C   . THR A 1 87  ? 18.660  0.178   -3.028  1.00 21.48 ? 87  THR A C   1 
ATOM   666  O O   . THR A 1 87  ? 18.505  -0.976  -3.420  1.00 20.97 ? 87  THR A O   1 
ATOM   667  C CB  . THR A 1 87  ? 18.673  1.061   -0.632  1.00 19.83 ? 87  THR A CB  1 
ATOM   668  O OG1 . THR A 1 87  ? 19.289  -0.260  -0.360  1.00 20.25 ? 87  THR A OG1 1 
ATOM   669  C CG2 . THR A 1 87  ? 17.953  1.529   0.622   1.00 19.85 ? 87  THR A CG2 1 
ATOM   670  N N   . GLY A 1 88  ? 19.594  1.030   -3.473  1.00 22.98 ? 88  GLY A N   1 
ATOM   671  C CA  . GLY A 1 88  ? 20.538  0.792   -4.548  1.00 25.48 ? 88  GLY A CA  1 
ATOM   672  C C   . GLY A 1 88  ? 21.377  -0.475  -4.280  1.00 27.01 ? 88  GLY A C   1 
ATOM   673  O O   . GLY A 1 88  ? 21.539  -1.270  -5.199  1.00 27.63 ? 88  GLY A O   1 
ATOM   674  N N   . SER A 1 89  ? 21.823  -0.588  -3.084  1.00 28.34 ? 89  SER A N   1 
ATOM   675  C CA  . SER A 1 89  ? 22.610  -1.621  -2.478  1.00 30.07 ? 89  SER A CA  1 
ATOM   676  C C   . SER A 1 89  ? 21.808  -2.851  -2.018  1.00 31.25 ? 89  SER A C   1 
ATOM   677  O O   . SER A 1 89  ? 22.397  -3.927  -1.782  1.00 31.44 ? 89  SER A O   1 
ATOM   678  C CB  . SER A 1 89  ? 23.281  -0.984  -1.233  1.00 30.57 ? 89  SER A CB  1 
ATOM   679  O OG  . SER A 1 89  ? 22.468  0.168   -0.795  1.00 31.53 ? 89  SER A OG  1 
ATOM   680  N N   . SER A 1 90  ? 20.502  -2.748  -1.899  1.00 32.06 ? 90  SER A N   1 
ATOM   681  C CA  . SER A 1 90  ? 19.669  -3.870  -1.476  1.00 33.01 ? 90  SER A CA  1 
ATOM   682  C C   . SER A 1 90  ? 19.904  -5.066  -2.451  1.00 34.45 ? 90  SER A C   1 
ATOM   683  O O   . SER A 1 90  ? 19.647  -4.951  -3.646  1.00 34.77 ? 90  SER A O   1 
ATOM   684  C CB  . SER A 1 90  ? 18.212  -3.545  -1.419  1.00 32.57 ? 90  SER A CB  1 
ATOM   685  O OG  . SER A 1 90  ? 17.455  -4.769  -1.555  1.00 31.80 ? 90  SER A OG  1 
ATOM   686  N N   . LYS A 1 91  ? 20.331  -6.147  -1.875  1.00 35.57 ? 91  LYS A N   1 
ATOM   687  C CA  . LYS A 1 91  ? 20.658  -7.447  -2.407  1.00 36.85 ? 91  LYS A CA  1 
ATOM   688  C C   . LYS A 1 91  ? 19.993  -8.530  -1.545  1.00 37.26 ? 91  LYS A C   1 
ATOM   689  O O   . LYS A 1 91  ? 20.246  -8.630  -0.338  1.00 37.10 ? 91  LYS A O   1 
ATOM   690  C CB  . LYS A 1 91  ? 22.174  -7.609  -2.321  1.00 37.44 ? 91  LYS A CB  1 
ATOM   691  C CG  . LYS A 1 91  ? 22.733  -8.985  -2.656  1.00 38.25 ? 91  LYS A CG  1 
ATOM   692  C CD  . LYS A 1 91  ? 22.834  -9.213  -4.156  1.00 38.77 ? 91  LYS A CD  1 
ATOM   693  C CE  . LYS A 1 91  ? 24.145  -9.873  -4.558  1.00 39.29 ? 91  LYS A CE  1 
ATOM   694  N NZ  . LYS A 1 91  ? 24.269  -11.309 -4.180  1.00 39.33 ? 91  LYS A NZ  1 
ATOM   695  N N   . TYR A 1 92  ? 19.150  -9.314  -2.167  1.00 37.91 ? 92  TYR A N   1 
ATOM   696  C CA  . TYR A 1 92  ? 18.381  -10.426 -1.561  1.00 37.95 ? 92  TYR A CA  1 
ATOM   697  C C   . TYR A 1 92  ? 19.285  -11.539 -1.060  1.00 37.28 ? 92  TYR A C   1 
ATOM   698  O O   . TYR A 1 92  ? 20.272  -11.865 -1.764  1.00 37.01 ? 92  TYR A O   1 
ATOM   699  C CB  . TYR A 1 92  ? 17.453  -10.970 -2.678  1.00 39.01 ? 92  TYR A CB  1 
ATOM   700  C CG  . TYR A 1 92  ? 16.743  -12.264 -2.375  1.00 40.01 ? 92  TYR A CG  1 
ATOM   701  C CD1 . TYR A 1 92  ? 15.432  -12.272 -1.861  1.00 40.29 ? 92  TYR A CD1 1 
ATOM   702  C CD2 . TYR A 1 92  ? 17.364  -13.497 -2.595  1.00 40.28 ? 92  TYR A CD2 1 
ATOM   703  C CE1 . TYR A 1 92  ? 14.765  -13.461 -1.596  1.00 40.39 ? 92  TYR A CE1 1 
ATOM   704  C CE2 . TYR A 1 92  ? 16.717  -14.692 -2.312  1.00 40.57 ? 92  TYR A CE2 1 
ATOM   705  C CZ  . TYR A 1 92  ? 15.419  -14.660 -1.833  1.00 40.75 ? 92  TYR A CZ  1 
ATOM   706  O OH  . TYR A 1 92  ? 14.802  -15.863 -1.570  1.00 40.98 ? 92  TYR A OH  1 
ATOM   707  N N   . PRO A 1 93  ? 18.985  -12.134 0.086   1.00 36.57 ? 93  PRO A N   1 
ATOM   708  C CA  . PRO A 1 93  ? 17.891  -11.883 0.991   1.00 35.76 ? 93  PRO A CA  1 
ATOM   709  C C   . PRO A 1 93  ? 18.070  -10.744 1.970   1.00 34.85 ? 93  PRO A C   1 
ATOM   710  O O   . PRO A 1 93  ? 17.198  -10.606 2.878   1.00 34.88 ? 93  PRO A O   1 
ATOM   711  C CB  . PRO A 1 93  ? 17.784  -13.220 1.784   1.00 36.01 ? 93  PRO A CB  1 
ATOM   712  C CG  . PRO A 1 93  ? 19.284  -13.435 2.033   1.00 36.27 ? 93  PRO A CG  1 
ATOM   713  C CD  . PRO A 1 93  ? 19.843  -13.231 0.603   1.00 36.53 ? 93  PRO A CD  1 
ATOM   714  N N   . ASN A 1 94  ? 19.137  -9.965  1.836   1.00 33.69 ? 94  ASN A N   1 
ATOM   715  C CA  . ASN A 1 94  ? 19.313  -8.797  2.761   1.00 32.28 ? 94  ASN A CA  1 
ATOM   716  C C   . ASN A 1 94  ? 18.650  -7.602  1.978   1.00 30.89 ? 94  ASN A C   1 
ATOM   717  O O   . ASN A 1 94  ? 19.317  -6.800  1.339   1.00 30.42 ? 94  ASN A O   1 
ATOM   718  C CB  . ASN A 1 94  ? 20.716  -8.536  3.160   1.00 33.02 ? 94  ASN A CB  1 
ATOM   719  C CG  . ASN A 1 94  ? 21.547  -9.786  3.471   1.00 33.48 ? 94  ASN A CG  1 
ATOM   720  O OD1 . ASN A 1 94  ? 22.510  -10.084 2.729   1.00 33.75 ? 94  ASN A OD1 1 
ATOM   721  N ND2 . ASN A 1 94  ? 21.144  -10.440 4.545   1.00 33.35 ? 94  ASN A ND2 1 
ATOM   722  N N   . CYS A 1 95  ? 17.338  -7.585  2.044   1.00 28.70 ? 95  CYS A N   1 
ATOM   723  C CA  . CYS A 1 95  ? 16.491  -6.583  1.367   1.00 27.11 ? 95  CYS A CA  1 
ATOM   724  C C   . CYS A 1 95  ? 16.534  -5.309  2.174   1.00 26.38 ? 95  CYS A C   1 
ATOM   725  O O   . CYS A 1 95  ? 16.154  -5.501  3.372   1.00 27.03 ? 95  CYS A O   1 
ATOM   726  C CB  . CYS A 1 95  ? 15.093  -7.169  1.336   1.00 26.58 ? 95  CYS A CB  1 
ATOM   727  S SG  . CYS A 1 95  ? 14.829  -8.518  0.252   1.00 25.80 ? 95  CYS A SG  1 
ATOM   728  N N   . ALA A 1 96  ? 16.934  -4.189  1.634   1.00 24.33 ? 96  ALA A N   1 
ATOM   729  C CA  . ALA A 1 96  ? 17.018  -2.923  2.363   1.00 22.39 ? 96  ALA A CA  1 
ATOM   730  C C   . ALA A 1 96  ? 16.053  -1.885  1.743   1.00 21.50 ? 96  ALA A C   1 
ATOM   731  O O   . ALA A 1 96  ? 15.915  -1.802  0.504   1.00 20.74 ? 96  ALA A O   1 
ATOM   732  C CB  . ALA A 1 96  ? 18.438  -2.390  2.341   1.00 21.98 ? 96  ALA A CB  1 
ATOM   733  N N   . TYR A 1 97  ? 15.442  -1.105  2.658   1.00 20.42 ? 97  TYR A N   1 
ATOM   734  C CA  . TYR A 1 97  ? 14.471  -0.108  2.201   1.00 19.62 ? 97  TYR A CA  1 
ATOM   735  C C   . TYR A 1 97  ? 14.570  1.279   2.762   1.00 19.15 ? 97  TYR A C   1 
ATOM   736  O O   . TYR A 1 97  ? 14.864  1.523   3.926   1.00 18.99 ? 97  TYR A O   1 
ATOM   737  C CB  . TYR A 1 97  ? 13.067  -0.761  2.611   1.00 19.28 ? 97  TYR A CB  1 
ATOM   738  C CG  . TYR A 1 97  ? 12.681  -1.923  1.699   1.00 19.05 ? 97  TYR A CG  1 
ATOM   739  C CD1 . TYR A 1 97  ? 12.084  -1.840  0.443   1.00 19.01 ? 97  TYR A CD1 1 
ATOM   740  C CD2 . TYR A 1 97  ? 12.909  -3.235  2.192   1.00 19.45 ? 97  TYR A CD2 1 
ATOM   741  C CE1 . TYR A 1 97  ? 11.771  -2.969  -0.330  1.00 18.88 ? 97  TYR A CE1 1 
ATOM   742  C CE2 . TYR A 1 97  ? 12.626  -4.355  1.442   1.00 18.69 ? 97  TYR A CE2 1 
ATOM   743  C CZ  . TYR A 1 97  ? 12.061  -4.234  0.200   1.00 19.06 ? 97  TYR A CZ  1 
ATOM   744  O OH  . TYR A 1 97  ? 11.787  -5.439  -0.441  1.00 18.14 ? 97  TYR A OH  1 
ATOM   745  N N   . LYS A 1 98  ? 14.315  2.257   1.879   1.00 19.06 ? 98  LYS A N   1 
ATOM   746  C CA  . LYS A 1 98  ? 14.307  3.680   2.230   1.00 19.23 ? 98  LYS A CA  1 
ATOM   747  C C   . LYS A 1 98  ? 12.840  3.908   2.658   1.00 18.42 ? 98  LYS A C   1 
ATOM   748  O O   . LYS A 1 98  ? 11.930  3.500   1.900   1.00 18.15 ? 98  LYS A O   1 
ATOM   749  C CB  . LYS A 1 98  ? 14.659  4.589   1.080   1.00 20.80 ? 98  LYS A CB  1 
ATOM   750  C CG  . LYS A 1 98  ? 15.029  6.005   1.469   1.00 21.97 ? 98  LYS A CG  1 
ATOM   751  C CD  . LYS A 1 98  ? 14.981  6.962   0.302   1.00 23.35 ? 98  LYS A CD  1 
ATOM   752  C CE  . LYS A 1 98  ? 15.408  8.382   0.602   1.00 24.34 ? 98  LYS A CE  1 
ATOM   753  N NZ  . LYS A 1 98  ? 15.809  8.625   2.016   1.00 24.98 ? 98  LYS A NZ  1 
ATOM   754  N N   . THR A 1 99  ? 12.641  4.460   3.828   1.00 17.73 ? 99  THR A N   1 
ATOM   755  C CA  . THR A 1 99  ? 11.278  4.682   4.305   1.00 17.36 ? 99  THR A CA  1 
ATOM   756  C C   . THR A 1 99  ? 10.929  6.136   4.238   1.00 17.64 ? 99  THR A C   1 
ATOM   757  O O   . THR A 1 99  ? 11.657  6.999   4.796   1.00 18.02 ? 99  THR A O   1 
ATOM   758  C CB  . THR A 1 99  ? 10.964  3.956   5.628   1.00 17.43 ? 99  THR A CB  1 
ATOM   759  O OG1 . THR A 1 99  ? 10.331  5.039   6.436   1.00 17.78 ? 99  THR A OG1 1 
ATOM   760  C CG2 . THR A 1 99  ? 12.022  3.226   6.362   1.00 17.26 ? 99  THR A CG2 1 
ATOM   761  N N   . THR A 1 100 ? 9.817   6.429   3.566   1.00 17.52 ? 100 THR A N   1 
ATOM   762  C CA  . THR A 1 100 ? 9.308   7.790   3.400   1.00 18.36 ? 100 THR A CA  1 
ATOM   763  C C   . THR A 1 100 ? 7.837   7.854   3.894   1.00 18.27 ? 100 THR A C   1 
ATOM   764  O O   . THR A 1 100 ? 6.988   7.215   3.354   1.00 17.63 ? 100 THR A O   1 
ATOM   765  C CB  . THR A 1 100 ? 9.335   8.327   1.943   1.00 18.42 ? 100 THR A CB  1 
ATOM   766  O OG1 . THR A 1 100 ? 10.707  8.084   1.430   1.00 18.74 ? 100 THR A OG1 1 
ATOM   767  C CG2 . THR A 1 100 ? 9.080   9.844   1.816   1.00 18.85 ? 100 THR A CG2 1 
ATOM   768  N N   . GLN A 1 101 ? 7.692   8.691   4.905   1.00 18.48 ? 101 GLN A N   1 
ATOM   769  C CA  . GLN A 1 101 ? 6.397   8.954   5.563   1.00 18.24 ? 101 GLN A CA  1 
ATOM   770  C C   . GLN A 1 101 ? 5.802   10.220  4.984   1.00 18.24 ? 101 GLN A C   1 
ATOM   771  O O   . GLN A 1 101 ? 6.500   11.230  4.734   1.00 18.04 ? 101 GLN A O   1 
ATOM   772  C CB  . GLN A 1 101 ? 6.630   9.055   7.058   1.00 17.86 ? 101 GLN A CB  1 
ATOM   773  C CG  . GLN A 1 101 ? 5.412   9.389   7.882   1.00 17.91 ? 101 GLN A CG  1 
ATOM   774  C CD  . GLN A 1 101 ? 4.245   8.442   7.828   1.00 17.85 ? 101 GLN A CD  1 
ATOM   775  O OE1 . GLN A 1 101 ? 4.361   7.219   7.985   1.00 17.00 ? 101 GLN A OE1 1 
ATOM   776  N NE2 . GLN A 1 101 ? 3.075   9.116   7.575   1.00 17.64 ? 101 GLN A NE2 1 
ATOM   777  N N   . ALA A 1 102 ? 4.492   10.201  4.725   1.00 18.32 ? 102 ALA A N   1 
ATOM   778  C CA  . ALA A 1 102 ? 3.855   11.422  4.165   1.00 18.73 ? 102 ALA A CA  1 
ATOM   779  C C   . ALA A 1 102 ? 2.345   11.237  4.273   1.00 18.62 ? 102 ALA A C   1 
ATOM   780  O O   . ALA A 1 102 ? 1.967   10.109  4.602   1.00 18.74 ? 102 ALA A O   1 
ATOM   781  C CB  . ALA A 1 102 ? 4.199   11.673  2.719   1.00 18.73 ? 102 ALA A CB  1 
ATOM   782  N N   . ASN A 1 103 ? 1.666   12.334  3.991   1.00 17.83 ? 103 ASN A N   1 
ATOM   783  C CA  . ASN A 1 103 ? 0.196   12.432  3.993   1.00 16.87 ? 103 ASN A CA  1 
ATOM   784  C C   . ASN A 1 103 ? -0.143  12.654  2.524   1.00 16.33 ? 103 ASN A C   1 
ATOM   785  O O   . ASN A 1 103 ? 0.425   13.568  1.945   1.00 16.21 ? 103 ASN A O   1 
ATOM   786  C CB  . ASN A 1 103 ? -0.248  13.647  4.852   1.00 17.74 ? 103 ASN A CB  1 
ATOM   787  C CG  . ASN A 1 103 ? 0.119   13.423  6.291   1.00 18.74 ? 103 ASN A CG  1 
ATOM   788  O OD1 . ASN A 1 103 ? -0.563  12.697  7.061   1.00 19.19 ? 103 ASN A OD1 1 
ATOM   789  N ND2 . ASN A 1 103 ? 1.255   13.987  6.748   1.00 19.97 ? 103 ASN A ND2 1 
ATOM   790  N N   . LYS A 1 104 ? -0.992  11.833  1.946   1.00 14.73 ? 104 LYS A N   1 
ATOM   791  C CA  . LYS A 1 104 ? -1.266  12.039  0.526   1.00 13.35 ? 104 LYS A CA  1 
ATOM   792  C C   . LYS A 1 104 ? -2.532  11.309  0.198   1.00 12.30 ? 104 LYS A C   1 
ATOM   793  O O   . LYS A 1 104 ? -2.974  10.517  1.121   1.00 11.86 ? 104 LYS A O   1 
ATOM   794  C CB  . LYS A 1 104 ? -0.149  11.326  -0.237  1.00 13.43 ? 104 LYS A CB  1 
ATOM   795  C CG  . LYS A 1 104 ? 1.205   11.859  -0.279  1.00 14.36 ? 104 LYS A CG  1 
ATOM   796  C CD  . LYS A 1 104 ? 2.193   10.864  -0.887  1.00 15.20 ? 104 LYS A CD  1 
ATOM   797  C CE  . LYS A 1 104 ? 3.540   11.633  -0.977  1.00 16.48 ? 104 LYS A CE  1 
ATOM   798  N NZ  . LYS A 1 104 ? 3.600   11.995  -2.423  1.00 17.52 ? 104 LYS A NZ  1 
ATOM   799  N N   . HIS A 1 105 ? -3.002  11.587  -0.998  1.00 10.24 ? 105 HIS A N   1 
ATOM   800  C CA  . HIS A 1 105 ? -4.224  10.937  -1.464  1.00 9.00  ? 105 HIS A CA  1 
ATOM   801  C C   . HIS A 1 105 ? -3.809  9.577   -1.998  1.00 7.65  ? 105 HIS A C   1 
ATOM   802  O O   . HIS A 1 105 ? -2.661  9.534   -2.461  1.00 7.50  ? 105 HIS A O   1 
ATOM   803  C CB  . HIS A 1 105 ? -4.848  11.692  -2.668  1.00 9.92  ? 105 HIS A CB  1 
ATOM   804  C CG  . HIS A 1 105 ? -5.326  13.027  -2.239  1.00 10.68 ? 105 HIS A CG  1 
ATOM   805  N ND1 . HIS A 1 105 ? -4.432  14.079  -2.031  1.00 11.07 ? 105 HIS A ND1 1 
ATOM   806  C CD2 . HIS A 1 105 ? -6.573  13.479  -2.038  1.00 11.21 ? 105 HIS A CD2 1 
ATOM   807  C CE1 . HIS A 1 105 ? -5.182  15.122  -1.633  1.00 11.81 ? 105 HIS A CE1 1 
ATOM   808  N NE2 . HIS A 1 105 ? -6.471  14.780  -1.644  1.00 11.82 ? 105 HIS A NE2 1 
ATOM   809  N N   . ILE A 1 106 ? -4.659  8.577   -2.006  1.00 5.55  ? 106 ILE A N   1 
ATOM   810  C CA  . ILE A 1 106 ? -4.233  7.280   -2.521  1.00 4.15  ? 106 ILE A CA  1 
ATOM   811  C C   . ILE A 1 106 ? -5.175  6.925   -3.663  1.00 4.37  ? 106 ILE A C   1 
ATOM   812  O O   . ILE A 1 106 ? -6.255  7.460   -3.550  1.00 3.98  ? 106 ILE A O   1 
ATOM   813  C CB  . ILE A 1 106 ? -4.361  6.166   -1.465  1.00 4.47  ? 106 ILE A CB  1 
ATOM   814  C CG1 . ILE A 1 106 ? -5.779  6.210   -0.766  1.00 5.02  ? 106 ILE A CG1 1 
ATOM   815  C CG2 . ILE A 1 106 ? -3.366  6.216   -0.260  1.00 3.14  ? 106 ILE A CG2 1 
ATOM   816  C CD1 . ILE A 1 106 ? -5.881  4.776   -0.079  1.00 4.05  ? 106 ILE A CD1 1 
ATOM   817  N N   . ILE A 1 107 ? -4.682  6.085   -4.517  1.00 4.10  ? 107 ILE A N   1 
ATOM   818  C CA  . ILE A 1 107 ? -5.622  5.671   -5.660  1.00 5.71  ? 107 ILE A CA  1 
ATOM   819  C C   . ILE A 1 107 ? -5.559  4.204   -5.593  1.00 6.90  ? 107 ILE A C   1 
ATOM   820  O O   . ILE A 1 107 ? -4.373  3.707   -5.401  1.00 7.46  ? 107 ILE A O   1 
ATOM   821  C CB  . ILE A 1 107 ? -5.142  6.308   -6.997  1.00 5.48  ? 107 ILE A CB  1 
ATOM   822  C CG1 . ILE A 1 107 ? -5.268  7.784   -6.944  1.00 6.53  ? 107 ILE A CG1 1 
ATOM   823  C CG2 . ILE A 1 107 ? -6.033  5.668   -8.146  1.00 5.28  ? 107 ILE A CG2 1 
ATOM   824  C CD1 . ILE A 1 107 ? -4.205  8.640   -7.709  1.00 5.57  ? 107 ILE A CD1 1 
ATOM   825  N N   . VAL A 1 108 ? -6.695  3.477   -5.688  1.00 7.24  ? 108 VAL A N   1 
ATOM   826  C CA  . VAL A 1 108 ? -6.624  2.029   -5.548  1.00 8.62  ? 108 VAL A CA  1 
ATOM   827  C C   . VAL A 1 108 ? -7.633  1.503   -6.576  1.00 9.15  ? 108 VAL A C   1 
ATOM   828  O O   . VAL A 1 108 ? -8.466  2.373   -6.887  1.00 9.13  ? 108 VAL A O   1 
ATOM   829  C CB  . VAL A 1 108 ? -6.940  1.510   -4.155  1.00 9.17  ? 108 VAL A CB  1 
ATOM   830  C CG1 . VAL A 1 108 ? -5.963  2.155   -3.158  1.00 9.42  ? 108 VAL A CG1 1 
ATOM   831  C CG2 . VAL A 1 108 ? -8.342  1.852   -3.639  1.00 10.13 ? 108 VAL A CG2 1 
ATOM   832  N N   . ALA A 1 109 ? -7.367  0.297   -6.981  1.00 9.52  ? 109 ALA A N   1 
ATOM   833  C CA  . ALA A 1 109 ? -8.388  -0.250  -7.951  1.00 11.64 ? 109 ALA A CA  1 
ATOM   834  C C   . ALA A 1 109 ? -9.379  -0.979  -7.035  1.00 13.05 ? 109 ALA A C   1 
ATOM   835  O O   . ALA A 1 109 ? -8.896  -1.609  -6.045  1.00 13.74 ? 109 ALA A O   1 
ATOM   836  C CB  . ALA A 1 109 ? -7.810  -1.239  -8.967  1.00 11.27 ? 109 ALA A CB  1 
ATOM   837  N N   . CYS A 1 110 ? -10.631 -0.946  -7.360  1.00 15.01 ? 110 CYS A N   1 
ATOM   838  C CA  . CYS A 1 110 ? -11.666 -1.660  -6.583  1.00 17.04 ? 110 CYS A CA  1 
ATOM   839  C C   . CYS A 1 110 ? -12.359 -2.693  -7.504  1.00 18.95 ? 110 CYS A C   1 
ATOM   840  O O   . CYS A 1 110 ? -12.588 -2.443  -8.696  1.00 19.09 ? 110 CYS A O   1 
ATOM   841  C CB  . CYS A 1 110 ? -12.686 -0.660  -6.068  1.00 16.77 ? 110 CYS A CB  1 
ATOM   842  S SG  . CYS A 1 110 ? -11.967 0.501   -4.912  1.00 16.38 ? 110 CYS A SG  1 
ATOM   843  N N   . GLU A 1 111 ? -12.668 -3.792  -6.894  1.00 21.16 ? 111 GLU A N   1 
ATOM   844  C CA  . GLU A 1 111 ? -13.371 -4.958  -7.432  1.00 23.92 ? 111 GLU A CA  1 
ATOM   845  C C   . GLU A 1 111 ? -14.430 -5.362  -6.372  1.00 24.99 ? 111 GLU A C   1 
ATOM   846  O O   . GLU A 1 111 ? -14.368 -5.058  -5.215  1.00 24.83 ? 111 GLU A O   1 
ATOM   847  C CB  . GLU A 1 111 ? -12.561 -6.164  -7.783  1.00 24.46 ? 111 GLU A CB  1 
ATOM   848  C CG  . GLU A 1 111 ? -11.863 -6.031  -9.158  1.00 25.90 ? 111 GLU A CG  1 
ATOM   849  C CD  . GLU A 1 111 ? -10.812 -7.076  -9.366  1.00 27.18 ? 111 GLU A CD  1 
ATOM   850  O OE1 . GLU A 1 111 ? -9.857  -6.902  -10.135 1.00 27.63 ? 111 GLU A OE1 1 
ATOM   851  O OE2 . GLU A 1 111 ? -11.041 -8.100  -8.643  1.00 27.85 ? 111 GLU A OE2 1 
ATOM   852  N N   . GLY A 1 112 ? -15.423 -6.052  -6.857  1.00 27.47 ? 112 GLY A N   1 
ATOM   853  C CA  . GLY A 1 112 ? -16.573 -6.497  -6.086  1.00 29.70 ? 112 GLY A CA  1 
ATOM   854  C C   . GLY A 1 112 ? -16.230 -7.579  -5.114  1.00 31.87 ? 112 GLY A C   1 
ATOM   855  O O   . GLY A 1 112 ? -15.737 -8.668  -5.558  1.00 32.83 ? 112 GLY A O   1 
ATOM   856  N N   . ASN A 1 113 ? -16.494 -7.333  -3.837  1.00 32.93 ? 113 ASN A N   1 
ATOM   857  C CA  . ASN A 1 113 ? -16.175 -8.430  -2.895  1.00 34.12 ? 113 ASN A CA  1 
ATOM   858  C C   . ASN A 1 113 ? -16.679 -8.086  -1.519  1.00 34.48 ? 113 ASN A C   1 
ATOM   859  O O   . ASN A 1 113 ? -17.107 -6.901  -1.609  1.00 35.45 ? 113 ASN A O   1 
ATOM   860  C CB  . ASN A 1 113 ? -14.686 -8.707  -2.973  1.00 35.16 ? 113 ASN A CB  1 
ATOM   861  C CG  . ASN A 1 113 ? -14.574 -9.820  -1.882  1.00 35.90 ? 113 ASN A CG  1 
ATOM   862  O OD1 . ASN A 1 113 ? -14.826 -10.955 -2.267  1.00 36.47 ? 113 ASN A OD1 1 
ATOM   863  N ND2 . ASN A 1 113 ? -14.282 -9.308  -0.708  1.00 36.18 ? 113 ASN A ND2 1 
ATOM   864  N N   . PRO B 2 4   ? -20.357 -5.349  -1.380  1.00 33.19 ? 114 PRO B N   1 
ATOM   865  C CA  . PRO B 2 4   ? -19.828 -4.183  -2.007  1.00 32.65 ? 114 PRO B CA  1 
ATOM   866  C C   . PRO B 2 4   ? -18.517 -4.426  -2.743  1.00 31.91 ? 114 PRO B C   1 
ATOM   867  O O   . PRO B 2 4   ? -18.089 -5.471  -3.250  1.00 31.95 ? 114 PRO B O   1 
ATOM   868  C CB  . PRO B 2 4   ? -19.657 -3.158  -0.883  1.00 33.36 ? 114 PRO B CB  1 
ATOM   869  C CG  . PRO B 2 4   ? -19.545 -3.938  0.386   1.00 33.41 ? 114 PRO B CG  1 
ATOM   870  C CD  . PRO B 2 4   ? -20.250 -5.287  0.107   1.00 33.70 ? 114 PRO B CD  1 
ATOM   871  N N   . TYR B 2 5   ? -17.812 -3.340  -2.825  1.00 30.61 ? 115 TYR B N   1 
ATOM   872  C CA  . TYR B 2 5   ? -16.566 -2.990  -3.444  1.00 28.88 ? 115 TYR B CA  1 
ATOM   873  C C   . TYR B 2 5   ? -15.374 -2.904  -2.546  1.00 26.20 ? 115 TYR B C   1 
ATOM   874  O O   . TYR B 2 5   ? -15.444 -2.107  -1.584  1.00 25.59 ? 115 TYR B O   1 
ATOM   875  C CB  . TYR B 2 5   ? -16.900 -1.518  -3.922  1.00 30.66 ? 115 TYR B CB  1 
ATOM   876  C CG  . TYR B 2 5   ? -16.580 -1.219  -5.334  1.00 32.18 ? 115 TYR B CG  1 
ATOM   877  C CD1 . TYR B 2 5   ? -16.732 -2.159  -6.375  1.00 32.99 ? 115 TYR B CD1 1 
ATOM   878  C CD2 . TYR B 2 5   ? -16.133 0.075   -5.647  1.00 32.99 ? 115 TYR B CD2 1 
ATOM   879  C CE1 . TYR B 2 5   ? -16.407 -1.788  -7.683  1.00 33.87 ? 115 TYR B CE1 1 
ATOM   880  C CE2 . TYR B 2 5   ? -15.828 0.448   -6.937  1.00 33.73 ? 115 TYR B CE2 1 
ATOM   881  C CZ  . TYR B 2 5   ? -15.966 -0.484  -7.958  1.00 34.10 ? 115 TYR B CZ  1 
ATOM   882  O OH  . TYR B 2 5   ? -15.652 -0.054  -9.232  1.00 34.59 ? 115 TYR B OH  1 
ATOM   883  N N   . VAL B 2 6   ? -14.332 -3.653  -2.861  1.00 23.36 ? 116 VAL B N   1 
ATOM   884  C CA  . VAL B 2 6   ? -13.102 -3.609  -2.019  1.00 20.79 ? 116 VAL B CA  1 
ATOM   885  C C   . VAL B 2 6   ? -11.858 -3.283  -2.887  1.00 19.21 ? 116 VAL B C   1 
ATOM   886  O O   . VAL B 2 6   ? -11.872 -3.590  -4.083  1.00 17.94 ? 116 VAL B O   1 
ATOM   887  C CB  . VAL B 2 6   ? -12.977 -4.874  -1.206  1.00 20.64 ? 116 VAL B CB  1 
ATOM   888  C CG1 . VAL B 2 6   ? -14.047 -4.798  -0.044  1.00 20.94 ? 116 VAL B CG1 1 
ATOM   889  C CG2 . VAL B 2 6   ? -13.086 -6.156  -1.951  1.00 19.86 ? 116 VAL B CG2 1 
ATOM   890  N N   . PRO B 2 7   ? -10.893 -2.695  -2.222  1.00 18.18 ? 117 PRO B N   1 
ATOM   891  C CA  . PRO B 2 7   ? -9.606  -2.313  -2.799  1.00 17.58 ? 117 PRO B CA  1 
ATOM   892  C C   . PRO B 2 7   ? -8.878  -3.587  -3.183  1.00 17.20 ? 117 PRO B C   1 
ATOM   893  O O   . PRO B 2 7   ? -8.820  -4.522  -2.385  1.00 16.99 ? 117 PRO B O   1 
ATOM   894  C CB  . PRO B 2 7   ? -8.863  -1.571  -1.697  1.00 17.34 ? 117 PRO B CB  1 
ATOM   895  C CG  . PRO B 2 7   ? -9.949  -1.130  -0.758  1.00 17.98 ? 117 PRO B CG  1 
ATOM   896  C CD  . PRO B 2 7   ? -10.936 -2.318  -0.763  1.00 18.01 ? 117 PRO B CD  1 
ATOM   897  N N   . VAL B 2 8   ? -8.294  -3.648  -4.334  1.00 17.30 ? 118 VAL B N   1 
ATOM   898  C CA  . VAL B 2 8   ? -7.611  -4.915  -4.773  1.00 16.11 ? 118 VAL B CA  1 
ATOM   899  C C   . VAL B 2 8   ? -6.226  -4.630  -5.192  1.00 16.94 ? 118 VAL B C   1 
ATOM   900  O O   . VAL B 2 8   ? -5.374  -5.551  -5.092  1.00 17.02 ? 118 VAL B O   1 
ATOM   901  C CB  . VAL B 2 8   ? -8.667  -5.442  -5.768  1.00 15.78 ? 118 VAL B CB  1 
ATOM   902  C CG1 . VAL B 2 8   ? -8.416  -5.135  -7.199  1.00 15.47 ? 118 VAL B CG1 1 
ATOM   903  C CG2 . VAL B 2 8   ? -9.117  -6.811  -5.343  1.00 15.21 ? 118 VAL B CG2 1 
ATOM   904  N N   . HIS B 2 9   ? -5.956  -3.424  -5.648  1.00 16.66 ? 119 HIS B N   1 
ATOM   905  C CA  . HIS B 2 9   ? -4.612  -3.028  -6.063  1.00 16.83 ? 119 HIS B CA  1 
ATOM   906  C C   . HIS B 2 9   ? -4.425  -1.584  -5.623  1.00 15.67 ? 119 HIS B C   1 
ATOM   907  O O   . HIS B 2 9   ? -5.417  -0.885  -5.677  1.00 13.82 ? 119 HIS B O   1 
ATOM   908  C CB  . HIS B 2 9   ? -4.322  -2.963  -7.592  1.00 18.93 ? 119 HIS B CB  1 
ATOM   909  C CG  . HIS B 2 9   ? -4.754  -4.246  -8.225  1.00 20.44 ? 119 HIS B CG  1 
ATOM   910  N ND1 . HIS B 2 9   ? -4.120  -5.433  -8.019  1.00 21.36 ? 119 HIS B ND1 1 
ATOM   911  C CD2 . HIS B 2 9   ? -5.832  -4.471  -9.071  1.00 21.64 ? 119 HIS B CD2 1 
ATOM   912  C CE1 . HIS B 2 9   ? -4.750  -6.372  -8.724  1.00 21.57 ? 119 HIS B CE1 1 
ATOM   913  N NE2 . HIS B 2 9   ? -5.783  -5.821  -9.346  1.00 22.10 ? 119 HIS B NE2 1 
ATOM   914  N N   . PHE B 2 10  ? -3.203  -1.261  -5.290  1.00 15.83 ? 120 PHE B N   1 
ATOM   915  C CA  . PHE B 2 10  ? -2.754  0.075   -4.898  1.00 15.65 ? 120 PHE B CA  1 
ATOM   916  C C   . PHE B 2 10  ? -2.207  0.707   -6.189  1.00 15.00 ? 120 PHE B C   1 
ATOM   917  O O   . PHE B 2 10  ? -1.131  0.288   -6.649  1.00 14.85 ? 120 PHE B O   1 
ATOM   918  C CB  . PHE B 2 10  ? -1.687  0.054   -3.811  1.00 16.90 ? 120 PHE B CB  1 
ATOM   919  C CG  . PHE B 2 10  ? -1.430  1.378   -3.171  1.00 17.98 ? 120 PHE B CG  1 
ATOM   920  C CD1 . PHE B 2 10  ? -2.260  1.794   -2.124  1.00 18.27 ? 120 PHE B CD1 1 
ATOM   921  C CD2 . PHE B 2 10  ? -0.412  2.219   -3.641  1.00 17.94 ? 120 PHE B CD2 1 
ATOM   922  C CE1 . PHE B 2 10  ? -2.058  3.019   -1.512  1.00 18.67 ? 120 PHE B CE1 1 
ATOM   923  C CE2 . PHE B 2 10  ? -0.222  3.453   -3.042  1.00 18.64 ? 120 PHE B CE2 1 
ATOM   924  C CZ  . PHE B 2 10  ? -1.037  3.841   -1.992  1.00 18.79 ? 120 PHE B CZ  1 
ATOM   925  N N   . ASP B 2 11  ? -2.919  1.681   -6.725  1.00 14.67 ? 121 ASP B N   1 
ATOM   926  C CA  . ASP B 2 11  ? -2.445  2.288   -7.985  1.00 15.51 ? 121 ASP B CA  1 
ATOM   927  C C   . ASP B 2 11  ? -1.390  3.340   -7.727  1.00 15.89 ? 121 ASP B C   1 
ATOM   928  O O   . ASP B 2 11  ? -0.406  3.365   -8.503  1.00 17.34 ? 121 ASP B O   1 
ATOM   929  C CB  . ASP B 2 11  ? -3.618  2.763   -8.854  1.00 15.63 ? 121 ASP B CB  1 
ATOM   930  C CG  . ASP B 2 11  ? -3.150  3.028   -10.276 1.00 16.56 ? 121 ASP B CG  1 
ATOM   931  O OD1 . ASP B 2 11  ? -2.635  2.029   -10.849 1.00 17.46 ? 121 ASP B OD1 1 
ATOM   932  O OD2 . ASP B 2 11  ? -3.242  4.127   -10.838 1.00 16.00 ? 121 ASP B OD2 1 
ATOM   933  N N   . ALA B 2 12  ? -1.500  4.186   -6.749  1.00 15.93 ? 122 ALA B N   1 
ATOM   934  C CA  . ALA B 2 12  ? -0.583  5.260   -6.451  1.00 15.29 ? 122 ALA B CA  1 
ATOM   935  C C   . ALA B 2 12  ? -1.003  6.188   -5.372  1.00 15.41 ? 122 ALA B C   1 
ATOM   936  O O   . ALA B 2 12  ? -2.139  6.222   -4.819  1.00 15.34 ? 122 ALA B O   1 
ATOM   937  C CB  . ALA B 2 12  ? -0.550  6.146   -7.781  1.00 14.85 ? 122 ALA B CB  1 
ATOM   938  N N   . SER B 2 13  ? -0.075  7.081   -5.003  1.00 16.00 ? 123 SER B N   1 
ATOM   939  C CA  . SER B 2 13  ? -0.467  8.123   -3.992  1.00 16.60 ? 123 SER B CA  1 
ATOM   940  C C   . SER B 2 13  ? -0.244  9.469   -4.713  1.00 18.09 ? 123 SER B C   1 
ATOM   941  O O   . SER B 2 13  ? 0.614   9.588   -5.582  1.00 18.10 ? 123 SER B O   1 
ATOM   942  C CB  . SER B 2 13  ? 0.248   8.026   -2.715  1.00 16.55 ? 123 SER B CB  1 
ATOM   943  O OG  . SER B 2 13  ? 1.611   8.255   -2.869  1.00 16.35 ? 123 SER B OG  1 
ATOM   944  N N   . VAL B 2 14  ? -0.952  10.437  -4.283  1.00 19.53 ? 124 VAL B N   1 
ATOM   945  C CA  . VAL B 2 14  ? -1.155  11.824  -4.545  1.00 21.22 ? 124 VAL B CA  1 
ATOM   946  C C   . VAL B 2 14  ? -1.488  12.125  -5.987  1.00 22.37 ? 124 VAL B C   1 
ATOM   947  O O   . VAL B 2 14  ? -1.487  13.315  -6.388  1.00 22.94 ? 124 VAL B O   1 
ATOM   948  C CB  . VAL B 2 14  ? -0.148  12.715  -3.811  1.00 21.01 ? 124 VAL B CB  1 
ATOM   949  C CG1 . VAL B 2 14  ? 0.715   13.611  -4.605  1.00 21.02 ? 124 VAL B CG1 1 
ATOM   950  C CG2 . VAL B 2 14  ? -1.000  13.532  -2.831  1.00 21.16 ? 124 VAL B CG2 1 
ATOM   951  O OXT . VAL B 2 14  ? -1.830  11.102  -6.619  1.00 23.25 ? 124 VAL B OXT 1 
HETATM 952  S S   . SO4 C 3 .   ? -0.583  -4.186  -5.741  0.81 37.63 ? 125 SO4 A S   1 
HETATM 953  O O1  . SO4 C 3 .   ? -0.097  -3.150  -6.680  0.61 37.64 ? 125 SO4 A O1  1 
HETATM 954  O O2  . SO4 C 3 .   ? -1.750  -4.922  -6.375  0.86 37.59 ? 125 SO4 A O2  1 
HETATM 955  O O3  . SO4 C 3 .   ? 0.526   -5.163  -5.447  0.78 37.73 ? 125 SO4 A O3  1 
HETATM 956  O O4  . SO4 C 3 .   ? -1.090  -3.592  -4.469  0.56 37.65 ? 125 SO4 A O4  1 
HETATM 957  O O   . HOH D 4 .   ? 25.134  -4.085  1.050   0.64 36.18 ? 126 HOH A O   1 
HETATM 958  O O   . HOH D 4 .   ? 23.010  3.114   0.225   1.00 27.69 ? 127 HOH A O   1 
HETATM 959  O O   . HOH D 4 .   ? 7.055   -16.802 -0.135  1.00 31.75 ? 128 HOH A O   1 
HETATM 960  O O   . HOH D 4 .   ? 13.507  0.623   6.341   0.91 21.83 ? 129 HOH A O   1 
HETATM 961  O O   . HOH D 4 .   ? 1.727   -14.966 3.420   1.00 34.01 ? 130 HOH A O   1 
HETATM 962  O O   . HOH D 4 .   ? 1.487   5.255   16.649  1.00 33.60 ? 131 HOH A O   1 
HETATM 963  O O   . HOH D 4 .   ? 2.935   -10.869 -2.299  0.94 32.85 ? 132 HOH A O   1 
HETATM 964  O O   . HOH D 4 .   ? -3.673  -3.155  9.912   0.67 11.93 ? 133 HOH A O   1 
HETATM 965  O O   . HOH D 4 .   ? -5.008  -10.862 4.277   0.84 31.57 ? 134 HOH A O   1 
HETATM 966  O O   . HOH D 4 .   ? 10.940  5.754   0.531   0.93 27.80 ? 135 HOH A O   1 
HETATM 967  O O   . HOH D 4 .   ? -10.878 -17.559 -0.246  0.70 17.89 ? 136 HOH A O   1 
HETATM 968  O O   . HOH D 4 .   ? 2.662   0.013   -3.526  0.66 15.92 ? 137 HOH A O   1 
HETATM 969  O O   . HOH D 4 .   ? -2.180  -5.860  -3.525  0.92 17.76 ? 138 HOH A O   1 
HETATM 970  O O   . HOH D 4 .   ? -11.707 -0.859  10.259  0.54 18.79 ? 140 HOH A O   1 
HETATM 971  O O   . HOH D 4 .   ? -4.619  11.441  8.221   0.47 2.80  ? 141 HOH A O   1 
HETATM 972  O O   . HOH D 4 .   ? -3.708  15.842  6.182   0.66 49.41 ? 142 HOH A O   1 
HETATM 973  O O   . HOH D 4 .   ? -8.987  8.635   6.469   0.85 20.97 ? 143 HOH A O   1 
HETATM 974  O O   . HOH D 4 .   ? -7.750  10.865  5.858   0.88 29.35 ? 144 HOH A O   1 
HETATM 975  O O   . HOH D 4 .   ? -11.982 7.573   3.649   0.82 10.72 ? 145 HOH A O   1 
HETATM 976  O O   . HOH D 4 .   ? -9.155  -4.488  -11.116 1.00 44.45 ? 146 HOH A O   1 
HETATM 977  O O   . HOH D 4 .   ? -2.991  0.221   -13.355 0.97 34.62 ? 147 HOH A O   1 
HETATM 978  O O   . HOH D 4 .   ? -10.963 10.194  1.916   0.91 24.05 ? 148 HOH A O   1 
HETATM 979  O O   . HOH D 4 .   ? -14.851 8.573   4.378   1.00 41.34 ? 149 HOH A O   1 
HETATM 980  O O   . HOH D 4 .   ? -1.426  -4.190  11.633  1.00 32.69 ? 150 HOH A O   1 
HETATM 981  O O   . HOH D 4 .   ? -5.894  -2.948  9.271   0.76 8.18  ? 151 HOH A O   1 
HETATM 982  O O   . HOH D 4 .   ? -5.123  4.158   12.187  0.48 30.11 ? 152 HOH A O   1 
HETATM 983  O O   . HOH D 4 .   ? 1.953   -2.401  -5.100  0.80 23.94 ? 153 HOH A O   1 
HETATM 984  O O   . HOH D 4 .   ? -13.904 -12.906 2.006   1.00 30.95 ? 154 HOH A O   1 
HETATM 985  O O   . HOH D 4 .   ? -8.416  5.984   9.605   0.57 2.00  ? 155 HOH A O   1 
HETATM 986  O O   . HOH D 4 .   ? -11.686 -9.279  -6.503  0.81 21.23 ? 156 HOH A O   1 
HETATM 987  O O   . HOH D 4 .   ? -10.823 9.429   4.449   0.84 12.28 ? 157 HOH A O   1 
HETATM 988  O O   . HOH D 4 .   ? 14.002  -6.664  8.272   0.61 31.18 ? 158 HOH A O   1 
HETATM 989  O O   . HOH D 4 .   ? 14.529  -2.430  11.300  0.94 29.24 ? 159 HOH A O   1 
HETATM 990  O O   . HOH D 4 .   ? 11.166  -17.680 -0.975  0.78 35.38 ? 160 HOH A O   1 
HETATM 991  O O   . HOH D 4 .   ? 18.214  2.922   8.304   0.66 22.96 ? 161 HOH A O   1 
HETATM 992  O O   . HOH D 4 .   ? 21.571  1.423   1.866   0.67 16.87 ? 162 HOH A O   1 
HETATM 993  O O   . HOH D 4 .   ? 5.591   -13.905 5.930   1.00 37.05 ? 163 HOH A O   1 
HETATM 994  O O   . HOH D 4 .   ? 5.296   3.429   14.045  0.66 24.44 ? 164 HOH A O   1 
HETATM 995  O O   . HOH D 4 .   ? 15.294  -0.423  -5.408  0.35 7.10  ? 165 HOH A O   1 
HETATM 996  O O   . HOH D 4 .   ? 2.408   -13.477 -2.932  0.88 45.72 ? 166 HOH A O   1 
HETATM 997  O O   . HOH D 4 .   ? -3.218  -13.884 3.280   0.53 24.94 ? 167 HOH A O   1 
HETATM 998  O O   . HOH D 4 .   ? 11.186  6.762   -1.534  1.00 47.70 ? 168 HOH A O   1 
HETATM 999  O O   . HOH D 4 .   ? -11.900 -3.355  13.603  0.39 2.00  ? 169 HOH A O   1 
HETATM 1000 O O   . HOH D 4 .   ? 6.396   3.380   -1.895  0.70 15.62 ? 170 HOH A O   1 
HETATM 1001 O O   . HOH D 4 .   ? -10.488 -5.463  2.385   1.00 21.87 ? 171 HOH A O   1 
HETATM 1002 O O   . HOH D 4 .   ? 3.505   15.006  4.042   1.00 41.02 ? 172 HOH A O   1 
HETATM 1003 O O   . HOH D 4 .   ? -11.010 -10.456 -4.034  1.00 36.23 ? 173 HOH A O   1 
HETATM 1004 O O   . HOH D 4 .   ? -7.043  13.073  7.353   0.52 14.52 ? 174 HOH A O   1 
HETATM 1005 O O   . HOH D 4 .   ? -16.535 -0.225  4.344   0.47 26.16 ? 175 HOH A O   1 
HETATM 1006 O O   . HOH D 4 .   ? -9.882  16.689  -2.851  0.80 20.99 ? 177 HOH A O   1 
HETATM 1007 O O   . HOH D 4 .   ? -9.086  16.489  -6.296  0.48 24.34 ? 178 HOH A O   1 
HETATM 1008 O O   . HOH D 4 .   ? -7.594  -0.162  -21.998 0.46 21.82 ? 179 HOH A O   1 
HETATM 1009 O O   . HOH D 4 .   ? -18.618 3.724   -6.778  0.70 32.61 ? 180 HOH A O   1 
HETATM 1010 O O   . HOH D 4 .   ? 15.164  -14.956 0.416   0.57 4.00  ? 181 HOH A O   1 
HETATM 1011 O O   . HOH D 4 .   ? 3.413   -17.063 2.761   0.73 34.15 ? 182 HOH A O   1 
HETATM 1012 O O   . HOH D 4 .   ? 15.057  5.769   5.662   0.45 18.28 ? 183 HOH A O   1 
HETATM 1013 O O   . HOH D 4 .   ? 3.721   -1.184  12.488  0.73 30.38 ? 184 HOH A O   1 
HETATM 1014 O O   . HOH D 4 .   ? -11.802 -6.241  9.191   0.67 24.36 ? 185 HOH A O   1 
HETATM 1015 O O   . HOH D 4 .   ? 4.825   -1.260  -9.013  0.96 52.01 ? 186 HOH A O   1 
HETATM 1016 O O   . HOH D 4 .   ? 4.584   9.713   -1.607  0.49 9.04  ? 187 HOH A O   1 
HETATM 1017 O O   . HOH D 4 .   ? -16.502 -12.519 -0.177  0.67 9.25  ? 188 HOH A O   1 
HETATM 1018 O O   . HOH D 4 .   ? -13.633 3.909   10.502  0.43 3.25  ? 189 HOH A O   1 
HETATM 1019 O O   . HOH D 4 .   ? -16.382 -8.224  0.573   1.00 34.79 ? 190 HOH A O   1 
HETATM 1020 O O   . HOH D 4 .   ? -5.954  -5.289  -12.959 0.74 38.05 ? 191 HOH A O   1 
HETATM 1021 O O   . HOH D 4 .   ? -14.870 6.663   6.092   0.82 28.66 ? 192 HOH A O   1 
HETATM 1022 O O   . HOH D 4 .   ? -8.444  19.302  -6.995  0.73 19.67 ? 193 HOH A O   1 
HETATM 1023 O O   . HOH D 4 .   ? 17.783  -6.436  5.553   0.35 8.91  ? 194 HOH A O   1 
HETATM 1024 O O   . HOH D 4 .   ? 8.855   -13.007 7.597   0.92 34.06 ? 195 HOH A O   1 
HETATM 1025 O O   . HOH D 4 .   ? 13.644  -6.365  4.753   0.78 16.33 ? 196 HOH A O   1 
HETATM 1026 O O   . HOH D 4 .   ? 5.724   2.934   16.701  0.50 47.08 ? 197 HOH A O   1 
HETATM 1027 O O   . HOH D 4 .   ? 3.149   -7.346  10.124  0.94 30.90 ? 198 HOH A O   1 
HETATM 1028 O O   . HOH D 4 .   ? 1.477   -2.182  16.024  0.47 10.46 ? 199 HOH A O   1 
HETATM 1029 O O   . HOH D 4 .   ? 5.722   -0.206  13.016  0.50 20.06 ? 200 HOH A O   1 
HETATM 1030 O O   . HOH D 4 .   ? 2.205   -2.684  13.721  0.74 37.07 ? 201 HOH A O   1 
HETATM 1031 O O   . HOH D 4 .   ? -3.502  -14.017 -4.617  1.00 44.87 ? 202 HOH A O   1 
HETATM 1032 O O   . HOH D 4 .   ? 9.634   5.331   -3.679  1.00 32.21 ? 203 HOH A O   1 
HETATM 1033 O O   . HOH D 4 .   ? -9.885  -13.675 1.827   1.00 34.85 ? 204 HOH A O   1 
HETATM 1034 O O   . HOH D 4 .   ? 4.597   -2.638  -6.760  0.65 47.52 ? 205 HOH A O   1 
HETATM 1035 O O   . HOH D 4 .   ? -13.283 -2.770  10.624  0.62 51.17 ? 206 HOH A O   1 
HETATM 1036 O O   . HOH D 4 .   ? -4.294  8.072   11.349  1.00 43.86 ? 207 HOH A O   1 
HETATM 1037 O O   . HOH D 4 .   ? -1.734  -9.001  -7.006  0.73 33.73 ? 208 HOH A O   1 
HETATM 1038 O O   . HOH D 4 .   ? -8.939  -5.259  0.473   0.61 12.11 ? 209 HOH A O   1 
HETATM 1039 O O   . HOH D 4 .   ? -13.982 1.039   12.256  0.83 43.64 ? 210 HOH A O   1 
HETATM 1040 O O   . HOH D 4 .   ? -16.487 -13.072 1.726   1.00 32.11 ? 211 HOH A O   1 
HETATM 1041 O O   . HOH D 4 .   ? -16.420 5.261   10.264  0.70 34.61 ? 214 HOH A O   1 
HETATM 1042 O O   . HOH D 4 .   ? -17.639 -5.381  0.312   0.94 39.34 ? 215 HOH A O   1 
HETATM 1043 O O   . HOH D 4 .   ? -5.951  -3.215  -19.413 0.52 34.78 ? 216 HOH A O   1 
HETATM 1044 O O   . HOH D 4 .   ? -8.137  16.533  -4.467  0.91 37.16 ? 217 HOH A O   1 
HETATM 1045 O O   . HOH D 4 .   ? 7.513   -12.301 -6.365  0.42 20.70 ? 218 HOH A O   1 
HETATM 1046 O O   . HOH D 4 .   ? 3.842   11.472  9.530   0.48 23.84 ? 219 HOH A O   1 
HETATM 1047 O O   . HOH D 4 .   ? -18.548 -11.695 0.418   0.77 32.01 ? 220 HOH A O   1 
HETATM 1048 O O   . HOH D 4 .   ? -5.614  -2.624  -11.873 0.92 35.47 ? 221 HOH A O   1 
HETATM 1049 O O   . HOH D 4 .   ? 13.699  -9.577  4.220   0.60 36.47 ? 222 HOH A O   1 
HETATM 1050 O O   . HOH D 4 .   ? 10.196  0.346   13.270  0.74 39.44 ? 223 HOH A O   1 
HETATM 1051 O O   . HOH D 4 .   ? 4.082   -14.571 -0.368  0.74 37.26 ? 224 HOH A O   1 
HETATM 1052 O O   . HOH D 4 .   ? 17.744  8.532   -0.414  0.72 42.05 ? 225 HOH A O   1 
HETATM 1053 O O   . HOH D 4 .   ? 12.949  9.595   4.513   0.70 34.12 ? 226 HOH A O   1 
HETATM 1054 O O   . HOH D 4 .   ? -1.336  -12.791 -7.449  0.41 18.00 ? 227 HOH A O   1 
HETATM 1055 O O   . HOH D 4 .   ? 0.735   -7.580  -5.886  0.75 43.01 ? 228 HOH A O   1 
HETATM 1056 O O   . HOH D 4 .   ? -12.780 -11.342 -1.819  0.78 34.68 ? 229 HOH A O   1 
HETATM 1057 O O   . HOH D 4 .   ? -5.846  -1.772  -13.625 0.68 23.87 ? 230 HOH A O   1 
HETATM 1058 O O   . HOH D 4 .   ? 8.321   -14.472 -0.933  0.68 40.43 ? 231 HOH A O   1 
HETATM 1059 O O   . HOH D 4 .   ? 15.789  3.637   6.000   0.74 34.99 ? 232 HOH A O   1 
HETATM 1060 O O   . HOH D 4 .   ? 4.631   -5.093  7.445   0.42 49.08 ? 233 HOH A O   1 
HETATM 1061 O O   . HOH D 4 .   ? -4.353  2.158   5.866   0.41 46.68 ? 234 HOH A O   1 
HETATM 1062 O O   . HOH D 4 .   ? -0.504  1.368   -9.567  0.46 43.05 ? 236 HOH A O   1 
HETATM 1063 O O   . HOH D 4 .   ? -6.571  -1.940  -16.760 0.59 39.08 ? 239 HOH A O   1 
HETATM 1064 O O   . HOH D 4 .   ? -3.156  5.468   -16.179 0.20 40.85 ? 240 HOH A O   1 
HETATM 1065 O O   . HOH E 4 .   ? -4.389  -7.500  -4.366  0.71 3.83  ? 139 HOH B O   1 
HETATM 1066 O O   . HOH E 4 .   ? -20.293 -5.362  3.137   1.00 61.00 ? 176 HOH B O   1 
HETATM 1067 O O   . HOH E 4 .   ? -6.605  -8.554  -9.626  0.56 45.04 ? 212 HOH B O   1 
HETATM 1068 O O   . HOH E 4 .   ? -2.914  -1.727  -9.398  0.84 33.03 ? 213 HOH B O   1 
HETATM 1069 O O   . HOH E 4 .   ? -6.372  -7.275  -5.552  0.41 54.68 ? 235 HOH B O   1 
HETATM 1070 O O   . HOH E 4 .   ? -1.187  14.905  -4.996  0.63 32.38 ? 237 HOH B O   1 
HETATM 1071 O O   . HOH E 4 .   ? -22.531 -4.679  0.853   0.85 41.46 ? 238 HOH B O   1 
# 
